data_6GDH
# 
_entry.id   6GDH 
# 
_audit_conform.dict_name       mmcif_pdbx.dic 
_audit_conform.dict_version    5.383 
_audit_conform.dict_location   http://mmcif.pdb.org/dictionaries/ascii/mmcif_pdbx.dic 
# 
loop_
_database_2.database_id 
_database_2.database_code 
_database_2.pdbx_database_accession 
_database_2.pdbx_DOI 
PDB   6GDH         pdb_00006gdh 10.2210/pdb6gdh/pdb 
WWPDB D_1200009784 ?            ?                   
# 
loop_
_pdbx_audit_revision_history.ordinal 
_pdbx_audit_revision_history.data_content_type 
_pdbx_audit_revision_history.major_revision 
_pdbx_audit_revision_history.minor_revision 
_pdbx_audit_revision_history.revision_date 
1 'Structure model' 1 0 2018-11-07 
2 'Structure model' 1 1 2018-11-21 
3 'Structure model' 1 2 2024-01-17 
# 
_pdbx_audit_revision_details.ordinal             1 
_pdbx_audit_revision_details.revision_ordinal    1 
_pdbx_audit_revision_details.data_content_type   'Structure model' 
_pdbx_audit_revision_details.provider            repository 
_pdbx_audit_revision_details.type                'Initial release' 
_pdbx_audit_revision_details.description         ? 
_pdbx_audit_revision_details.details             ? 
# 
loop_
_pdbx_audit_revision_group.ordinal 
_pdbx_audit_revision_group.revision_ordinal 
_pdbx_audit_revision_group.data_content_type 
_pdbx_audit_revision_group.group 
1 2 'Structure model' 'Data collection'        
2 2 'Structure model' 'Database references'    
3 3 'Structure model' 'Data collection'        
4 3 'Structure model' 'Database references'    
5 3 'Structure model' 'Refinement description' 
# 
loop_
_pdbx_audit_revision_category.ordinal 
_pdbx_audit_revision_category.revision_ordinal 
_pdbx_audit_revision_category.data_content_type 
_pdbx_audit_revision_category.category 
1 2 'Structure model' citation                      
2 2 'Structure model' citation_author               
3 2 'Structure model' pdbx_database_proc            
4 2 'Structure model' pdbx_seq_map_depositor_info   
5 3 'Structure model' chem_comp_atom                
6 3 'Structure model' chem_comp_bond                
7 3 'Structure model' database_2                    
8 3 'Structure model' pdbx_initial_refinement_model 
# 
loop_
_pdbx_audit_revision_item.ordinal 
_pdbx_audit_revision_item.revision_ordinal 
_pdbx_audit_revision_item.data_content_type 
_pdbx_audit_revision_item.item 
1 2 'Structure model' '_citation.journal_volume'                         
2 2 'Structure model' '_citation.page_first'                             
3 2 'Structure model' '_citation.page_last'                              
4 2 'Structure model' '_citation_author.identifier_ORCID'                
5 2 'Structure model' '_pdbx_seq_map_depositor_info.one_letter_code_mod' 
6 3 'Structure model' '_database_2.pdbx_DOI'                             
7 3 'Structure model' '_database_2.pdbx_database_accession'              
# 
_pdbx_database_status.status_code                     REL 
_pdbx_database_status.status_code_sf                  REL 
_pdbx_database_status.status_code_mr                  ? 
_pdbx_database_status.entry_id                        6GDH 
_pdbx_database_status.recvd_initial_deposition_date   2018-04-23 
_pdbx_database_status.SG_entry                        N 
_pdbx_database_status.deposit_site                    PDBE 
_pdbx_database_status.process_site                    PDBE 
_pdbx_database_status.status_code_cs                  ? 
_pdbx_database_status.methods_development_category    ? 
_pdbx_database_status.pdb_format_compatible           Y 
_pdbx_database_status.status_code_nmr_data            ? 
# 
loop_
_audit_author.name 
_audit_author.pdbx_ordinal 
_audit_author.identifier_ORCID 
'Parkinson, G.N.' 1 0000-0002-1865-9685 
'Haider, S.'      2 ?                   
'Li, P.'          3 ?                   
'Khiali, S.'      4 ?                   
'Munnur, D.'      5 ?                   
'Ramanathan, A.'  6 ?                   
# 
_citation.abstract                  ? 
_citation.abstract_id_CAS           ? 
_citation.book_id_ISBN              ? 
_citation.book_publisher            ? 
_citation.book_publisher_city       ? 
_citation.book_title                ? 
_citation.coordinate_linkage        ? 
_citation.country                   US 
_citation.database_id_Medline       ? 
_citation.details                   ? 
_citation.id                        primary 
_citation.journal_abbrev            'J. Am. Chem. Soc.' 
_citation.journal_id_ASTM           JACSAT 
_citation.journal_id_CSD            ? 
_citation.journal_id_ISSN           1520-5126 
_citation.journal_full              ? 
_citation.journal_issue             ? 
_citation.journal_volume            140 
_citation.language                  ? 
_citation.page_first                15366 
_citation.page_last                 15374 
_citation.title                     'Holliday Junctions Formed from Human Telomeric DNA.' 
_citation.year                      2018 
_citation.database_id_CSD           ? 
_citation.pdbx_database_id_DOI      10.1021/jacs.8b08699 
_citation.pdbx_database_id_PubMed   30376323 
_citation.unpublished_flag          ? 
# 
loop_
_citation_author.citation_id 
_citation_author.name 
_citation_author.ordinal 
_citation_author.identifier_ORCID 
primary 'Haider, S.'      1 ? 
primary 'Li, P.'          2 ? 
primary 'Khiali, S.'      3 ? 
primary 'Munnur, D.'      4 ? 
primary 'Ramanathan, A.'  5 ? 
primary 'Parkinson, G.N.' 6 ? 
# 
loop_
_entity.id 
_entity.type 
_entity.src_method 
_entity.pdbx_description 
_entity.formula_weight 
_entity.pdbx_number_of_molecules 
_entity.pdbx_ec 
_entity.pdbx_mutation 
_entity.pdbx_fragment 
_entity.details 
1 polymer syn 
;DNA (5'-D(*CP*TP*AP*AP*CP*CP*CP*TP*AP*A)-3')
;
2972.982 4 ? ? ? ? 
2 polymer syn 
;DNA (5'-D(*TP*TP*AP*GP*GP*GP*TP*TP*AP*G)-3')
;
3115.050 4 ? ? ? ? 
# 
loop_
_entity_poly.entity_id 
_entity_poly.type 
_entity_poly.nstd_linkage 
_entity_poly.nstd_monomer 
_entity_poly.pdbx_seq_one_letter_code 
_entity_poly.pdbx_seq_one_letter_code_can 
_entity_poly.pdbx_strand_id 
_entity_poly.pdbx_target_identifier 
1 polydeoxyribonucleotide no no '(DC)(DT)(DA)(DA)(DC)(DC)(DC)(DT)(DA)(DA)' CTAACCCTAA A,C,E,G ? 
2 polydeoxyribonucleotide no no '(DT)(DT)(DA)(DG)(DG)(DG)(DT)(DT)(DA)(DG)' TTAGGGTTAG B,D,F,H ? 
# 
loop_
_entity_poly_seq.entity_id 
_entity_poly_seq.num 
_entity_poly_seq.mon_id 
_entity_poly_seq.hetero 
1 1  DC n 
1 2  DT n 
1 3  DA n 
1 4  DA n 
1 5  DC n 
1 6  DC n 
1 7  DC n 
1 8  DT n 
1 9  DA n 
1 10 DA n 
2 1  DT n 
2 2  DT n 
2 3  DA n 
2 4  DG n 
2 5  DG n 
2 6  DG n 
2 7  DT n 
2 8  DT n 
2 9  DA n 
2 10 DG n 
# 
loop_
_pdbx_entity_src_syn.entity_id 
_pdbx_entity_src_syn.pdbx_src_id 
_pdbx_entity_src_syn.pdbx_alt_source_flag 
_pdbx_entity_src_syn.pdbx_beg_seq_num 
_pdbx_entity_src_syn.pdbx_end_seq_num 
_pdbx_entity_src_syn.organism_scientific 
_pdbx_entity_src_syn.organism_common_name 
_pdbx_entity_src_syn.ncbi_taxonomy_id 
_pdbx_entity_src_syn.details 
1 1 sample 1 10 'Homo sapiens' human 9606 ? 
2 1 sample 1 10 'Homo sapiens' human 9606 ? 
# 
loop_
_chem_comp.id 
_chem_comp.type 
_chem_comp.mon_nstd_flag 
_chem_comp.name 
_chem_comp.pdbx_synonyms 
_chem_comp.formula 
_chem_comp.formula_weight 
DA 'DNA linking' y "2'-DEOXYADENOSINE-5'-MONOPHOSPHATE" ? 'C10 H14 N5 O6 P' 331.222 
DC 'DNA linking' y "2'-DEOXYCYTIDINE-5'-MONOPHOSPHATE"  ? 'C9 H14 N3 O7 P'  307.197 
DG 'DNA linking' y "2'-DEOXYGUANOSINE-5'-MONOPHOSPHATE" ? 'C10 H14 N5 O7 P' 347.221 
DT 'DNA linking' y "THYMIDINE-5'-MONOPHOSPHATE"         ? 'C10 H15 N2 O8 P' 322.208 
# 
loop_
_pdbx_poly_seq_scheme.asym_id 
_pdbx_poly_seq_scheme.entity_id 
_pdbx_poly_seq_scheme.seq_id 
_pdbx_poly_seq_scheme.mon_id 
_pdbx_poly_seq_scheme.ndb_seq_num 
_pdbx_poly_seq_scheme.pdb_seq_num 
_pdbx_poly_seq_scheme.auth_seq_num 
_pdbx_poly_seq_scheme.pdb_mon_id 
_pdbx_poly_seq_scheme.auth_mon_id 
_pdbx_poly_seq_scheme.pdb_strand_id 
_pdbx_poly_seq_scheme.pdb_ins_code 
_pdbx_poly_seq_scheme.hetero 
A 1 1  DC 1  1  1  DC DC A . n 
A 1 2  DT 2  2  2  DT DT A . n 
A 1 3  DA 3  3  3  DA DA A . n 
A 1 4  DA 4  4  4  DA DA A . n 
A 1 5  DC 5  5  5  DC DC A . n 
A 1 6  DC 6  6  6  DC DC A . n 
A 1 7  DC 7  7  7  DC DC A . n 
A 1 8  DT 8  8  8  DT DT A . n 
A 1 9  DA 9  9  9  DA DA A . n 
A 1 10 DA 10 10 10 DA DA A . n 
B 2 1  DT 1  1  1  DT DT B . n 
B 2 2  DT 2  2  2  DT DT B . n 
B 2 3  DA 3  3  3  DA DA B . n 
B 2 4  DG 4  4  4  DG DG B . n 
B 2 5  DG 5  5  5  DG DG B . n 
B 2 6  DG 6  6  6  DG DG B . n 
B 2 7  DT 7  7  7  DT DT B . n 
B 2 8  DT 8  8  8  DT DT B . n 
B 2 9  DA 9  9  9  DA DA B . n 
B 2 10 DG 10 10 10 DG DG B . n 
C 1 1  DC 1  1  1  DC DC C . n 
C 1 2  DT 2  2  2  DT DT C . n 
C 1 3  DA 3  3  3  DA DA C . n 
C 1 4  DA 4  4  4  DA DA C . n 
C 1 5  DC 5  5  5  DC DC C . n 
C 1 6  DC 6  6  6  DC DC C . n 
C 1 7  DC 7  7  7  DC DC C . n 
C 1 8  DT 8  8  8  DT DT C . n 
C 1 9  DA 9  9  9  DA DA C . n 
C 1 10 DA 10 10 10 DA DA C . n 
D 2 1  DT 1  1  1  DT DT D . n 
D 2 2  DT 2  2  2  DT DT D . n 
D 2 3  DA 3  3  3  DA DA D . n 
D 2 4  DG 4  4  4  DG DG D . n 
D 2 5  DG 5  5  5  DG DG D . n 
D 2 6  DG 6  6  6  DG DG D . n 
D 2 7  DT 7  7  7  DT DT D . n 
D 2 8  DT 8  8  8  DT DT D . n 
D 2 9  DA 9  9  9  DA DA D . n 
D 2 10 DG 10 10 10 DG DG D . n 
E 1 1  DC 1  1  1  DC DC E . n 
E 1 2  DT 2  2  2  DT DT E . n 
E 1 3  DA 3  3  3  DA DA E . n 
E 1 4  DA 4  4  4  DA DA E . n 
E 1 5  DC 5  5  5  DC DC E . n 
E 1 6  DC 6  6  6  DC DC E . n 
E 1 7  DC 7  7  7  DC DC E . n 
E 1 8  DT 8  8  8  DT DT E . n 
E 1 9  DA 9  9  9  DA DA E . n 
E 1 10 DA 10 10 10 DA DA E . n 
F 2 1  DT 1  1  1  DT DT F . n 
F 2 2  DT 2  2  2  DT DT F . n 
F 2 3  DA 3  3  3  DA DA F . n 
F 2 4  DG 4  4  4  DG DG F . n 
F 2 5  DG 5  5  5  DG DG F . n 
F 2 6  DG 6  6  6  DG DG F . n 
F 2 7  DT 7  7  7  DT DT F . n 
F 2 8  DT 8  8  8  DT DT F . n 
F 2 9  DA 9  9  9  DA DA F . n 
F 2 10 DG 10 10 10 DG DG F . n 
G 1 1  DC 1  1  1  DC DC G . n 
G 1 2  DT 2  2  2  DT DT G . n 
G 1 3  DA 3  3  3  DA DA G . n 
G 1 4  DA 4  4  4  DA DA G . n 
G 1 5  DC 5  5  5  DC DC G . n 
G 1 6  DC 6  6  6  DC DC G . n 
G 1 7  DC 7  7  7  DC DC G . n 
G 1 8  DT 8  8  8  DT DT G . n 
G 1 9  DA 9  9  9  DA DA G . n 
G 1 10 DA 10 10 10 DA DA G . n 
H 2 1  DT 1  1  1  DT DT H . n 
H 2 2  DT 2  2  2  DT DT H . n 
H 2 3  DA 3  3  3  DA DA H . n 
H 2 4  DG 4  4  4  DG DG H . n 
H 2 5  DG 5  5  5  DG DG H . n 
H 2 6  DG 6  6  6  DG DG H . n 
H 2 7  DT 7  7  7  DT DT H . n 
H 2 8  DT 8  8  8  DT DT H . n 
H 2 9  DA 9  9  9  DA DA H . n 
H 2 10 DG 10 10 10 DG DG H . n 
# 
loop_
_software.citation_id 
_software.classification 
_software.compiler_name 
_software.compiler_version 
_software.contact_author 
_software.contact_author_email 
_software.date 
_software.description 
_software.dependencies 
_software.hardware 
_software.language 
_software.location 
_software.mods 
_software.name 
_software.os 
_software.os_version 
_software.type 
_software.version 
_software.pdbx_ordinal 
? refinement        ? ? ? ? ? ? ? ? ? ? ? REFMAC      ? ? ? refmac_5.8.0222 1 
? 'data scaling'    ? ? ? ? ? ? ? ? ? ? ? Aimless     ? ? ? 0.6.3           2 
? phasing           ? ? ? ? ? ? ? ? ? ? ? PHASER      ? ? ? .               3 
? 'data extraction' ? ? ? ? ? ? ? ? ? ? ? PDB_EXTRACT ? ? ? 3.24            4 
? 'data reduction'  ? ? ? ? ? ? ? ? ? ? ? CrysalisPro ? ? ? 1.171.36.32     5 
# 
_cell.angle_alpha                  99.870 
_cell.angle_alpha_esd              ? 
_cell.angle_beta                   90.070 
_cell.angle_beta_esd               ? 
_cell.angle_gamma                  110.940 
_cell.angle_gamma_esd              ? 
_cell.entry_id                     6GDH 
_cell.details                      ? 
_cell.formula_units_Z              ? 
_cell.length_a                     23.733 
_cell.length_a_esd                 ? 
_cell.length_b                     33.161 
_cell.length_b_esd                 ? 
_cell.length_c                     83.467 
_cell.length_c_esd                 ? 
_cell.volume                       ? 
_cell.volume_esd                   ? 
_cell.Z_PDB                        4 
_cell.reciprocal_angle_alpha       ? 
_cell.reciprocal_angle_beta        ? 
_cell.reciprocal_angle_gamma       ? 
_cell.reciprocal_angle_alpha_esd   ? 
_cell.reciprocal_angle_beta_esd    ? 
_cell.reciprocal_angle_gamma_esd   ? 
_cell.reciprocal_length_a          ? 
_cell.reciprocal_length_b          ? 
_cell.reciprocal_length_c          ? 
_cell.reciprocal_length_a_esd      ? 
_cell.reciprocal_length_b_esd      ? 
_cell.reciprocal_length_c_esd      ? 
_cell.pdbx_unique_axis             ? 
# 
_symmetry.entry_id                         6GDH 
_symmetry.cell_setting                     ? 
_symmetry.Int_Tables_number                1 
_symmetry.space_group_name_Hall            ? 
_symmetry.space_group_name_H-M             'P 1' 
_symmetry.pdbx_full_space_group_name_H-M   ? 
# 
_exptl.absorpt_coefficient_mu     ? 
_exptl.absorpt_correction_T_max   ? 
_exptl.absorpt_correction_T_min   ? 
_exptl.absorpt_correction_type    ? 
_exptl.absorpt_process_details    ? 
_exptl.entry_id                   6GDH 
_exptl.crystals_number            1 
_exptl.details                    ? 
_exptl.method                     'X-RAY DIFFRACTION' 
_exptl.method_details             ? 
# 
_exptl_crystal.colour                      ? 
_exptl_crystal.density_diffrn              ? 
_exptl_crystal.density_Matthews            2.48 
_exptl_crystal.density_method              ? 
_exptl_crystal.density_percent_sol         50.33 
_exptl_crystal.description                 'Flat plate, hexagonal' 
_exptl_crystal.F_000                       ? 
_exptl_crystal.id                          1 
_exptl_crystal.preparation                 ? 
_exptl_crystal.size_max                    ? 
_exptl_crystal.size_mid                    ? 
_exptl_crystal.size_min                    ? 
_exptl_crystal.size_rad                    ? 
_exptl_crystal.colour_lustre               ? 
_exptl_crystal.colour_modifier             ? 
_exptl_crystal.colour_primary              ? 
_exptl_crystal.density_meas                ? 
_exptl_crystal.density_meas_esd            ? 
_exptl_crystal.density_meas_gt             ? 
_exptl_crystal.density_meas_lt             ? 
_exptl_crystal.density_meas_temp           ? 
_exptl_crystal.density_meas_temp_esd       ? 
_exptl_crystal.density_meas_temp_gt        ? 
_exptl_crystal.density_meas_temp_lt        ? 
_exptl_crystal.pdbx_crystal_image_url      ? 
_exptl_crystal.pdbx_crystal_image_format   ? 
_exptl_crystal.pdbx_mosaicity              ? 
_exptl_crystal.pdbx_mosaicity_esd          ? 
# 
_exptl_crystal_grow.apparatus       ? 
_exptl_crystal_grow.atmosphere      ? 
_exptl_crystal_grow.crystal_id      1 
_exptl_crystal_grow.details         ? 
_exptl_crystal_grow.method          'VAPOR DIFFUSION, HANGING DROP' 
_exptl_crystal_grow.method_ref      ? 
_exptl_crystal_grow.pH              6.5 
_exptl_crystal_grow.pressure        ? 
_exptl_crystal_grow.pressure_esd    ? 
_exptl_crystal_grow.seeding         ? 
_exptl_crystal_grow.seeding_ref     ? 
_exptl_crystal_grow.temp            285 
_exptl_crystal_grow.temp_details    fixed 
_exptl_crystal_grow.temp_esd        ? 
_exptl_crystal_grow.time            ? 
_exptl_crystal_grow.pdbx_details    
'25 mM potassium chloride, 10 mM potassium cacodylate 50mM for magnesium chloride, 20mM for calcium chloride, MPD 32% to 38%' 
_exptl_crystal_grow.pdbx_pH_range   ? 
# 
_diffrn.ambient_environment    ? 
_diffrn.ambient_temp           105 
_diffrn.ambient_temp_details   ? 
_diffrn.ambient_temp_esd       ? 
_diffrn.crystal_id             1 
_diffrn.crystal_support        ? 
_diffrn.crystal_treatment      ? 
_diffrn.details                ? 
_diffrn.id                     1 
_diffrn.ambient_pressure       ? 
_diffrn.ambient_pressure_esd   ? 
_diffrn.ambient_pressure_gt    ? 
_diffrn.ambient_pressure_lt    ? 
_diffrn.ambient_temp_gt        ? 
_diffrn.ambient_temp_lt        ? 
# 
_diffrn_detector.details                      mirrors 
_diffrn_detector.detector                     CCD 
_diffrn_detector.diffrn_id                    1 
_diffrn_detector.type                         'AGILENT TITAN CCD' 
_diffrn_detector.area_resol_mean              ? 
_diffrn_detector.dtime                        ? 
_diffrn_detector.pdbx_frames_total            ? 
_diffrn_detector.pdbx_collection_time_total   ? 
_diffrn_detector.pdbx_collection_date         2014-11-12 
# 
_diffrn_radiation.collimation                      ? 
_diffrn_radiation.diffrn_id                        1 
_diffrn_radiation.filter_edge                      ? 
_diffrn_radiation.inhomogeneity                    ? 
_diffrn_radiation.monochromator                    mirrors 
_diffrn_radiation.polarisn_norm                    ? 
_diffrn_radiation.polarisn_ratio                   ? 
_diffrn_radiation.probe                            ? 
_diffrn_radiation.type                             ? 
_diffrn_radiation.xray_symbol                      ? 
_diffrn_radiation.wavelength_id                    1 
_diffrn_radiation.pdbx_monochromatic_or_laue_m_l   M 
_diffrn_radiation.pdbx_wavelength_list             ? 
_diffrn_radiation.pdbx_wavelength                  ? 
_diffrn_radiation.pdbx_diffrn_protocol             'SINGLE WAVELENGTH' 
_diffrn_radiation.pdbx_analyzer                    ? 
_diffrn_radiation.pdbx_scattering_type             x-ray 
# 
_diffrn_radiation_wavelength.id           1 
_diffrn_radiation_wavelength.wavelength   1.5418 
_diffrn_radiation_wavelength.wt           1.0 
# 
_diffrn_source.current                     ? 
_diffrn_source.details                     ? 
_diffrn_source.diffrn_id                   1 
_diffrn_source.power                       ? 
_diffrn_source.size                        ? 
_diffrn_source.source                      'SEALED TUBE' 
_diffrn_source.target                      ? 
_diffrn_source.type                        'Agilent SuperNova' 
_diffrn_source.voltage                     ? 
_diffrn_source.take-off_angle              ? 
_diffrn_source.pdbx_wavelength_list        1.5418 
_diffrn_source.pdbx_wavelength             ? 
_diffrn_source.pdbx_synchrotron_beamline   ? 
_diffrn_source.pdbx_synchrotron_site       ? 
# 
_reflns.B_iso_Wilson_estimate            ? 
_reflns.entry_id                         6GDH 
_reflns.data_reduction_details           ? 
_reflns.data_reduction_method            ? 
_reflns.d_resolution_high                2.800 
_reflns.d_resolution_low                 22.510 
_reflns.details                          ? 
_reflns.limit_h_max                      ? 
_reflns.limit_h_min                      ? 
_reflns.limit_k_max                      ? 
_reflns.limit_k_min                      ? 
_reflns.limit_l_max                      ? 
_reflns.limit_l_min                      ? 
_reflns.number_all                       ? 
_reflns.number_obs                       5625 
_reflns.observed_criterion               ? 
_reflns.observed_criterion_F_max         ? 
_reflns.observed_criterion_F_min         ? 
_reflns.observed_criterion_I_max         ? 
_reflns.observed_criterion_I_min         ? 
_reflns.observed_criterion_sigma_F       ? 
_reflns.observed_criterion_sigma_I       ? 
_reflns.percent_possible_obs             97.800 
_reflns.R_free_details                   ? 
_reflns.Rmerge_F_all                     ? 
_reflns.Rmerge_F_obs                     ? 
_reflns.Friedel_coverage                 ? 
_reflns.number_gt                        ? 
_reflns.threshold_expression             ? 
_reflns.pdbx_redundancy                  3.600 
_reflns.pdbx_Rmerge_I_obs                0.059 
_reflns.pdbx_Rmerge_I_all                ? 
_reflns.pdbx_Rsym_value                  ? 
_reflns.pdbx_netI_over_av_sigmaI         ? 
_reflns.pdbx_netI_over_sigmaI            11.400 
_reflns.pdbx_res_netI_over_av_sigmaI_2   ? 
_reflns.pdbx_res_netI_over_sigmaI_2      ? 
_reflns.pdbx_chi_squared                 ? 
_reflns.pdbx_scaling_rejects             76 
_reflns.pdbx_d_res_high_opt              ? 
_reflns.pdbx_d_res_low_opt               ? 
_reflns.pdbx_d_res_opt_method            ? 
_reflns.phase_calculation_details        ? 
_reflns.pdbx_Rrim_I_all                  0.070 
_reflns.pdbx_Rpim_I_all                  0.037 
_reflns.pdbx_d_opt                       ? 
_reflns.pdbx_number_measured_all         19984 
_reflns.pdbx_diffrn_id                   1 
_reflns.pdbx_ordinal                     1 
_reflns.pdbx_CC_half                     0.998 
_reflns.pdbx_R_split                     ? 
# 
loop_
_reflns_shell.d_res_high 
_reflns_shell.d_res_low 
_reflns_shell.meanI_over_sigI_all 
_reflns_shell.meanI_over_sigI_obs 
_reflns_shell.number_measured_all 
_reflns_shell.number_measured_obs 
_reflns_shell.number_possible 
_reflns_shell.number_unique_all 
_reflns_shell.number_unique_obs 
_reflns_shell.percent_possible_all 
_reflns_shell.percent_possible_obs 
_reflns_shell.Rmerge_F_all 
_reflns_shell.Rmerge_F_obs 
_reflns_shell.Rmerge_I_all 
_reflns_shell.Rmerge_I_obs 
_reflns_shell.meanI_over_sigI_gt 
_reflns_shell.meanI_over_uI_all 
_reflns_shell.meanI_over_uI_gt 
_reflns_shell.number_measured_gt 
_reflns_shell.number_unique_gt 
_reflns_shell.percent_possible_gt 
_reflns_shell.Rmerge_F_gt 
_reflns_shell.Rmerge_I_gt 
_reflns_shell.pdbx_redundancy 
_reflns_shell.pdbx_Rsym_value 
_reflns_shell.pdbx_chi_squared 
_reflns_shell.pdbx_netI_over_sigmaI_all 
_reflns_shell.pdbx_netI_over_sigmaI_obs 
_reflns_shell.pdbx_Rrim_I_all 
_reflns_shell.pdbx_Rpim_I_all 
_reflns_shell.pdbx_rejects 
_reflns_shell.pdbx_ordinal 
_reflns_shell.pdbx_diffrn_id 
_reflns_shell.pdbx_CC_half 
_reflns_shell.pdbx_R_split 
2.800 2.950  ? ? ? ? ? ? 813 93.600 ? ? ? ? 0.447 ? ? ? ? ? ? ? ? 2.600 ? ? ? ? 0.555 0.324 ? 1 1 0.915 ? 
8.860 22.510 ? ? ? ? ? ? 169 88.900 ? ? ? ? 0.026 ? ? ? ? ? ? ? ? 3.900 ? ? ? ? 0.031 0.016 ? 2 1 0.999 ? 
# 
_refine.aniso_B[1][1]                            -0.0400 
_refine.aniso_B[1][2]                            -4.4600 
_refine.aniso_B[1][3]                            0.8300 
_refine.aniso_B[2][2]                            -8.2500 
_refine.aniso_B[2][3]                            3.2100 
_refine.aniso_B[3][3]                            11.5200 
_refine.B_iso_max                                88.140 
_refine.B_iso_mean                               42.6120 
_refine.B_iso_min                                10.590 
_refine.correlation_coeff_Fo_to_Fc               0.9670 
_refine.correlation_coeff_Fo_to_Fc_free          0.9300 
_refine.details                                  
'HYDROGENS HAVE BEEN ADDED IN THE RIDING POSITIONS U VALUES      : REFINED INDIVIDUALLY' 
_refine.diff_density_max                         ? 
_refine.diff_density_max_esd                     ? 
_refine.diff_density_min                         ? 
_refine.diff_density_min_esd                     ? 
_refine.diff_density_rms                         ? 
_refine.diff_density_rms_esd                     ? 
_refine.entry_id                                 6GDH 
_refine.pdbx_refine_id                           'X-RAY DIFFRACTION' 
_refine.ls_abs_structure_details                 ? 
_refine.ls_abs_structure_Flack                   ? 
_refine.ls_abs_structure_Flack_esd               ? 
_refine.ls_abs_structure_Rogers                  ? 
_refine.ls_abs_structure_Rogers_esd              ? 
_refine.ls_d_res_high                            2.8500 
_refine.ls_d_res_low                             22.5100 
_refine.ls_extinction_coef                       ? 
_refine.ls_extinction_coef_esd                   ? 
_refine.ls_extinction_expression                 ? 
_refine.ls_extinction_method                     ? 
_refine.ls_goodness_of_fit_all                   ? 
_refine.ls_goodness_of_fit_all_esd               ? 
_refine.ls_goodness_of_fit_obs                   ? 
_refine.ls_goodness_of_fit_obs_esd               ? 
_refine.ls_hydrogen_treatment                    ? 
_refine.ls_matrix_type                           sparse 
_refine.ls_number_constraints                    ? 
_refine.ls_number_parameters                     ? 
_refine.ls_number_reflns_all                     ? 
_refine.ls_number_reflns_obs                     5155 
_refine.ls_number_reflns_R_free                  223 
_refine.ls_number_reflns_R_work                  ? 
_refine.ls_number_restraints                     ? 
_refine.ls_percent_reflns_obs                    98.2800 
_refine.ls_percent_reflns_R_free                 4.1000 
_refine.ls_R_factor_all                          ? 
_refine.ls_R_factor_obs                          0.2298 
_refine.ls_R_factor_R_free                       0.2729 
_refine.ls_R_factor_R_free_error                 ? 
_refine.ls_R_factor_R_free_error_details         ? 
_refine.ls_R_factor_R_work                       0.2280 
_refine.ls_R_Fsqd_factor_obs                     ? 
_refine.ls_R_I_factor_obs                        ? 
_refine.ls_redundancy_reflns_all                 ? 
_refine.ls_redundancy_reflns_obs                 ? 
_refine.ls_restrained_S_all                      ? 
_refine.ls_restrained_S_obs                      ? 
_refine.ls_shift_over_esd_max                    ? 
_refine.ls_shift_over_esd_mean                   ? 
_refine.ls_structure_factor_coef                 ? 
_refine.ls_weighting_details                     ? 
_refine.ls_weighting_scheme                      ? 
_refine.ls_wR_factor_all                         ? 
_refine.ls_wR_factor_obs                         ? 
_refine.ls_wR_factor_R_free                      ? 
_refine.ls_wR_factor_R_work                      ? 
_refine.occupancy_max                            ? 
_refine.occupancy_min                            ? 
_refine.solvent_model_details                    ? 
_refine.solvent_model_param_bsol                 ? 
_refine.solvent_model_param_ksol                 ? 
_refine.ls_R_factor_gt                           ? 
_refine.ls_goodness_of_fit_gt                    ? 
_refine.ls_goodness_of_fit_ref                   ? 
_refine.ls_shift_over_su_max                     ? 
_refine.ls_shift_over_su_max_lt                  ? 
_refine.ls_shift_over_su_mean                    ? 
_refine.ls_shift_over_su_mean_lt                 ? 
_refine.pdbx_ls_sigma_I                          ? 
_refine.pdbx_ls_sigma_F                          0.000 
_refine.pdbx_ls_sigma_Fsqd                       ? 
_refine.pdbx_data_cutoff_high_absF               ? 
_refine.pdbx_data_cutoff_high_rms_absF           ? 
_refine.pdbx_data_cutoff_low_absF                ? 
_refine.pdbx_isotropic_thermal_model             ? 
_refine.pdbx_ls_cross_valid_method               THROUGHOUT 
_refine.pdbx_method_to_determine_struct          'MOLECULAR REPLACEMENT' 
_refine.pdbx_starting_model                      3HS1 
_refine.pdbx_stereochemistry_target_values       ? 
_refine.pdbx_R_Free_selection_details            RANDOM 
_refine.pdbx_stereochem_target_val_spec_case     ? 
_refine.pdbx_overall_ESU_R                       0.0000 
_refine.pdbx_overall_ESU_R_Free                  0.4440 
_refine.pdbx_solvent_vdw_probe_radii             1.2000 
_refine.pdbx_solvent_ion_probe_radii             0.8000 
_refine.pdbx_solvent_shrinkage_radii             0.8000 
_refine.pdbx_real_space_R                        ? 
_refine.pdbx_density_correlation                 ? 
_refine.pdbx_pd_number_of_powder_patterns        ? 
_refine.pdbx_pd_number_of_points                 ? 
_refine.pdbx_pd_meas_number_of_points            ? 
_refine.pdbx_pd_proc_ls_prof_R_factor            ? 
_refine.pdbx_pd_proc_ls_prof_wR_factor           ? 
_refine.pdbx_pd_Marquardt_correlation_coeff      ? 
_refine.pdbx_pd_Fsqrd_R_factor                   ? 
_refine.pdbx_pd_ls_matrix_band_width             ? 
_refine.pdbx_overall_phase_error                 ? 
_refine.pdbx_overall_SU_R_free_Cruickshank_DPI   ? 
_refine.pdbx_overall_SU_R_free_Blow_DPI          ? 
_refine.pdbx_overall_SU_R_Blow_DPI               ? 
_refine.pdbx_TLS_residual_ADP_flag               ? 
_refine.pdbx_diffrn_id                           1 
_refine.overall_SU_B                             21.3390 
_refine.overall_SU_ML                            0.3920 
_refine.overall_SU_R_Cruickshank_DPI             ? 
_refine.overall_SU_R_free                        ? 
_refine.overall_FOM_free_R_set                   ? 
_refine.overall_FOM_work_R_set                   ? 
_refine.pdbx_average_fsc_overall                 ? 
_refine.pdbx_average_fsc_work                    ? 
_refine.pdbx_average_fsc_free                    ? 
# 
_refine_hist.cycle_id                         final 
_refine_hist.pdbx_refine_id                   'X-RAY DIFFRACTION' 
_refine_hist.d_res_high                       2.8500 
_refine_hist.d_res_low                        22.5100 
_refine_hist.pdbx_number_atoms_ligand         0 
_refine_hist.number_atoms_solvent             0 
_refine_hist.number_atoms_total               1616 
_refine_hist.pdbx_number_residues_total       80 
_refine_hist.pdbx_number_atoms_protein        0 
_refine_hist.pdbx_number_atoms_nucleic_acid   1616 
# 
loop_
_refine_ls_restr.pdbx_refine_id 
_refine_ls_restr.criterion 
_refine_ls_restr.dev_ideal 
_refine_ls_restr.dev_ideal_target 
_refine_ls_restr.number 
_refine_ls_restr.rejects 
_refine_ls_restr.type 
_refine_ls_restr.weight 
_refine_ls_restr.pdbx_restraint_function 
'X-RAY DIFFRACTION' ? 0.008 0.011 1808 ? r_bond_refined_d     ? ? 
'X-RAY DIFFRACTION' ? 0.005 0.020 912  ? r_bond_other_d       ? ? 
'X-RAY DIFFRACTION' ? 1.552 1.171 2776 ? r_angle_refined_deg  ? ? 
'X-RAY DIFFRACTION' ? 1.835 3.000 2160 ? r_angle_other_deg    ? ? 
'X-RAY DIFFRACTION' ? 0.117 0.200 240  ? r_chiral_restr       ? ? 
'X-RAY DIFFRACTION' ? 0.013 0.020 952  ? r_gen_planes_refined ? ? 
'X-RAY DIFFRACTION' ? 0.002 0.020 384  ? r_gen_planes_other   ? ? 
# 
loop_
_refine_ls_shell.pdbx_refine_id 
_refine_ls_shell.d_res_high 
_refine_ls_shell.d_res_low 
_refine_ls_shell.number_reflns_all 
_refine_ls_shell.number_reflns_obs 
_refine_ls_shell.number_reflns_R_free 
_refine_ls_shell.number_reflns_R_work 
_refine_ls_shell.percent_reflns_obs 
_refine_ls_shell.percent_reflns_R_free 
_refine_ls_shell.R_factor_all 
_refine_ls_shell.R_factor_obs 
_refine_ls_shell.R_factor_R_free 
_refine_ls_shell.R_factor_R_free_error 
_refine_ls_shell.R_factor_R_work 
_refine_ls_shell.redundancy_reflns_all 
_refine_ls_shell.redundancy_reflns_obs 
_refine_ls_shell.wR_factor_all 
_refine_ls_shell.wR_factor_obs 
_refine_ls_shell.wR_factor_R_free 
_refine_ls_shell.wR_factor_R_work 
_refine_ls_shell.pdbx_total_number_of_bins_used 
_refine_ls_shell.pdbx_phase_error 
_refine_ls_shell.pdbx_fsc_work 
_refine_ls_shell.pdbx_fsc_free 
'X-RAY DIFFRACTION' 2.850  2.924  418 . 18 382 95.694 . . . 0.507 . 0.453 . . . . . 0.440 20 . . . 
'X-RAY DIFFRACTION' 2.924  3.004  414 . 12 391 97.343 . . . 0.351 . 0.432 . . . . . 0.415 20 . . . 
'X-RAY DIFFRACTION' 3.004  3.091  349 . 17 329 99.140 . . . 0.609 . 0.347 . . . . . 0.339 20 . . . 
'X-RAY DIFFRACTION' 3.091  3.186  367 . 11 347 97.548 . . . 0.542 . 0.279 . . . . . 0.298 20 . . . 
'X-RAY DIFFRACTION' 3.186  3.290  384 . 14 367 99.219 . . . 0.193 . 0.168 . . . . . 0.210 20 . . . 
'X-RAY DIFFRACTION' 3.290  3.406  343 . 11 330 99.417 . . . 0.318 . 0.214 . . . . . 0.250 20 . . . 
'X-RAY DIFFRACTION' 3.406  3.534  327 . 12 310 98.471 . . . 0.403 . 0.293 . . . . . 0.283 20 . . . 
'X-RAY DIFFRACTION' 3.534  3.678  344 . 18 324 99.419 . . . 0.397 . 0.278 . . . . . 0.278 20 . . . 
'X-RAY DIFFRACTION' 3.678  3.841  292 . 16 272 98.630 . . . 0.324 . 0.262 . . . . . 0.266 20 . . . 
'X-RAY DIFFRACTION' 3.841  4.028  300 . 5  292 99.000 . . . 0.140 . 0.241 . . . . . 0.254 20 . . . 
'X-RAY DIFFRACTION' 4.028  4.245  277 . 16 260 99.639 . . . 0.212 . 0.214 . . . . . 0.220 20 . . . 
'X-RAY DIFFRACTION' 4.245  4.502  257 . 5  248 98.444 . . . 0.237 . 0.193 . . . . . 0.189 20 . . . 
'X-RAY DIFFRACTION' 4.502  4.812  281 . 13 267 99.644 . . . 0.154 . 0.217 . . . . . 0.207 20 . . . 
'X-RAY DIFFRACTION' 4.812  5.196  215 . 17 196 99.070 . . . 0.340 . 0.209 . . . . . 0.204 20 . . . 
'X-RAY DIFFRACTION' 5.196  5.690  219 . 13 205 99.543 . . . 0.229 . 0.200 . . . . . 0.200 20 . . . 
'X-RAY DIFFRACTION' 5.690  6.357  187 . 8  177 98.930 . . . 0.194 . 0.161 . . . . . 0.168 20 . . . 
'X-RAY DIFFRACTION' 6.357  7.334  169 . 4  164 99.408 . . . 0.171 . 0.163 . . . . . 0.187 20 . . . 
'X-RAY DIFFRACTION' 7.334  8.964  148 . 4  142 98.649 . . . 0.208 . 0.130 . . . . . 0.178 20 . . . 
'X-RAY DIFFRACTION' 8.964  12.602 117 . 8  104 95.726 . . . 0.113 . 0.137 . . . . . 0.192 20 . . . 
'X-RAY DIFFRACTION' 12.602 82.041 63  . 1  47  76.190 . . . 0.439 . 0.173 . . . . . 0.247 20 . . . 
# 
_struct.entry_id                     6GDH 
_struct.title                        'Holliday Junctions formed from Telomeric DNA' 
_struct.pdbx_model_details           ? 
_struct.pdbx_formula_weight          ? 
_struct.pdbx_formula_weight_method   ? 
_struct.pdbx_model_type_details      ? 
_struct.pdbx_CASP_flag               N 
# 
_struct_keywords.entry_id        6GDH 
_struct_keywords.text            
'Holliday junction, Homologous recombination, Telomeres, ALT mechanism, ACC structural motif., RECOMBINATION' 
_struct_keywords.pdbx_keywords   RECOMBINATION 
# 
loop_
_struct_asym.id 
_struct_asym.pdbx_blank_PDB_chainid_flag 
_struct_asym.pdbx_modified 
_struct_asym.entity_id 
_struct_asym.details 
A N N 1 ? 
B N N 2 ? 
C N N 1 ? 
D N N 2 ? 
E N N 1 ? 
F N N 2 ? 
G N N 1 ? 
H N N 2 ? 
# 
loop_
_struct_ref.id 
_struct_ref.db_name 
_struct_ref.db_code 
_struct_ref.pdbx_db_accession 
_struct_ref.pdbx_db_isoform 
_struct_ref.entity_id 
_struct_ref.pdbx_seq_one_letter_code 
_struct_ref.pdbx_align_begin 
1 PDB 6GDH 6GDH ? 1 ? 1 
2 PDB 6GDH 6GDH ? 2 ? 1 
# 
loop_
_struct_ref_seq.align_id 
_struct_ref_seq.ref_id 
_struct_ref_seq.pdbx_PDB_id_code 
_struct_ref_seq.pdbx_strand_id 
_struct_ref_seq.seq_align_beg 
_struct_ref_seq.pdbx_seq_align_beg_ins_code 
_struct_ref_seq.seq_align_end 
_struct_ref_seq.pdbx_seq_align_end_ins_code 
_struct_ref_seq.pdbx_db_accession 
_struct_ref_seq.db_align_beg 
_struct_ref_seq.pdbx_db_align_beg_ins_code 
_struct_ref_seq.db_align_end 
_struct_ref_seq.pdbx_db_align_end_ins_code 
_struct_ref_seq.pdbx_auth_seq_align_beg 
_struct_ref_seq.pdbx_auth_seq_align_end 
1 1 6GDH A 1 ? 10 ? 6GDH 1 ? 10 ? 1 10 
2 2 6GDH B 1 ? 10 ? 6GDH 1 ? 10 ? 1 10 
3 1 6GDH C 1 ? 10 ? 6GDH 1 ? 10 ? 1 10 
4 2 6GDH D 1 ? 10 ? 6GDH 1 ? 10 ? 1 10 
5 1 6GDH E 1 ? 10 ? 6GDH 1 ? 10 ? 1 10 
6 2 6GDH F 1 ? 10 ? 6GDH 1 ? 10 ? 1 10 
7 1 6GDH G 1 ? 10 ? 6GDH 1 ? 10 ? 1 10 
8 2 6GDH H 1 ? 10 ? 6GDH 1 ? 10 ? 1 10 
# 
loop_
_pdbx_struct_assembly.id 
_pdbx_struct_assembly.details 
_pdbx_struct_assembly.method_details 
_pdbx_struct_assembly.oligomeric_details 
_pdbx_struct_assembly.oligomeric_count 
1 author_defined_assembly ? tetrameric 4 
2 author_defined_assembly ? tetrameric 4 
# 
loop_
_pdbx_struct_assembly_gen.assembly_id 
_pdbx_struct_assembly_gen.oper_expression 
_pdbx_struct_assembly_gen.asym_id_list 
1 1 A,B,C,D 
2 1 E,F,G,H 
# 
_pdbx_struct_assembly_auth_evidence.id                     1 
_pdbx_struct_assembly_auth_evidence.assembly_id            1 
_pdbx_struct_assembly_auth_evidence.experimental_support   homology 
_pdbx_struct_assembly_auth_evidence.details                'Gel electrophoresis confirm HJ formation' 
# 
_pdbx_struct_oper_list.id                   1 
_pdbx_struct_oper_list.type                 'identity operation' 
_pdbx_struct_oper_list.name                 1_555 
_pdbx_struct_oper_list.symmetry_operation   x,y,z 
_pdbx_struct_oper_list.matrix[1][1]         1.0000000000 
_pdbx_struct_oper_list.matrix[1][2]         0.0000000000 
_pdbx_struct_oper_list.matrix[1][3]         0.0000000000 
_pdbx_struct_oper_list.vector[1]            0.0000000000 
_pdbx_struct_oper_list.matrix[2][1]         0.0000000000 
_pdbx_struct_oper_list.matrix[2][2]         1.0000000000 
_pdbx_struct_oper_list.matrix[2][3]         0.0000000000 
_pdbx_struct_oper_list.vector[2]            0.0000000000 
_pdbx_struct_oper_list.matrix[3][1]         0.0000000000 
_pdbx_struct_oper_list.matrix[3][2]         0.0000000000 
_pdbx_struct_oper_list.matrix[3][3]         1.0000000000 
_pdbx_struct_oper_list.vector[3]            0.0000000000 
# 
loop_
_struct_conn.id 
_struct_conn.conn_type_id 
_struct_conn.pdbx_leaving_atom_flag 
_struct_conn.pdbx_PDB_id 
_struct_conn.ptnr1_label_asym_id 
_struct_conn.ptnr1_label_comp_id 
_struct_conn.ptnr1_label_seq_id 
_struct_conn.ptnr1_label_atom_id 
_struct_conn.pdbx_ptnr1_label_alt_id 
_struct_conn.pdbx_ptnr1_PDB_ins_code 
_struct_conn.pdbx_ptnr1_standard_comp_id 
_struct_conn.ptnr1_symmetry 
_struct_conn.ptnr2_label_asym_id 
_struct_conn.ptnr2_label_comp_id 
_struct_conn.ptnr2_label_seq_id 
_struct_conn.ptnr2_label_atom_id 
_struct_conn.pdbx_ptnr2_label_alt_id 
_struct_conn.pdbx_ptnr2_PDB_ins_code 
_struct_conn.ptnr1_auth_asym_id 
_struct_conn.ptnr1_auth_comp_id 
_struct_conn.ptnr1_auth_seq_id 
_struct_conn.ptnr2_auth_asym_id 
_struct_conn.ptnr2_auth_comp_id 
_struct_conn.ptnr2_auth_seq_id 
_struct_conn.ptnr2_symmetry 
_struct_conn.pdbx_ptnr3_label_atom_id 
_struct_conn.pdbx_ptnr3_label_seq_id 
_struct_conn.pdbx_ptnr3_label_comp_id 
_struct_conn.pdbx_ptnr3_label_asym_id 
_struct_conn.pdbx_ptnr3_label_alt_id 
_struct_conn.pdbx_ptnr3_PDB_ins_code 
_struct_conn.details 
_struct_conn.pdbx_dist_value 
_struct_conn.pdbx_value_order 
_struct_conn.pdbx_role 
hydrog1  hydrog ? ? A DC 1  N3 ? ? ? 1_555 B DG 10 N1 ? ? A DC 1  B DG 10 1_555 ? ? ? ? ? ? WATSON-CRICK ? ? ? 
hydrog2  hydrog ? ? A DC 1  N4 ? ? ? 1_555 B DG 10 O6 ? ? A DC 1  B DG 10 1_555 ? ? ? ? ? ? WATSON-CRICK ? ? ? 
hydrog3  hydrog ? ? A DC 1  O2 ? ? ? 1_555 B DG 10 N2 ? ? A DC 1  B DG 10 1_555 ? ? ? ? ? ? WATSON-CRICK ? ? ? 
hydrog4  hydrog ? ? A DT 2  N3 ? ? ? 1_555 B DA 9  N1 ? ? A DT 2  B DA 9  1_555 ? ? ? ? ? ? WATSON-CRICK ? ? ? 
hydrog5  hydrog ? ? A DT 2  O4 ? ? ? 1_555 B DA 9  N6 ? ? A DT 2  B DA 9  1_555 ? ? ? ? ? ? WATSON-CRICK ? ? ? 
hydrog6  hydrog ? ? A DA 3  N1 ? ? ? 1_555 B DT 8  N3 ? ? A DA 3  B DT 8  1_555 ? ? ? ? ? ? WATSON-CRICK ? ? ? 
hydrog7  hydrog ? ? A DA 3  N6 ? ? ? 1_555 B DT 8  O4 ? ? A DA 3  B DT 8  1_555 ? ? ? ? ? ? WATSON-CRICK ? ? ? 
hydrog8  hydrog ? ? A DA 4  N1 ? ? ? 1_555 B DT 7  N3 ? ? A DA 4  B DT 7  1_555 ? ? ? ? ? ? WATSON-CRICK ? ? ? 
hydrog9  hydrog ? ? A DA 4  N6 ? ? ? 1_555 B DT 7  O4 ? ? A DA 4  B DT 7  1_555 ? ? ? ? ? ? WATSON-CRICK ? ? ? 
hydrog10 hydrog ? ? A DC 5  N3 ? ? ? 1_555 D DG 6  N1 ? ? A DC 5  D DG 6  1_555 ? ? ? ? ? ? WATSON-CRICK ? ? ? 
hydrog11 hydrog ? ? A DC 5  N4 ? ? ? 1_555 D DG 6  O6 ? ? A DC 5  D DG 6  1_555 ? ? ? ? ? ? WATSON-CRICK ? ? ? 
hydrog12 hydrog ? ? A DC 5  O2 ? ? ? 1_555 D DG 6  N2 ? ? A DC 5  D DG 6  1_555 ? ? ? ? ? ? WATSON-CRICK ? ? ? 
hydrog13 hydrog ? ? A DC 6  N3 ? ? ? 1_555 D DG 5  N1 ? ? A DC 6  D DG 5  1_555 ? ? ? ? ? ? WATSON-CRICK ? ? ? 
hydrog14 hydrog ? ? A DC 6  N4 ? ? ? 1_555 D DG 5  O6 ? ? A DC 6  D DG 5  1_555 ? ? ? ? ? ? WATSON-CRICK ? ? ? 
hydrog15 hydrog ? ? A DC 6  O2 ? ? ? 1_555 D DG 5  N2 ? ? A DC 6  D DG 5  1_555 ? ? ? ? ? ? WATSON-CRICK ? ? ? 
hydrog16 hydrog ? ? A DC 7  N3 ? ? ? 1_555 D DG 4  N1 ? ? A DC 7  D DG 4  1_555 ? ? ? ? ? ? WATSON-CRICK ? ? ? 
hydrog17 hydrog ? ? A DC 7  N4 ? ? ? 1_555 D DG 4  O6 ? ? A DC 7  D DG 4  1_555 ? ? ? ? ? ? WATSON-CRICK ? ? ? 
hydrog18 hydrog ? ? A DC 7  O2 ? ? ? 1_555 D DG 4  N2 ? ? A DC 7  D DG 4  1_555 ? ? ? ? ? ? WATSON-CRICK ? ? ? 
hydrog19 hydrog ? ? A DT 8  N3 ? ? ? 1_555 D DA 3  N1 ? ? A DT 8  D DA 3  1_555 ? ? ? ? ? ? WATSON-CRICK ? ? ? 
hydrog20 hydrog ? ? A DT 8  O4 ? ? ? 1_555 D DA 3  N6 ? ? A DT 8  D DA 3  1_555 ? ? ? ? ? ? WATSON-CRICK ? ? ? 
hydrog21 hydrog ? ? A DA 9  N1 ? ? ? 1_555 D DT 2  N3 ? ? A DA 9  D DT 2  1_555 ? ? ? ? ? ? 'DA-DT PAIR' ? ? ? 
hydrog22 hydrog ? ? A DA 10 N1 ? ? ? 1_555 D DT 1  N3 ? ? A DA 10 D DT 1  1_555 ? ? ? ? ? ? WATSON-CRICK ? ? ? 
hydrog23 hydrog ? ? A DA 10 N6 ? ? ? 1_555 D DT 1  O4 ? ? A DA 10 D DT 1  1_555 ? ? ? ? ? ? WATSON-CRICK ? ? ? 
hydrog24 hydrog ? ? B DT 1  N3 ? ? ? 1_555 C DA 10 N1 ? ? B DT 1  C DA 10 1_555 ? ? ? ? ? ? WATSON-CRICK ? ? ? 
hydrog25 hydrog ? ? B DT 1  O4 ? ? ? 1_555 C DA 10 N6 ? ? B DT 1  C DA 10 1_555 ? ? ? ? ? ? WATSON-CRICK ? ? ? 
hydrog26 hydrog ? ? B DT 2  N3 ? ? ? 1_555 C DA 9  N1 ? ? B DT 2  C DA 9  1_555 ? ? ? ? ? ? WATSON-CRICK ? ? ? 
hydrog27 hydrog ? ? B DT 2  O4 ? ? ? 1_555 C DA 9  N6 ? ? B DT 2  C DA 9  1_555 ? ? ? ? ? ? WATSON-CRICK ? ? ? 
hydrog28 hydrog ? ? B DA 3  N1 ? ? ? 1_555 C DT 8  N3 ? ? B DA 3  C DT 8  1_555 ? ? ? ? ? ? WATSON-CRICK ? ? ? 
hydrog29 hydrog ? ? B DA 3  N6 ? ? ? 1_555 C DT 8  O4 ? ? B DA 3  C DT 8  1_555 ? ? ? ? ? ? WATSON-CRICK ? ? ? 
hydrog30 hydrog ? ? B DG 4  N1 ? ? ? 1_555 C DC 7  N3 ? ? B DG 4  C DC 7  1_555 ? ? ? ? ? ? WATSON-CRICK ? ? ? 
hydrog31 hydrog ? ? B DG 4  N2 ? ? ? 1_555 C DC 7  O2 ? ? B DG 4  C DC 7  1_555 ? ? ? ? ? ? WATSON-CRICK ? ? ? 
hydrog32 hydrog ? ? B DG 4  O6 ? ? ? 1_555 C DC 7  N4 ? ? B DG 4  C DC 7  1_555 ? ? ? ? ? ? WATSON-CRICK ? ? ? 
hydrog33 hydrog ? ? B DG 5  N1 ? ? ? 1_555 C DC 6  N3 ? ? B DG 5  C DC 6  1_555 ? ? ? ? ? ? WATSON-CRICK ? ? ? 
hydrog34 hydrog ? ? B DG 5  N2 ? ? ? 1_555 C DC 6  O2 ? ? B DG 5  C DC 6  1_555 ? ? ? ? ? ? WATSON-CRICK ? ? ? 
hydrog35 hydrog ? ? B DG 5  O6 ? ? ? 1_555 C DC 6  N4 ? ? B DG 5  C DC 6  1_555 ? ? ? ? ? ? WATSON-CRICK ? ? ? 
hydrog36 hydrog ? ? B DG 6  N1 ? ? ? 1_555 C DC 5  N3 ? ? B DG 6  C DC 5  1_555 ? ? ? ? ? ? WATSON-CRICK ? ? ? 
hydrog37 hydrog ? ? B DG 6  N2 ? ? ? 1_555 C DC 5  O2 ? ? B DG 6  C DC 5  1_555 ? ? ? ? ? ? WATSON-CRICK ? ? ? 
hydrog38 hydrog ? ? B DG 6  O6 ? ? ? 1_555 C DC 5  N4 ? ? B DG 6  C DC 5  1_555 ? ? ? ? ? ? WATSON-CRICK ? ? ? 
hydrog39 hydrog ? ? C DC 1  N3 ? ? ? 1_555 D DG 10 N1 ? ? C DC 1  D DG 10 1_555 ? ? ? ? ? ? WATSON-CRICK ? ? ? 
hydrog40 hydrog ? ? C DC 1  N4 ? ? ? 1_555 D DG 10 O6 ? ? C DC 1  D DG 10 1_555 ? ? ? ? ? ? WATSON-CRICK ? ? ? 
hydrog41 hydrog ? ? C DC 1  O2 ? ? ? 1_555 D DG 10 N2 ? ? C DC 1  D DG 10 1_555 ? ? ? ? ? ? WATSON-CRICK ? ? ? 
hydrog42 hydrog ? ? C DT 2  N3 ? ? ? 1_555 D DA 9  N1 ? ? C DT 2  D DA 9  1_555 ? ? ? ? ? ? WATSON-CRICK ? ? ? 
hydrog43 hydrog ? ? C DT 2  O4 ? ? ? 1_555 D DA 9  N6 ? ? C DT 2  D DA 9  1_555 ? ? ? ? ? ? WATSON-CRICK ? ? ? 
hydrog44 hydrog ? ? C DA 3  N1 ? ? ? 1_555 D DT 8  N3 ? ? C DA 3  D DT 8  1_555 ? ? ? ? ? ? WATSON-CRICK ? ? ? 
hydrog45 hydrog ? ? C DA 3  N6 ? ? ? 1_555 D DT 8  O4 ? ? C DA 3  D DT 8  1_555 ? ? ? ? ? ? WATSON-CRICK ? ? ? 
hydrog46 hydrog ? ? C DA 4  N1 ? ? ? 1_555 D DT 7  N3 ? ? C DA 4  D DT 7  1_555 ? ? ? ? ? ? WATSON-CRICK ? ? ? 
hydrog47 hydrog ? ? C DA 4  N6 ? ? ? 1_555 D DT 7  O4 ? ? C DA 4  D DT 7  1_555 ? ? ? ? ? ? WATSON-CRICK ? ? ? 
hydrog48 hydrog ? ? E DC 1  N3 ? ? ? 1_555 F DG 10 N1 ? ? E DC 1  F DG 10 1_555 ? ? ? ? ? ? WATSON-CRICK ? ? ? 
hydrog49 hydrog ? ? E DC 1  N4 ? ? ? 1_555 F DG 10 O6 ? ? E DC 1  F DG 10 1_555 ? ? ? ? ? ? WATSON-CRICK ? ? ? 
hydrog50 hydrog ? ? E DC 1  O2 ? ? ? 1_555 F DG 10 N2 ? ? E DC 1  F DG 10 1_555 ? ? ? ? ? ? WATSON-CRICK ? ? ? 
hydrog51 hydrog ? ? E DT 2  N3 ? ? ? 1_555 F DA 9  N1 ? ? E DT 2  F DA 9  1_555 ? ? ? ? ? ? WATSON-CRICK ? ? ? 
hydrog52 hydrog ? ? E DT 2  O4 ? ? ? 1_555 F DA 9  N6 ? ? E DT 2  F DA 9  1_555 ? ? ? ? ? ? WATSON-CRICK ? ? ? 
hydrog53 hydrog ? ? E DA 3  N1 ? ? ? 1_555 F DT 8  N3 ? ? E DA 3  F DT 8  1_555 ? ? ? ? ? ? WATSON-CRICK ? ? ? 
hydrog54 hydrog ? ? E DA 3  N6 ? ? ? 1_555 F DT 8  O4 ? ? E DA 3  F DT 8  1_555 ? ? ? ? ? ? WATSON-CRICK ? ? ? 
hydrog55 hydrog ? ? E DA 4  N1 ? ? ? 1_555 F DT 7  N3 ? ? E DA 4  F DT 7  1_555 ? ? ? ? ? ? WATSON-CRICK ? ? ? 
hydrog56 hydrog ? ? E DA 4  N6 ? ? ? 1_555 F DT 7  O4 ? ? E DA 4  F DT 7  1_555 ? ? ? ? ? ? WATSON-CRICK ? ? ? 
hydrog57 hydrog ? ? E DC 5  N3 ? ? ? 1_555 H DG 6  N1 ? ? E DC 5  H DG 6  1_555 ? ? ? ? ? ? WATSON-CRICK ? ? ? 
hydrog58 hydrog ? ? E DC 5  N4 ? ? ? 1_555 H DG 6  O6 ? ? E DC 5  H DG 6  1_555 ? ? ? ? ? ? WATSON-CRICK ? ? ? 
hydrog59 hydrog ? ? E DC 5  O2 ? ? ? 1_555 H DG 6  N2 ? ? E DC 5  H DG 6  1_555 ? ? ? ? ? ? WATSON-CRICK ? ? ? 
hydrog60 hydrog ? ? E DC 6  N3 ? ? ? 1_555 H DG 5  N1 ? ? E DC 6  H DG 5  1_555 ? ? ? ? ? ? WATSON-CRICK ? ? ? 
hydrog61 hydrog ? ? E DC 6  N4 ? ? ? 1_555 H DG 5  O6 ? ? E DC 6  H DG 5  1_555 ? ? ? ? ? ? WATSON-CRICK ? ? ? 
hydrog62 hydrog ? ? E DC 6  O2 ? ? ? 1_555 H DG 5  N2 ? ? E DC 6  H DG 5  1_555 ? ? ? ? ? ? WATSON-CRICK ? ? ? 
hydrog63 hydrog ? ? E DC 7  N3 ? ? ? 1_555 H DG 4  N1 ? ? E DC 7  H DG 4  1_555 ? ? ? ? ? ? WATSON-CRICK ? ? ? 
hydrog64 hydrog ? ? E DC 7  N4 ? ? ? 1_555 H DG 4  O6 ? ? E DC 7  H DG 4  1_555 ? ? ? ? ? ? WATSON-CRICK ? ? ? 
hydrog65 hydrog ? ? E DC 7  O2 ? ? ? 1_555 H DG 4  N2 ? ? E DC 7  H DG 4  1_555 ? ? ? ? ? ? WATSON-CRICK ? ? ? 
hydrog66 hydrog ? ? E DT 8  N3 ? ? ? 1_555 H DA 3  N1 ? ? E DT 8  H DA 3  1_555 ? ? ? ? ? ? WATSON-CRICK ? ? ? 
hydrog67 hydrog ? ? E DT 8  O4 ? ? ? 1_555 H DA 3  N6 ? ? E DT 8  H DA 3  1_555 ? ? ? ? ? ? WATSON-CRICK ? ? ? 
hydrog68 hydrog ? ? E DA 9  N1 ? ? ? 1_555 H DT 2  N3 ? ? E DA 9  H DT 2  1_555 ? ? ? ? ? ? WATSON-CRICK ? ? ? 
hydrog69 hydrog ? ? E DA 9  N6 ? ? ? 1_555 H DT 2  O4 ? ? E DA 9  H DT 2  1_555 ? ? ? ? ? ? WATSON-CRICK ? ? ? 
hydrog70 hydrog ? ? E DA 10 N1 ? ? ? 1_555 H DT 1  N3 ? ? E DA 10 H DT 1  1_555 ? ? ? ? ? ? WATSON-CRICK ? ? ? 
hydrog71 hydrog ? ? E DA 10 N6 ? ? ? 1_555 H DT 1  O4 ? ? E DA 10 H DT 1  1_555 ? ? ? ? ? ? WATSON-CRICK ? ? ? 
hydrog72 hydrog ? ? F DT 1  N3 ? ? ? 1_555 G DA 10 N1 ? ? F DT 1  G DA 10 1_555 ? ? ? ? ? ? WATSON-CRICK ? ? ? 
hydrog73 hydrog ? ? F DT 1  O4 ? ? ? 1_555 G DA 10 N6 ? ? F DT 1  G DA 10 1_555 ? ? ? ? ? ? WATSON-CRICK ? ? ? 
hydrog74 hydrog ? ? F DT 2  N3 ? ? ? 1_555 G DA 9  N1 ? ? F DT 2  G DA 9  1_555 ? ? ? ? ? ? WATSON-CRICK ? ? ? 
hydrog75 hydrog ? ? F DT 2  O4 ? ? ? 1_555 G DA 9  N6 ? ? F DT 2  G DA 9  1_555 ? ? ? ? ? ? WATSON-CRICK ? ? ? 
hydrog76 hydrog ? ? F DA 3  N1 ? ? ? 1_555 G DT 8  N3 ? ? F DA 3  G DT 8  1_555 ? ? ? ? ? ? WATSON-CRICK ? ? ? 
hydrog77 hydrog ? ? F DA 3  N6 ? ? ? 1_555 G DT 8  O4 ? ? F DA 3  G DT 8  1_555 ? ? ? ? ? ? WATSON-CRICK ? ? ? 
hydrog78 hydrog ? ? F DG 4  N1 ? ? ? 1_555 G DC 7  N3 ? ? F DG 4  G DC 7  1_555 ? ? ? ? ? ? WATSON-CRICK ? ? ? 
hydrog79 hydrog ? ? F DG 4  N2 ? ? ? 1_555 G DC 7  O2 ? ? F DG 4  G DC 7  1_555 ? ? ? ? ? ? WATSON-CRICK ? ? ? 
hydrog80 hydrog ? ? F DG 4  O6 ? ? ? 1_555 G DC 7  N4 ? ? F DG 4  G DC 7  1_555 ? ? ? ? ? ? WATSON-CRICK ? ? ? 
hydrog81 hydrog ? ? F DG 5  N1 ? ? ? 1_555 G DC 6  N3 ? ? F DG 5  G DC 6  1_555 ? ? ? ? ? ? WATSON-CRICK ? ? ? 
hydrog82 hydrog ? ? F DG 5  N2 ? ? ? 1_555 G DC 6  O2 ? ? F DG 5  G DC 6  1_555 ? ? ? ? ? ? WATSON-CRICK ? ? ? 
hydrog83 hydrog ? ? F DG 5  O6 ? ? ? 1_555 G DC 6  N4 ? ? F DG 5  G DC 6  1_555 ? ? ? ? ? ? WATSON-CRICK ? ? ? 
hydrog84 hydrog ? ? F DG 6  N1 ? ? ? 1_555 G DC 5  N3 ? ? F DG 6  G DC 5  1_555 ? ? ? ? ? ? WATSON-CRICK ? ? ? 
hydrog85 hydrog ? ? F DG 6  N2 ? ? ? 1_555 G DC 5  O2 ? ? F DG 6  G DC 5  1_555 ? ? ? ? ? ? WATSON-CRICK ? ? ? 
hydrog86 hydrog ? ? F DG 6  O6 ? ? ? 1_555 G DC 5  N4 ? ? F DG 6  G DC 5  1_555 ? ? ? ? ? ? WATSON-CRICK ? ? ? 
hydrog87 hydrog ? ? G DC 1  N3 ? ? ? 1_555 H DG 10 N1 ? ? G DC 1  H DG 10 1_555 ? ? ? ? ? ? WATSON-CRICK ? ? ? 
hydrog88 hydrog ? ? G DC 1  N4 ? ? ? 1_555 H DG 10 O6 ? ? G DC 1  H DG 10 1_555 ? ? ? ? ? ? WATSON-CRICK ? ? ? 
hydrog89 hydrog ? ? G DC 1  O2 ? ? ? 1_555 H DG 10 N2 ? ? G DC 1  H DG 10 1_555 ? ? ? ? ? ? WATSON-CRICK ? ? ? 
hydrog90 hydrog ? ? G DT 2  N3 ? ? ? 1_555 H DA 9  N1 ? ? G DT 2  H DA 9  1_555 ? ? ? ? ? ? WATSON-CRICK ? ? ? 
hydrog91 hydrog ? ? G DT 2  O4 ? ? ? 1_555 H DA 9  N6 ? ? G DT 2  H DA 9  1_555 ? ? ? ? ? ? WATSON-CRICK ? ? ? 
hydrog92 hydrog ? ? G DA 3  N1 ? ? ? 1_555 H DT 8  N3 ? ? G DA 3  H DT 8  1_555 ? ? ? ? ? ? WATSON-CRICK ? ? ? 
hydrog93 hydrog ? ? G DA 3  N6 ? ? ? 1_555 H DT 8  O4 ? ? G DA 3  H DT 8  1_555 ? ? ? ? ? ? WATSON-CRICK ? ? ? 
hydrog94 hydrog ? ? G DA 4  N1 ? ? ? 1_555 H DT 7  N3 ? ? G DA 4  H DT 7  1_555 ? ? ? ? ? ? WATSON-CRICK ? ? ? 
hydrog95 hydrog ? ? G DA 4  N6 ? ? ? 1_555 H DT 7  O4 ? ? G DA 4  H DT 7  1_555 ? ? ? ? ? ? WATSON-CRICK ? ? ? 
# 
_struct_conn_type.id          hydrog 
_struct_conn_type.criteria    ? 
_struct_conn_type.reference   ? 
# 
loop_
_pdbx_validate_rmsd_angle.id 
_pdbx_validate_rmsd_angle.PDB_model_num 
_pdbx_validate_rmsd_angle.auth_atom_id_1 
_pdbx_validate_rmsd_angle.auth_asym_id_1 
_pdbx_validate_rmsd_angle.auth_comp_id_1 
_pdbx_validate_rmsd_angle.auth_seq_id_1 
_pdbx_validate_rmsd_angle.PDB_ins_code_1 
_pdbx_validate_rmsd_angle.label_alt_id_1 
_pdbx_validate_rmsd_angle.auth_atom_id_2 
_pdbx_validate_rmsd_angle.auth_asym_id_2 
_pdbx_validate_rmsd_angle.auth_comp_id_2 
_pdbx_validate_rmsd_angle.auth_seq_id_2 
_pdbx_validate_rmsd_angle.PDB_ins_code_2 
_pdbx_validate_rmsd_angle.label_alt_id_2 
_pdbx_validate_rmsd_angle.auth_atom_id_3 
_pdbx_validate_rmsd_angle.auth_asym_id_3 
_pdbx_validate_rmsd_angle.auth_comp_id_3 
_pdbx_validate_rmsd_angle.auth_seq_id_3 
_pdbx_validate_rmsd_angle.PDB_ins_code_3 
_pdbx_validate_rmsd_angle.label_alt_id_3 
_pdbx_validate_rmsd_angle.angle_value 
_pdbx_validate_rmsd_angle.angle_target_value 
_pdbx_validate_rmsd_angle.angle_deviation 
_pdbx_validate_rmsd_angle.angle_standard_deviation 
_pdbx_validate_rmsd_angle.linker_flag 
1 1 "C3'" A DC 1 ? ? "C2'" A DC 1 ? ? "C1'" A DC 1 ? ? 97.52  102.40 -4.88 0.80 N 
2 1 "O5'" A DT 2 ? ? P     A DT 2 ? ? OP1   A DT 2 ? ? 99.63  105.70 -6.07 0.90 N 
3 1 "O4'" C DT 8 ? ? "C1'" C DT 8 ? ? N1    C DT 8 ? ? 110.14 108.30 1.84  0.30 N 
# 
_phasing.method   MR 
# 
loop_
_chem_comp_atom.comp_id 
_chem_comp_atom.atom_id 
_chem_comp_atom.type_symbol 
_chem_comp_atom.pdbx_aromatic_flag 
_chem_comp_atom.pdbx_stereo_config 
_chem_comp_atom.pdbx_ordinal 
DA OP3    O N N 1   
DA P      P N N 2   
DA OP1    O N N 3   
DA OP2    O N N 4   
DA "O5'"  O N N 5   
DA "C5'"  C N N 6   
DA "C4'"  C N R 7   
DA "O4'"  O N N 8   
DA "C3'"  C N S 9   
DA "O3'"  O N N 10  
DA "C2'"  C N N 11  
DA "C1'"  C N R 12  
DA N9     N Y N 13  
DA C8     C Y N 14  
DA N7     N Y N 15  
DA C5     C Y N 16  
DA C6     C Y N 17  
DA N6     N N N 18  
DA N1     N Y N 19  
DA C2     C Y N 20  
DA N3     N Y N 21  
DA C4     C Y N 22  
DA HOP3   H N N 23  
DA HOP2   H N N 24  
DA "H5'"  H N N 25  
DA "H5''" H N N 26  
DA "H4'"  H N N 27  
DA "H3'"  H N N 28  
DA "HO3'" H N N 29  
DA "H2'"  H N N 30  
DA "H2''" H N N 31  
DA "H1'"  H N N 32  
DA H8     H N N 33  
DA H61    H N N 34  
DA H62    H N N 35  
DA H2     H N N 36  
DC OP3    O N N 37  
DC P      P N N 38  
DC OP1    O N N 39  
DC OP2    O N N 40  
DC "O5'"  O N N 41  
DC "C5'"  C N N 42  
DC "C4'"  C N R 43  
DC "O4'"  O N N 44  
DC "C3'"  C N S 45  
DC "O3'"  O N N 46  
DC "C2'"  C N N 47  
DC "C1'"  C N R 48  
DC N1     N N N 49  
DC C2     C N N 50  
DC O2     O N N 51  
DC N3     N N N 52  
DC C4     C N N 53  
DC N4     N N N 54  
DC C5     C N N 55  
DC C6     C N N 56  
DC HOP3   H N N 57  
DC HOP2   H N N 58  
DC "H5'"  H N N 59  
DC "H5''" H N N 60  
DC "H4'"  H N N 61  
DC "H3'"  H N N 62  
DC "HO3'" H N N 63  
DC "H2'"  H N N 64  
DC "H2''" H N N 65  
DC "H1'"  H N N 66  
DC H41    H N N 67  
DC H42    H N N 68  
DC H5     H N N 69  
DC H6     H N N 70  
DG OP3    O N N 71  
DG P      P N N 72  
DG OP1    O N N 73  
DG OP2    O N N 74  
DG "O5'"  O N N 75  
DG "C5'"  C N N 76  
DG "C4'"  C N R 77  
DG "O4'"  O N N 78  
DG "C3'"  C N S 79  
DG "O3'"  O N N 80  
DG "C2'"  C N N 81  
DG "C1'"  C N R 82  
DG N9     N Y N 83  
DG C8     C Y N 84  
DG N7     N Y N 85  
DG C5     C Y N 86  
DG C6     C N N 87  
DG O6     O N N 88  
DG N1     N N N 89  
DG C2     C N N 90  
DG N2     N N N 91  
DG N3     N N N 92  
DG C4     C Y N 93  
DG HOP3   H N N 94  
DG HOP2   H N N 95  
DG "H5'"  H N N 96  
DG "H5''" H N N 97  
DG "H4'"  H N N 98  
DG "H3'"  H N N 99  
DG "HO3'" H N N 100 
DG "H2'"  H N N 101 
DG "H2''" H N N 102 
DG "H1'"  H N N 103 
DG H8     H N N 104 
DG H1     H N N 105 
DG H21    H N N 106 
DG H22    H N N 107 
DT OP3    O N N 108 
DT P      P N N 109 
DT OP1    O N N 110 
DT OP2    O N N 111 
DT "O5'"  O N N 112 
DT "C5'"  C N N 113 
DT "C4'"  C N R 114 
DT "O4'"  O N N 115 
DT "C3'"  C N S 116 
DT "O3'"  O N N 117 
DT "C2'"  C N N 118 
DT "C1'"  C N R 119 
DT N1     N N N 120 
DT C2     C N N 121 
DT O2     O N N 122 
DT N3     N N N 123 
DT C4     C N N 124 
DT O4     O N N 125 
DT C5     C N N 126 
DT C7     C N N 127 
DT C6     C N N 128 
DT HOP3   H N N 129 
DT HOP2   H N N 130 
DT "H5'"  H N N 131 
DT "H5''" H N N 132 
DT "H4'"  H N N 133 
DT "H3'"  H N N 134 
DT "HO3'" H N N 135 
DT "H2'"  H N N 136 
DT "H2''" H N N 137 
DT "H1'"  H N N 138 
DT H3     H N N 139 
DT H71    H N N 140 
DT H72    H N N 141 
DT H73    H N N 142 
DT H6     H N N 143 
# 
loop_
_chem_comp_bond.comp_id 
_chem_comp_bond.atom_id_1 
_chem_comp_bond.atom_id_2 
_chem_comp_bond.value_order 
_chem_comp_bond.pdbx_aromatic_flag 
_chem_comp_bond.pdbx_stereo_config 
_chem_comp_bond.pdbx_ordinal 
DA OP3   P      sing N N 1   
DA OP3   HOP3   sing N N 2   
DA P     OP1    doub N N 3   
DA P     OP2    sing N N 4   
DA P     "O5'"  sing N N 5   
DA OP2   HOP2   sing N N 6   
DA "O5'" "C5'"  sing N N 7   
DA "C5'" "C4'"  sing N N 8   
DA "C5'" "H5'"  sing N N 9   
DA "C5'" "H5''" sing N N 10  
DA "C4'" "O4'"  sing N N 11  
DA "C4'" "C3'"  sing N N 12  
DA "C4'" "H4'"  sing N N 13  
DA "O4'" "C1'"  sing N N 14  
DA "C3'" "O3'"  sing N N 15  
DA "C3'" "C2'"  sing N N 16  
DA "C3'" "H3'"  sing N N 17  
DA "O3'" "HO3'" sing N N 18  
DA "C2'" "C1'"  sing N N 19  
DA "C2'" "H2'"  sing N N 20  
DA "C2'" "H2''" sing N N 21  
DA "C1'" N9     sing N N 22  
DA "C1'" "H1'"  sing N N 23  
DA N9    C8     sing Y N 24  
DA N9    C4     sing Y N 25  
DA C8    N7     doub Y N 26  
DA C8    H8     sing N N 27  
DA N7    C5     sing Y N 28  
DA C5    C6     sing Y N 29  
DA C5    C4     doub Y N 30  
DA C6    N6     sing N N 31  
DA C6    N1     doub Y N 32  
DA N6    H61    sing N N 33  
DA N6    H62    sing N N 34  
DA N1    C2     sing Y N 35  
DA C2    N3     doub Y N 36  
DA C2    H2     sing N N 37  
DA N3    C4     sing Y N 38  
DC OP3   P      sing N N 39  
DC OP3   HOP3   sing N N 40  
DC P     OP1    doub N N 41  
DC P     OP2    sing N N 42  
DC P     "O5'"  sing N N 43  
DC OP2   HOP2   sing N N 44  
DC "O5'" "C5'"  sing N N 45  
DC "C5'" "C4'"  sing N N 46  
DC "C5'" "H5'"  sing N N 47  
DC "C5'" "H5''" sing N N 48  
DC "C4'" "O4'"  sing N N 49  
DC "C4'" "C3'"  sing N N 50  
DC "C4'" "H4'"  sing N N 51  
DC "O4'" "C1'"  sing N N 52  
DC "C3'" "O3'"  sing N N 53  
DC "C3'" "C2'"  sing N N 54  
DC "C3'" "H3'"  sing N N 55  
DC "O3'" "HO3'" sing N N 56  
DC "C2'" "C1'"  sing N N 57  
DC "C2'" "H2'"  sing N N 58  
DC "C2'" "H2''" sing N N 59  
DC "C1'" N1     sing N N 60  
DC "C1'" "H1'"  sing N N 61  
DC N1    C2     sing N N 62  
DC N1    C6     sing N N 63  
DC C2    O2     doub N N 64  
DC C2    N3     sing N N 65  
DC N3    C4     doub N N 66  
DC C4    N4     sing N N 67  
DC C4    C5     sing N N 68  
DC N4    H41    sing N N 69  
DC N4    H42    sing N N 70  
DC C5    C6     doub N N 71  
DC C5    H5     sing N N 72  
DC C6    H6     sing N N 73  
DG OP3   P      sing N N 74  
DG OP3   HOP3   sing N N 75  
DG P     OP1    doub N N 76  
DG P     OP2    sing N N 77  
DG P     "O5'"  sing N N 78  
DG OP2   HOP2   sing N N 79  
DG "O5'" "C5'"  sing N N 80  
DG "C5'" "C4'"  sing N N 81  
DG "C5'" "H5'"  sing N N 82  
DG "C5'" "H5''" sing N N 83  
DG "C4'" "O4'"  sing N N 84  
DG "C4'" "C3'"  sing N N 85  
DG "C4'" "H4'"  sing N N 86  
DG "O4'" "C1'"  sing N N 87  
DG "C3'" "O3'"  sing N N 88  
DG "C3'" "C2'"  sing N N 89  
DG "C3'" "H3'"  sing N N 90  
DG "O3'" "HO3'" sing N N 91  
DG "C2'" "C1'"  sing N N 92  
DG "C2'" "H2'"  sing N N 93  
DG "C2'" "H2''" sing N N 94  
DG "C1'" N9     sing N N 95  
DG "C1'" "H1'"  sing N N 96  
DG N9    C8     sing Y N 97  
DG N9    C4     sing Y N 98  
DG C8    N7     doub Y N 99  
DG C8    H8     sing N N 100 
DG N7    C5     sing Y N 101 
DG C5    C6     sing N N 102 
DG C5    C4     doub Y N 103 
DG C6    O6     doub N N 104 
DG C6    N1     sing N N 105 
DG N1    C2     sing N N 106 
DG N1    H1     sing N N 107 
DG C2    N2     sing N N 108 
DG C2    N3     doub N N 109 
DG N2    H21    sing N N 110 
DG N2    H22    sing N N 111 
DG N3    C4     sing N N 112 
DT OP3   P      sing N N 113 
DT OP3   HOP3   sing N N 114 
DT P     OP1    doub N N 115 
DT P     OP2    sing N N 116 
DT P     "O5'"  sing N N 117 
DT OP2   HOP2   sing N N 118 
DT "O5'" "C5'"  sing N N 119 
DT "C5'" "C4'"  sing N N 120 
DT "C5'" "H5'"  sing N N 121 
DT "C5'" "H5''" sing N N 122 
DT "C4'" "O4'"  sing N N 123 
DT "C4'" "C3'"  sing N N 124 
DT "C4'" "H4'"  sing N N 125 
DT "O4'" "C1'"  sing N N 126 
DT "C3'" "O3'"  sing N N 127 
DT "C3'" "C2'"  sing N N 128 
DT "C3'" "H3'"  sing N N 129 
DT "O3'" "HO3'" sing N N 130 
DT "C2'" "C1'"  sing N N 131 
DT "C2'" "H2'"  sing N N 132 
DT "C2'" "H2''" sing N N 133 
DT "C1'" N1     sing N N 134 
DT "C1'" "H1'"  sing N N 135 
DT N1    C2     sing N N 136 
DT N1    C6     sing N N 137 
DT C2    O2     doub N N 138 
DT C2    N3     sing N N 139 
DT N3    C4     sing N N 140 
DT N3    H3     sing N N 141 
DT C4    O4     doub N N 142 
DT C4    C5     sing N N 143 
DT C5    C7     sing N N 144 
DT C5    C6     doub N N 145 
DT C7    H71    sing N N 146 
DT C7    H72    sing N N 147 
DT C7    H73    sing N N 148 
DT C6    H6     sing N N 149 
# 
loop_
_ndb_struct_conf_na.entry_id 
_ndb_struct_conf_na.feature 
6GDH 'double helix'        
6GDH 'b-form double helix' 
# 
loop_
_ndb_struct_na_base_pair.model_number 
_ndb_struct_na_base_pair.i_label_asym_id 
_ndb_struct_na_base_pair.i_label_comp_id 
_ndb_struct_na_base_pair.i_label_seq_id 
_ndb_struct_na_base_pair.i_symmetry 
_ndb_struct_na_base_pair.j_label_asym_id 
_ndb_struct_na_base_pair.j_label_comp_id 
_ndb_struct_na_base_pair.j_label_seq_id 
_ndb_struct_na_base_pair.j_symmetry 
_ndb_struct_na_base_pair.shear 
_ndb_struct_na_base_pair.stretch 
_ndb_struct_na_base_pair.stagger 
_ndb_struct_na_base_pair.buckle 
_ndb_struct_na_base_pair.propeller 
_ndb_struct_na_base_pair.opening 
_ndb_struct_na_base_pair.pair_number 
_ndb_struct_na_base_pair.pair_name 
_ndb_struct_na_base_pair.i_auth_asym_id 
_ndb_struct_na_base_pair.i_auth_seq_id 
_ndb_struct_na_base_pair.i_PDB_ins_code 
_ndb_struct_na_base_pair.j_auth_asym_id 
_ndb_struct_na_base_pair.j_auth_seq_id 
_ndb_struct_na_base_pair.j_PDB_ins_code 
_ndb_struct_na_base_pair.hbond_type_28 
_ndb_struct_na_base_pair.hbond_type_12 
1 A DC 1  1_555 B DG 10 1_555 0.763  -0.457 -0.164 6.649   -7.260  -1.899 1  A_DC1:DG10_B A 1  ? B 10 ? 19 1 
1 A DT 2  1_555 B DA 9  1_555 -0.300 -0.137 0.027  5.037   -7.741  -3.796 2  A_DT2:DA9_B  A 2  ? B 9  ? 20 1 
1 A DA 3  1_555 B DT 8  1_555 -0.170 -0.241 -0.440 -12.033 -9.253  0.604  3  A_DA3:DT8_B  A 3  ? B 8  ? 20 1 
1 A DA 4  1_555 B DT 7  1_555 -0.036 -0.187 0.183  5.188   -7.804  -3.686 4  A_DA4:DT7_B  A 4  ? B 7  ? 20 1 
1 C DC 5  1_555 B DG 6  1_555 -0.162 -0.207 0.278  2.539   -7.319  -0.675 5  C_DC5:DG6_B  C 5  ? B 6  ? 19 1 
1 C DC 6  1_555 B DG 5  1_555 0.489  -0.423 0.360  -7.141  -4.918  -7.029 6  C_DC6:DG5_B  C 6  ? B 5  ? 19 1 
1 C DC 7  1_555 B DG 4  1_555 -0.198 -0.211 0.343  -10.528 4.858   -0.749 7  C_DC7:DG4_B  C 7  ? B 4  ? 19 1 
1 C DT 8  1_555 B DA 3  1_555 -0.522 -0.130 0.058  2.833   -1.445  -6.350 8  C_DT8:DA3_B  C 8  ? B 3  ? 20 1 
1 C DA 9  1_555 B DT 2  1_555 -0.274 -0.176 -0.006 4.577   -5.883  2.441  9  C_DA9:DT2_B  C 9  ? B 2  ? 20 1 
1 C DA 10 1_555 B DT 1  1_555 0.143  -0.308 0.489  7.496   -8.417  4.224  10 C_DA10:DT1_B C 10 ? B 1  ? 20 1 
1 C DC 1  1_555 D DG 10 1_555 -0.398 0.011  0.050  6.906   -35.589 10.596 11 C_DC1:DG10_D C 1  ? D 10 ? 19 1 
1 C DT 2  1_555 D DA 9  1_555 -0.227 -0.140 -0.193 5.146   -14.533 -4.557 12 C_DT2:DA9_D  C 2  ? D 9  ? 20 1 
1 C DA 3  1_555 D DT 8  1_555 -0.275 -0.234 -0.887 -17.113 -19.187 -0.768 13 C_DA3:DT8_D  C 3  ? D 8  ? 20 1 
1 C DA 4  1_555 D DT 7  1_555 -0.201 0.284  -0.384 3.435   -21.095 -5.979 14 C_DA4:DT7_D  C 4  ? D 7  ? 20 1 
1 A DC 5  1_555 D DG 6  1_555 0.067  -0.220 -0.138 9.064   -24.167 3.428  15 A_DC5:DG6_D  A 5  ? D 6  ? 19 1 
1 A DC 6  1_555 D DG 5  1_555 0.780  -0.422 0.093  -4.261  -21.293 -4.350 16 A_DC6:DG5_D  A 6  ? D 5  ? 19 1 
1 A DC 7  1_555 D DG 4  1_555 0.272  -0.224 0.444  -11.805 -7.600  -1.421 17 A_DC7:DG4_D  A 7  ? D 4  ? 19 1 
1 A DT 8  1_555 D DA 3  1_555 0.484  -0.082 0.183  1.036   -12.262 -1.618 18 A_DT8:DA3_D  A 8  ? D 3  ? 20 1 
1 A DA 9  1_555 D DT 2  1_555 -0.764 0.378  0.378  17.925  -25.945 18.229 19 A_DA9:DT2_D  A 9  ? D 2  ? ?  1 
1 A DA 10 1_555 D DT 1  1_555 1.176  -0.058 0.358  13.974  -18.111 2.930  20 A_DA10:DT1_D A 10 ? D 1  ? 20 1 
1 E DC 1  1_555 F DG 10 1_555 -0.504 -0.112 -0.723 14.098  -21.041 4.914  21 E_DC1:DG10_F E 1  ? F 10 ? 19 1 
1 E DT 2  1_555 F DA 9  1_555 -0.759 -0.073 -0.557 6.290   -27.252 -8.224 22 E_DT2:DA9_F  E 2  ? F 9  ? 20 1 
1 E DA 3  1_555 F DT 8  1_555 -0.305 -0.042 -0.705 -15.871 -14.581 2.894  23 E_DA3:DT8_F  E 3  ? F 8  ? 20 1 
1 E DA 4  1_555 F DT 7  1_555 0.308  0.010  -0.157 8.492   -7.983  -0.284 24 E_DA4:DT7_F  E 4  ? F 7  ? 20 1 
1 G DC 5  1_555 F DG 6  1_555 0.418  -0.204 -0.097 16.379  -36.446 -2.096 25 G_DC5:DG6_F  G 5  ? F 6  ? 19 1 
1 G DC 6  1_555 F DG 5  1_555 0.344  -0.326 0.650  -4.324  -24.358 -9.417 26 G_DC6:DG5_F  G 6  ? F 5  ? 19 1 
1 G DC 7  1_555 F DG 4  1_555 -0.489 -0.216 0.725  -7.985  -11.463 -2.236 27 G_DC7:DG4_F  G 7  ? F 4  ? 19 1 
1 G DT 8  1_555 F DA 3  1_555 -0.055 -0.130 0.163  0.290   -9.681  -6.676 28 G_DT8:DA3_F  G 8  ? F 3  ? 20 1 
1 G DA 9  1_555 F DT 2  1_555 -0.185 0.194  0.112  9.758   -8.783  8.590  29 G_DA9:DT2_F  G 9  ? F 2  ? 20 1 
1 G DA 10 1_555 F DT 1  1_555 0.800  0.014  0.818  16.607  -17.909 -3.407 30 G_DA10:DT1_F G 10 ? F 1  ? 20 1 
1 G DC 1  1_555 H DG 10 1_555 0.680  -0.292 0.171  3.335   -16.339 3.394  31 G_DC1:DG10_H G 1  ? H 10 ? 19 1 
1 G DT 2  1_555 H DA 9  1_555 0.148  -0.244 -0.130 7.154   -4.743  0.978  32 G_DT2:DA9_H  G 2  ? H 9  ? 20 1 
1 G DA 3  1_555 H DT 8  1_555 -0.259 -0.343 -0.572 -13.562 -10.566 2.983  33 G_DA3:DT8_H  G 3  ? H 8  ? 20 1 
1 G DA 4  1_555 H DT 7  1_555 -0.091 -0.184 0.163  4.051   -8.445  -5.645 34 G_DA4:DT7_H  G 4  ? H 7  ? 20 1 
1 E DC 5  1_555 H DG 6  1_555 0.059  -0.056 0.176  2.786   -11.290 0.175  35 E_DC5:DG6_H  E 5  ? H 6  ? 19 1 
1 E DC 6  1_555 H DG 5  1_555 0.589  -0.462 0.497  -10.857 -4.533  -6.633 36 E_DC6:DG5_H  E 6  ? H 5  ? 19 1 
1 E DC 7  1_555 H DG 4  1_555 -0.196 -0.237 0.161  -11.552 0.494   -2.452 37 E_DC7:DG4_H  E 7  ? H 4  ? 19 1 
1 E DT 8  1_555 H DA 3  1_555 -0.405 -0.229 0.273  -2.309  -1.307  -2.983 38 E_DT8:DA3_H  E 8  ? H 3  ? 20 1 
1 E DA 9  1_555 H DT 2  1_555 -0.329 -0.147 0.184  9.666   -8.558  8.826  39 E_DA9:DT2_H  E 9  ? H 2  ? 20 1 
1 E DA 10 1_555 H DT 1  1_555 0.070  -0.303 0.290  4.748   -8.471  3.285  40 E_DA10:DT1_H E 10 ? H 1  ? 20 1 
# 
loop_
_ndb_struct_na_base_pair_step.model_number 
_ndb_struct_na_base_pair_step.i_label_asym_id_1 
_ndb_struct_na_base_pair_step.i_label_comp_id_1 
_ndb_struct_na_base_pair_step.i_label_seq_id_1 
_ndb_struct_na_base_pair_step.i_symmetry_1 
_ndb_struct_na_base_pair_step.j_label_asym_id_1 
_ndb_struct_na_base_pair_step.j_label_comp_id_1 
_ndb_struct_na_base_pair_step.j_label_seq_id_1 
_ndb_struct_na_base_pair_step.j_symmetry_1 
_ndb_struct_na_base_pair_step.i_label_asym_id_2 
_ndb_struct_na_base_pair_step.i_label_comp_id_2 
_ndb_struct_na_base_pair_step.i_label_seq_id_2 
_ndb_struct_na_base_pair_step.i_symmetry_2 
_ndb_struct_na_base_pair_step.j_label_asym_id_2 
_ndb_struct_na_base_pair_step.j_label_comp_id_2 
_ndb_struct_na_base_pair_step.j_label_seq_id_2 
_ndb_struct_na_base_pair_step.j_symmetry_2 
_ndb_struct_na_base_pair_step.shift 
_ndb_struct_na_base_pair_step.slide 
_ndb_struct_na_base_pair_step.rise 
_ndb_struct_na_base_pair_step.tilt 
_ndb_struct_na_base_pair_step.roll 
_ndb_struct_na_base_pair_step.twist 
_ndb_struct_na_base_pair_step.x_displacement 
_ndb_struct_na_base_pair_step.y_displacement 
_ndb_struct_na_base_pair_step.helical_rise 
_ndb_struct_na_base_pair_step.inclination 
_ndb_struct_na_base_pair_step.tip 
_ndb_struct_na_base_pair_step.helical_twist 
_ndb_struct_na_base_pair_step.step_number 
_ndb_struct_na_base_pair_step.step_name 
_ndb_struct_na_base_pair_step.i_auth_asym_id_1 
_ndb_struct_na_base_pair_step.i_auth_seq_id_1 
_ndb_struct_na_base_pair_step.i_PDB_ins_code_1 
_ndb_struct_na_base_pair_step.j_auth_asym_id_1 
_ndb_struct_na_base_pair_step.j_auth_seq_id_1 
_ndb_struct_na_base_pair_step.j_PDB_ins_code_1 
_ndb_struct_na_base_pair_step.i_auth_asym_id_2 
_ndb_struct_na_base_pair_step.i_auth_seq_id_2 
_ndb_struct_na_base_pair_step.i_PDB_ins_code_2 
_ndb_struct_na_base_pair_step.j_auth_asym_id_2 
_ndb_struct_na_base_pair_step.j_auth_seq_id_2 
_ndb_struct_na_base_pair_step.j_PDB_ins_code_2 
1 A DC 1 1_555 B DG 10 1_555 A DT 2  1_555 B DA 9 1_555 -0.514 -0.146 3.365 -0.874 -1.921 35.663 0.048  0.708  3.379 -3.134 1.426  
35.723 1  AA_DC1DT2:DA9DG10_BB A 1 ? B 10 ? A 2  ? B 9 ? 
1 A DT 2 1_555 B DA 9  1_555 A DA 3  1_555 B DT 8 1_555 0.369  0.193  3.766 5.167  1.114  45.955 0.136  0.040  3.787 1.421  -6.592 
46.242 2  AA_DT2DA3:DT8DA9_BB  A 2 ? B 9  ? A 3  ? B 8 ? 
1 A DA 3 1_555 B DT 8  1_555 A DA 4  1_555 B DT 7 1_555 -0.311 0.539  2.891 -1.786 -1.269 29.591 1.288  0.275  2.879 -2.479 3.491  
29.670 3  AA_DA3DA4:DT7DT8_BB  A 3 ? B 8  ? A 4  ? B 7 ? 
1 A DA 4 1_555 B DT 7  1_555 C DC 5  1_555 B DG 6 1_555 1.183  -1.109 3.276 -1.136 -0.701 26.943 -2.198 -2.825 3.252 -1.502 2.437  
26.976 4  AC_DA4DC5:DG6DT7_BB  A 4 ? B 7  ? C 5  ? B 6 ? 
1 C DC 5 1_555 B DG 6  1_555 C DC 6  1_555 B DG 5 1_555 -0.054 -1.070 3.408 3.586  0.829  46.572 -1.421 0.379  3.377 1.047  -4.527 
46.709 5  CC_DC5DC6:DG5DG6_BB  C 5 ? B 6  ? C 6  ? B 5 ? 
1 C DC 6 1_555 B DG 5  1_555 C DC 7  1_555 B DG 4 1_555 0.456  0.100  3.385 1.741  -0.472 34.131 0.248  -0.490 3.402 -0.804 -2.964 
34.177 6  CC_DC6DC7:DG4DG5_BB  C 6 ? B 5  ? C 7  ? B 4 ? 
1 C DC 7 1_555 B DG 4  1_555 C DT 8  1_555 B DA 3 1_555 -0.428 0.315  3.059 0.405  4.408  25.477 -0.452 1.063  3.062 9.899  -0.909 
25.852 7  CC_DC7DT8:DA3DG4_BB  C 7 ? B 4  ? C 8  ? B 3 ? 
1 C DT 8 1_555 B DA 3  1_555 C DA 9  1_555 B DT 2 1_555 0.200  1.779  3.311 0.836  -1.694 43.978 2.534  -0.188 3.246 -2.261 -1.116 
44.017 8  CC_DT8DA9:DT2DA3_BB  C 8 ? B 3  ? C 9  ? B 2 ? 
1 C DA 9 1_555 B DT 2  1_555 C DA 10 1_555 B DT 1 1_555 -0.151 0.297  3.167 -5.235 -2.298 35.226 0.807  -0.488 3.131 -3.767 8.580  
35.673 9  CC_DA9DA10:DT1DT2_BB C 9 ? B 2  ? C 10 ? B 1 ? 
1 C DC 1 1_555 D DG 10 1_555 C DT 2  1_555 D DA 9 1_555 -0.348 0.120  3.394 1.138  8.867  39.908 -0.843 0.629  3.334 12.797 -1.643 
40.857 10 CC_DC1DT2:DA9DG10_DD C 1 ? D 10 ? C 2  ? D 9 ? 
1 C DT 2 1_555 D DA 9  1_555 C DA 3  1_555 D DT 8 1_555 -0.073 0.858  3.921 4.928  4.530  43.416 0.628  0.663  3.956 6.081  -6.614 
43.904 11 CC_DT2DA3:DT8DA9_DD  C 2 ? D 9  ? C 3  ? D 8 ? 
1 C DA 3 1_555 D DT 8  1_555 C DA 4  1_555 D DT 7 1_555 -0.431 0.132  2.730 -7.859 3.697  28.260 -0.413 -0.584 2.742 7.355  15.636 
29.539 12 CC_DA3DA4:DT7DT8_DD  C 3 ? D 8  ? C 4  ? D 7 ? 
1 C DA 4 1_555 D DT 7  1_555 A DC 5  1_555 D DG 6 1_555 1.174  -0.528 2.945 0.372  -5.788 33.531 -0.057 -1.953 3.004 -9.940 -0.638 
34.015 13 CA_DA4DC5:DG6DT7_DD  C 4 ? D 7  ? A 5  ? D 6 ? 
1 A DC 5 1_555 D DG 6  1_555 A DC 6  1_555 D DG 5 1_555 -0.190 -0.843 3.800 3.606  0.583  42.904 -1.216 0.671  3.761 0.795  -4.919 
43.052 14 AA_DC5DC6:DG5DG6_DD  A 5 ? D 6  ? A 6  ? D 5 ? 
1 A DC 6 1_555 D DG 5  1_555 A DC 7  1_555 D DG 4 1_555 0.165  -0.013 3.452 -0.354 2.859  34.176 -0.496 -0.339 3.438 4.855  0.601  
34.294 15 AA_DC6DC7:DG4DG5_DD  A 6 ? D 5  ? A 7  ? D 4 ? 
1 A DC 7 1_555 D DG 4  1_555 A DT 8  1_555 D DA 3 1_555 -0.095 0.312  3.010 1.733  7.690  32.306 -0.654 0.436  2.994 13.569 -3.059 
33.229 16 AA_DC7DT8:DA3DG4_DD  A 7 ? D 4  ? A 8  ? D 3 ? 
1 A DT 8 1_555 D DA 3  1_555 A DA 9  1_555 D DT 2 1_555 0.576  2.289  3.048 0.608  -4.191 36.736 4.115  -0.835 2.788 -6.623 -0.961 
36.971 17 AA_DT8DA9:DT2DA3_DD  A 8 ? D 3  ? A 9  ? D 2 ? 
1 A DA 9 1_555 D DT 2  1_555 A DA 10 1_555 D DT 1 1_555 -0.992 0.467  3.376 -3.147 0.928  44.202 0.530  1.010  3.444 1.231  4.175  
44.317 18 AA_DA9DA10:DT1DT2_DD A 9 ? D 2  ? A 10 ? D 1 ? 
1 E DC 1 1_555 F DG 10 1_555 E DT 2  1_555 F DA 9 1_555 -0.440 0.331  3.481 -1.113 6.643  39.850 -0.323 0.503  3.500 9.662  1.619  
40.392 19 EE_DC1DT2:DA9DG10_FF E 1 ? F 10 ? E 2  ? F 9 ? 
1 E DT 2 1_555 F DA 9  1_555 E DA 3  1_555 F DT 8 1_555 0.466  0.775  4.040 3.640  6.509  45.834 0.291  -0.204 4.131 8.292  -4.637 
46.404 20 EE_DT2DA3:DT8DA9_FF  E 2 ? F 9  ? E 3  ? F 8 ? 
1 E DA 3 1_555 F DT 8  1_555 E DA 4  1_555 F DT 7 1_555 -0.200 0.198  2.609 -4.294 -0.673 30.955 0.470  -0.280 2.608 -1.254 7.995  
31.251 21 EE_DA3DA4:DT7DT8_FF  E 3 ? F 8  ? E 4  ? F 7 ? 
1 E DA 4 1_555 F DT 7  1_555 G DC 5  1_555 F DG 6 1_555 0.680  -1.010 2.928 -0.441 -1.443 29.355 -1.712 -1.425 2.962 -2.846 0.869  
29.393 22 EG_DA4DC5:DG6DT7_FF  E 4 ? F 7  ? G 5  ? F 6 ? 
1 G DC 5 1_555 F DG 6  1_555 G DC 6  1_555 F DG 5 1_555 -0.044 -0.928 3.746 0.750  2.229  43.118 -1.510 0.143  3.695 3.031  -1.020 
43.179 23 GG_DC5DC6:DG5DG6_FF  G 5 ? F 6  ? G 6  ? F 5 ? 
1 G DC 6 1_555 F DG 5  1_555 G DC 7  1_555 F DG 4 1_555 0.137  0.030  3.422 1.209  -3.200 32.854 0.621  -0.027 3.407 -5.638 -2.131 
33.027 24 GG_DC6DC7:DG4DG5_FF  G 6 ? F 5  ? G 7  ? F 4 ? 
1 G DC 7 1_555 F DG 4  1_555 G DT 8  1_555 F DA 3 1_555 -0.392 0.159  3.172 3.384  7.124  31.445 -0.933 1.281  3.075 12.893 -6.124 
32.395 25 GG_DC7DT8:DA3DG4_FF  G 7 ? F 4  ? G 8  ? F 3 ? 
1 G DT 8 1_555 F DA 3  1_555 G DA 9  1_555 F DT 2 1_555 0.582  1.895  3.279 -0.817 -2.454 39.443 3.086  -0.955 3.148 -3.632 1.209  
39.524 26 GG_DT8DA9:DT2DA3_FF  G 8 ? F 3  ? G 9  ? F 2 ? 
1 G DA 9 1_555 F DT 2  1_555 G DA 10 1_555 F DT 1 1_555 -0.834 0.568  3.029 -6.590 -1.798 43.830 0.910  0.529  3.092 -2.391 8.765  
44.333 27 GG_DA9DA10:DT1DT2_FF G 9 ? F 2  ? G 10 ? F 1 ? 
1 G DC 1 1_555 H DG 10 1_555 G DT 2  1_555 H DA 9 1_555 -0.103 -0.178 3.202 4.474  3.758  38.331 -0.717 0.689  3.140 5.684  -6.765 
38.757 28 GG_DC1DT2:DA9DG10_HH G 1 ? H 10 ? G 2  ? H 9 ? 
1 G DT 2 1_555 H DA 9  1_555 G DA 3  1_555 H DT 8 1_555 0.028  0.231  3.821 4.338  2.531  39.470 -0.005 0.548  3.810 3.730  -6.391 
39.776 29 GG_DT2DA3:DT8DA9_HH  G 2 ? H 9  ? G 3  ? H 8 ? 
1 G DA 3 1_555 H DT 8  1_555 G DA 4  1_555 H DT 7 1_555 -0.449 0.198  2.878 -5.362 -0.846 30.185 0.523  -0.092 2.906 -1.609 10.193 
30.658 30 GG_DA3DA4:DT7DT8_HH  G 3 ? H 8  ? G 4  ? H 7 ? 
1 G DA 4 1_555 H DT 7  1_555 E DC 5  1_555 H DG 6 1_555 1.141  -0.772 3.212 0.364  -3.356 33.350 -0.789 -1.918 3.284 -5.829 -0.633 
33.516 31 GE_DA4DC5:DG6DT7_HH  G 4 ? H 7  ? E 5  ? H 6 ? 
1 E DC 5 1_555 H DG 6  1_555 E DC 6  1_555 H DG 5 1_555 -0.105 -1.209 3.580 3.283  1.107  43.497 -1.742 0.484  3.533 1.491  -4.422 
43.628 32 EE_DC5DC6:DG5DG6_HH  E 5 ? H 6  ? E 6  ? H 5 ? 
1 E DC 6 1_555 H DG 5  1_555 E DC 7  1_555 H DG 4 1_555 0.406  0.277  3.272 4.497  0.563  34.089 0.380  0.022  3.301 0.955  -7.630 
34.380 33 EE_DC6DC7:DG4DG5_HH  E 6 ? H 5  ? E 7  ? H 4 ? 
1 E DC 7 1_555 H DG 4  1_555 E DT 8  1_555 H DA 3 1_555 -0.230 0.416  3.175 -3.359 5.207  24.758 -0.528 -0.427 3.196 11.907 7.681  
25.510 34 EE_DC7DT8:DA3DG4_HH  E 7 ? H 4  ? E 8  ? H 3 ? 
1 E DT 8 1_555 H DA 3  1_555 E DA 9  1_555 H DT 2 1_555 -0.070 1.874  3.100 -0.723 -2.111 40.387 2.931  0.026  3.003 -3.055 1.046  
40.446 35 EE_DT8DA9:DT2DA3_HH  E 8 ? H 3  ? E 9  ? H 2 ? 
1 E DA 9 1_555 H DT 2  1_555 E DA 10 1_555 H DT 1 1_555 -0.470 0.044  3.346 -2.916 -2.328 37.678 0.375  0.340  3.363 -3.594 4.501  
37.856 36 EE_DA9DA10:DT1DT2_HH E 9 ? H 2  ? E 10 ? H 1 ? 
# 
_pdbx_initial_refinement_model.id               1 
_pdbx_initial_refinement_model.entity_id_list   ? 
_pdbx_initial_refinement_model.type             'experimental model' 
_pdbx_initial_refinement_model.source_name      PDB 
_pdbx_initial_refinement_model.accession_code   3HS1 
_pdbx_initial_refinement_model.details          ? 
# 
_atom_sites.entry_id                    6GDH 
_atom_sites.fract_transf_matrix[1][1]   0.04095416 
_atom_sites.fract_transf_matrix[1][2]   -0.01916164 
_atom_sites.fract_transf_matrix[1][3]   -0.00053189 
_atom_sites.fract_transf_matrix[2][1]   0.02263038 
_atom_sites.fract_transf_matrix[2][2]   0.01986954 
_atom_sites.fract_transf_matrix[2][3]   0.01311961 
_atom_sites.fract_transf_matrix[3][1]   -0.00052833 
_atom_sites.fract_transf_matrix[3][2]   -0.00340912 
_atom_sites.fract_transf_matrix[3][3]   0.01169062 
_atom_sites.fract_transf_vector[1]      -0.171559 
_atom_sites.fract_transf_vector[2]      -0.058773 
_atom_sites.fract_transf_vector[3]      -0.004362 
# 
loop_
_atom_type.symbol 
C 
N 
O 
P 
# 
loop_
_atom_site.group_PDB 
_atom_site.id 
_atom_site.type_symbol 
_atom_site.label_atom_id 
_atom_site.label_alt_id 
_atom_site.label_comp_id 
_atom_site.label_asym_id 
_atom_site.label_entity_id 
_atom_site.label_seq_id 
_atom_site.pdbx_PDB_ins_code 
_atom_site.Cartn_x 
_atom_site.Cartn_y 
_atom_site.Cartn_z 
_atom_site.occupancy 
_atom_site.B_iso_or_equiv 
_atom_site.pdbx_formal_charge 
_atom_site.auth_seq_id 
_atom_site.auth_comp_id 
_atom_site.auth_asym_id 
_atom_site.auth_atom_id 
_atom_site.pdbx_PDB_model_num 
ATOM 1    O "O5'" . DC A 1 1  ? 12.910  -5.171  8.446   1.00 38.42 ? 1  DC A "O5'" 1 
ATOM 2    C "C5'" . DC A 1 1  ? 12.303  -6.482  8.234   1.00 37.67 ? 1  DC A "C5'" 1 
ATOM 3    C "C4'" . DC A 1 1  ? 11.195  -6.787  9.221   1.00 34.64 ? 1  DC A "C4'" 1 
ATOM 4    O "O4'" . DC A 1 1  ? 10.463  -5.580  9.577   1.00 31.16 ? 1  DC A "O4'" 1 
ATOM 5    C "C3'" . DC A 1 1  ? 10.127  -7.749  8.699   1.00 31.99 ? 1  DC A "C3'" 1 
ATOM 6    O "O3'" . DC A 1 1  ? 9.546   -8.401  9.853   1.00 33.62 ? 1  DC A "O3'" 1 
ATOM 7    C "C2'" . DC A 1 1  ? 9.163   -6.771  8.061   1.00 30.04 ? 1  DC A "C2'" 1 
ATOM 8    C "C1'" . DC A 1 1  ? 9.113   -5.766  9.205   1.00 27.92 ? 1  DC A "C1'" 1 
ATOM 9    N N1    . DC A 1 1  ? 8.505   -4.442  9.019   1.00 24.47 ? 1  DC A N1    1 
ATOM 10   C C2    . DC A 1 1  ? 8.154   -3.685  10.164  1.00 22.60 ? 1  DC A C2    1 
ATOM 11   O O2    . DC A 1 1  ? 8.350   -4.165  11.294  1.00 21.85 ? 1  DC A O2    1 
ATOM 12   N N3    . DC A 1 1  ? 7.597   -2.457  9.999   1.00 21.13 ? 1  DC A N3    1 
ATOM 13   C C4    . DC A 1 1  ? 7.409   -1.965  8.767   1.00 23.07 ? 1  DC A C4    1 
ATOM 14   N N4    . DC A 1 1  ? 6.864   -0.750  8.651   1.00 23.28 ? 1  DC A N4    1 
ATOM 15   C C5    . DC A 1 1  ? 7.770   -2.704  7.592   1.00 24.36 ? 1  DC A C5    1 
ATOM 16   C C6    . DC A 1 1  ? 8.305   -3.929  7.764   1.00 23.97 ? 1  DC A C6    1 
ATOM 17   P P     . DT A 1 2  ? 8.590   -9.735  9.762   1.00 39.96 ? 2  DT A P     1 
ATOM 18   O OP1   . DT A 1 2  ? 9.262   -10.790 8.972   1.00 41.12 ? 2  DT A OP1   1 
ATOM 19   O OP2   . DT A 1 2  ? 7.174   -9.355  9.465   1.00 33.11 ? 2  DT A OP2   1 
ATOM 20   O "O5'" . DT A 1 2  ? 8.768   -10.339 11.217  1.00 34.38 ? 2  DT A "O5'" 1 
ATOM 21   C "C5'" . DT A 1 2  ? 7.654   -10.721 11.993  1.00 30.56 ? 2  DT A "C5'" 1 
ATOM 22   C "C4'" . DT A 1 2  ? 7.531   -9.833  13.207  1.00 26.87 ? 2  DT A "C4'" 1 
ATOM 23   O "O4'" . DT A 1 2  ? 7.409   -8.446  12.816  1.00 23.98 ? 2  DT A "O4'" 1 
ATOM 24   C "C3'" . DT A 1 2  ? 6.266   -10.154 13.989  1.00 25.80 ? 2  DT A "C3'" 1 
ATOM 25   O "O3'" . DT A 1 2  ? 6.460   -10.099 15.400  1.00 26.07 ? 2  DT A "O3'" 1 
ATOM 26   C "C2'" . DT A 1 2  ? 5.267   -9.144  13.450  1.00 24.03 ? 2  DT A "C2'" 1 
ATOM 27   C "C1'" . DT A 1 2  ? 6.146   -7.934  13.246  1.00 21.26 ? 2  DT A "C1'" 1 
ATOM 28   N N1    . DT A 1 2  ? 5.670   -6.935  12.243  1.00 17.45 ? 2  DT A N1    1 
ATOM 29   C C2    . DT A 1 2  ? 5.150   -5.731  12.691  1.00 16.57 ? 2  DT A C2    1 
ATOM 30   O O2    . DT A 1 2  ? 5.018   -5.455  13.874  1.00 17.96 ? 2  DT A O2    1 
ATOM 31   N N3    . DT A 1 2  ? 4.769   -4.861  11.687  1.00 14.60 ? 2  DT A N3    1 
ATOM 32   C C4    . DT A 1 2  ? 4.869   -5.066  10.319  1.00 13.58 ? 2  DT A C4    1 
ATOM 33   O O4    . DT A 1 2  ? 4.500   -4.195  9.540   1.00 12.71 ? 2  DT A O4    1 
ATOM 34   C C5    . DT A 1 2  ? 5.444   -6.334  9.924   1.00 14.11 ? 2  DT A C5    1 
ATOM 35   C C7    . DT A 1 2  ? 5.577   -6.642  8.467   1.00 14.61 ? 2  DT A C7    1 
ATOM 36   C C6    . DT A 1 2  ? 5.795   -7.200  10.890  1.00 15.53 ? 2  DT A C6    1 
ATOM 37   P P     . DA A 1 3  ? 5.267   -10.558 16.330  1.00 29.71 ? 3  DA A P     1 
ATOM 38   O OP1   . DA A 1 3  ? 5.816   -10.982 17.642  1.00 31.32 ? 3  DA A OP1   1 
ATOM 39   O OP2   . DA A 1 3  ? 4.407   -11.500 15.555  1.00 30.21 ? 3  DA A OP2   1 
ATOM 40   O "O5'" . DA A 1 3  ? 4.395   -9.235  16.461  1.00 27.60 ? 3  DA A "O5'" 1 
ATOM 41   C "C5'" . DA A 1 3  ? 4.907   -8.030  17.051  1.00 26.57 ? 3  DA A "C5'" 1 
ATOM 42   C "C4'" . DA A 1 3  ? 3.782   -7.159  17.569  1.00 26.45 ? 3  DA A "C4'" 1 
ATOM 43   O "O4'" . DA A 1 3  ? 3.232   -6.319  16.525  1.00 24.37 ? 3  DA A "O4'" 1 
ATOM 44   C "C3'" . DA A 1 3  ? 2.583   -7.905  18.155  1.00 26.73 ? 3  DA A "C3'" 1 
ATOM 45   O "O3'" . DA A 1 3  ? 2.067   -7.136  19.239  1.00 30.34 ? 3  DA A "O3'" 1 
ATOM 46   C "C2'" . DA A 1 3  ? 1.642   -8.029  16.968  1.00 24.78 ? 3  DA A "C2'" 1 
ATOM 47   C "C1'" . DA A 1 3  ? 1.889   -6.728  16.210  1.00 23.79 ? 3  DA A "C1'" 1 
ATOM 48   N N9    . DA A 1 3  ? 1.793   -6.803  14.753  1.00 20.57 ? 3  DA A N9    1 
ATOM 49   C C8    . DA A 1 3  ? 2.232   -7.813  13.930  1.00 19.99 ? 3  DA A C8    1 
ATOM 50   N N7    . DA A 1 3  ? 2.122   -7.542  12.651  1.00 18.69 ? 3  DA A N7    1 
ATOM 51   C C5    . DA A 1 3  ? 1.584   -6.264  12.628  1.00 17.63 ? 3  DA A C5    1 
ATOM 52   C C6    . DA A 1 3  ? 1.212   -5.407  11.565  1.00 16.53 ? 3  DA A C6    1 
ATOM 53   N N6    . DA A 1 3  ? 1.350   -5.732  10.277  1.00 15.46 ? 3  DA A N6    1 
ATOM 54   N N1    . DA A 1 3  ? 0.687   -4.194  11.883  1.00 16.62 ? 3  DA A N1    1 
ATOM 55   C C2    . DA A 1 3  ? 0.573   -3.861  13.187  1.00 17.43 ? 3  DA A C2    1 
ATOM 56   N N3    . DA A 1 3  ? 0.891   -4.586  14.275  1.00 18.26 ? 3  DA A N3    1 
ATOM 57   C C4    . DA A 1 3  ? 1.395   -5.787  13.919  1.00 18.47 ? 3  DA A C4    1 
ATOM 58   P P     . DA A 1 4  ? 0.891   -7.684  20.159  1.00 36.99 ? 4  DA A P     1 
ATOM 59   O OP1   . DA A 1 4  ? 1.130   -7.175  21.537  1.00 35.26 ? 4  DA A OP1   1 
ATOM 60   O OP2   . DA A 1 4  ? 0.681   -9.151  19.896  1.00 35.18 ? 4  DA A OP2   1 
ATOM 61   O "O5'" . DA A 1 4  ? -0.365  -6.911  19.567  1.00 33.79 ? 4  DA A "O5'" 1 
ATOM 62   C "C5'" . DA A 1 4  ? -0.436  -5.487  19.688  1.00 31.84 ? 4  DA A "C5'" 1 
ATOM 63   C "C4'" . DA A 1 4  ? -1.667  -4.981  18.977  1.00 30.28 ? 4  DA A "C4'" 1 
ATOM 64   O "O4'" . DA A 1 4  ? -1.535  -5.229  17.555  1.00 28.48 ? 4  DA A "O4'" 1 
ATOM 65   C "C3'" . DA A 1 4  ? -2.971  -5.664  19.405  1.00 31.27 ? 4  DA A "C3'" 1 
ATOM 66   O "O3'" . DA A 1 4  ? -4.016  -4.688  19.553  1.00 37.53 ? 4  DA A "O3'" 1 
ATOM 67   C "C2'" . DA A 1 4  ? -3.254  -6.614  18.247  1.00 28.57 ? 4  DA A "C2'" 1 
ATOM 68   C "C1'" . DA A 1 4  ? -2.752  -5.780  17.086  1.00 25.92 ? 4  DA A "C1'" 1 
ATOM 69   N N9    . DA A 1 4  ? -2.474  -6.452  15.821  1.00 22.41 ? 4  DA A N9    1 
ATOM 70   C C8    . DA A 1 4  ? -2.065  -7.745  15.589  1.00 21.67 ? 4  DA A C8    1 
ATOM 71   N N7    . DA A 1 4  ? -1.855  -8.016  14.322  1.00 20.07 ? 4  DA A N7    1 
ATOM 72   C C5    . DA A 1 4  ? -2.149  -6.825  13.675  1.00 19.26 ? 4  DA A C5    1 
ATOM 73   C C6    . DA A 1 4  ? -2.100  -6.444  12.315  1.00 18.22 ? 4  DA A C6    1 
ATOM 74   N N6    . DA A 1 4  ? -1.748  -7.272  11.329  1.00 17.64 ? 4  DA A N6    1 
ATOM 75   N N1    . DA A 1 4  ? -2.452  -5.171  12.001  1.00 18.13 ? 4  DA A N1    1 
ATOM 76   C C2    . DA A 1 4  ? -2.800  -4.333  13.001  1.00 18.94 ? 4  DA A C2    1 
ATOM 77   N N3    . DA A 1 4  ? -2.843  -4.567  14.321  1.00 19.32 ? 4  DA A N3    1 
ATOM 78   C C4    . DA A 1 4  ? -2.508  -5.845  14.592  1.00 20.08 ? 4  DA A C4    1 
ATOM 79   P P     . DC A 1 5  ? -4.101  -3.724  20.842  1.00 40.26 ? 5  DC A P     1 
ATOM 80   O OP1   . DC A 1 5  ? -5.193  -2.739  20.587  1.00 36.25 ? 5  DC A OP1   1 
ATOM 81   O OP2   . DC A 1 5  ? -2.735  -3.244  21.181  1.00 37.52 ? 5  DC A OP2   1 
ATOM 82   O "O5'" . DC A 1 5  ? -4.546  -4.743  21.974  1.00 36.49 ? 5  DC A "O5'" 1 
ATOM 83   C "C5'" . DC A 1 5  ? -5.889  -5.241  21.969  1.00 38.94 ? 5  DC A "C5'" 1 
ATOM 84   C "C4'" . DC A 1 5  ? -6.230  -5.831  23.315  1.00 39.03 ? 5  DC A "C4'" 1 
ATOM 85   O "O4'" . DC A 1 5  ? -5.795  -7.201  23.320  1.00 38.90 ? 5  DC A "O4'" 1 
ATOM 86   C "C3'" . DC A 1 5  ? -5.521  -5.213  24.514  1.00 40.83 ? 5  DC A "C3'" 1 
ATOM 87   O "O3'" . DC A 1 5  ? -5.994  -3.881  24.769  1.00 45.32 ? 5  DC A "O3'" 1 
ATOM 88   C "C2'" . DC A 1 5  ? -5.602  -6.336  25.525  1.00 39.45 ? 5  DC A "C2'" 1 
ATOM 89   C "C1'" . DC A 1 5  ? -5.358  -7.545  24.630  1.00 38.40 ? 5  DC A "C1'" 1 
ATOM 90   N N1    . DC A 1 5  ? -3.941  -7.962  24.572  1.00 36.74 ? 5  DC A N1    1 
ATOM 91   C C2    . DC A 1 5  ? -3.426  -8.680  25.663  1.00 38.01 ? 5  DC A C2    1 
ATOM 92   O O2    . DC A 1 5  ? -4.178  -8.962  26.605  1.00 43.88 ? 5  DC A O2    1 
ATOM 93   N N3    . DC A 1 5  ? -2.119  -9.050  25.657  1.00 36.15 ? 5  DC A N3    1 
ATOM 94   C C4    . DC A 1 5  ? -1.339  -8.737  24.618  1.00 35.31 ? 5  DC A C4    1 
ATOM 95   N N4    . DC A 1 5  ? -0.066  -9.139  24.648  1.00 36.14 ? 5  DC A N4    1 
ATOM 96   C C5    . DC A 1 5  ? -1.834  -8.005  23.495  1.00 36.80 ? 5  DC A C5    1 
ATOM 97   C C6    . DC A 1 5  ? -3.128  -7.627  23.521  1.00 37.80 ? 5  DC A C6    1 
ATOM 98   P P     . DC A 1 6  ? -7.096  -3.559  25.876  1.00 43.38 ? 6  DC A P     1 
ATOM 99   O OP1   . DC A 1 6  ? -8.310  -4.344  25.547  1.00 43.10 ? 6  DC A OP1   1 
ATOM 100  O OP2   . DC A 1 6  ? -7.191  -2.085  25.945  1.00 40.57 ? 6  DC A OP2   1 
ATOM 101  O "O5'" . DC A 1 6  ? -6.427  -4.130  27.206  1.00 43.26 ? 6  DC A "O5'" 1 
ATOM 102  C "C5'" . DC A 1 6  ? -7.096  -5.117  28.014  1.00 44.34 ? 6  DC A "C5'" 1 
ATOM 103  C "C4'" . DC A 1 6  ? -6.258  -5.487  29.214  1.00 45.31 ? 6  DC A "C4'" 1 
ATOM 104  O "O4'" . DC A 1 6  ? -5.006  -6.091  28.822  1.00 43.57 ? 6  DC A "O4'" 1 
ATOM 105  C "C3'" . DC A 1 6  ? -5.904  -4.303  30.112  1.00 48.08 ? 6  DC A "C3'" 1 
ATOM 106  O "O3'" . DC A 1 6  ? -6.283  -4.655  31.443  1.00 52.51 ? 6  DC A "O3'" 1 
ATOM 107  C "C2'" . DC A 1 6  ? -4.409  -4.122  29.924  1.00 46.73 ? 6  DC A "C2'" 1 
ATOM 108  C "C1'" . DC A 1 6  ? -3.949  -5.514  29.551  1.00 45.85 ? 6  DC A "C1'" 1 
ATOM 109  N N1    . DC A 1 6  ? -2.752  -5.539  28.697  1.00 49.83 ? 6  DC A N1    1 
ATOM 110  C C2    . DC A 1 6  ? -1.606  -6.260  29.112  1.00 53.75 ? 6  DC A C2    1 
ATOM 111  O O2    . DC A 1 6  ? -1.627  -6.863  30.198  1.00 57.40 ? 6  DC A O2    1 
ATOM 112  N N3    . DC A 1 6  ? -0.510  -6.283  28.305  1.00 54.71 ? 6  DC A N3    1 
ATOM 113  C C4    . DC A 1 6  ? -0.520  -5.616  27.140  1.00 55.20 ? 6  DC A C4    1 
ATOM 114  N N4    . DC A 1 6  ? 0.586   -5.651  26.391  1.00 53.36 ? 6  DC A N4    1 
ATOM 115  C C5    . DC A 1 6  ? -1.666  -4.874  26.700  1.00 54.60 ? 6  DC A C5    1 
ATOM 116  C C6    . DC A 1 6  ? -2.749  -4.866  27.500  1.00 52.80 ? 6  DC A C6    1 
ATOM 117  P P     . DC A 1 7  ? -6.288  -3.581  32.616  1.00 52.16 ? 7  DC A P     1 
ATOM 118  O OP1   . DC A 1 7  ? -7.275  -4.049  33.629  1.00 51.08 ? 7  DC A OP1   1 
ATOM 119  O OP2   . DC A 1 7  ? -6.404  -2.215  32.025  1.00 50.79 ? 7  DC A OP2   1 
ATOM 120  O "O5'" . DC A 1 7  ? -4.847  -3.779  33.255  1.00 48.82 ? 7  DC A "O5'" 1 
ATOM 121  C "C5'" . DC A 1 7  ? -4.509  -5.061  33.815  1.00 51.18 ? 7  DC A "C5'" 1 
ATOM 122  C "C4'" . DC A 1 7  ? -3.149  -5.017  34.469  1.00 52.53 ? 7  DC A "C4'" 1 
ATOM 123  O "O4'" . DC A 1 7  ? -2.116  -5.085  33.457  1.00 50.51 ? 7  DC A "O4'" 1 
ATOM 124  C "C3'" . DC A 1 7  ? -2.877  -3.743  35.268  1.00 55.75 ? 7  DC A "C3'" 1 
ATOM 125  O "O3'" . DC A 1 7  ? -2.227  -4.077  36.490  1.00 59.87 ? 7  DC A "O3'" 1 
ATOM 126  C "C2'" . DC A 1 7  ? -2.025  -2.911  34.326  1.00 53.39 ? 7  DC A "C2'" 1 
ATOM 127  C "C1'" . DC A 1 7  ? -1.241  -3.982  33.590  1.00 50.61 ? 7  DC A "C1'" 1 
ATOM 128  N N1    . DC A 1 7  ? -0.745  -3.631  32.238  1.00 48.36 ? 7  DC A N1    1 
ATOM 129  C C2    . DC A 1 7  ? 0.559   -4.029  31.855  1.00 46.84 ? 7  DC A C2    1 
ATOM 130  O O2    . DC A 1 7  ? 1.266   -4.648  32.663  1.00 45.79 ? 7  DC A O2    1 
ATOM 131  N N3    . DC A 1 7  ? 1.011   -3.706  30.615  1.00 45.02 ? 7  DC A N3    1 
ATOM 132  C C4    . DC A 1 7  ? 0.220   -3.037  29.764  1.00 46.17 ? 7  DC A C4    1 
ATOM 133  N N4    . DC A 1 7  ? 0.705   -2.753  28.553  1.00 46.53 ? 7  DC A N4    1 
ATOM 134  C C5    . DC A 1 7  ? -1.110  -2.635  30.122  1.00 46.23 ? 7  DC A C5    1 
ATOM 135  C C6    . DC A 1 7  ? -1.546  -2.950  31.356  1.00 47.25 ? 7  DC A C6    1 
ATOM 136  P P     . DT A 1 8  ? -1.989  -2.974  37.630  1.00 65.23 ? 8  DT A P     1 
ATOM 137  O OP1   . DT A 1 8  ? -2.607  -3.483  38.877  1.00 63.62 ? 8  DT A OP1   1 
ATOM 138  O OP2   . DT A 1 8  ? -2.383  -1.623  37.114  1.00 61.22 ? 8  DT A OP2   1 
ATOM 139  O "O5'" . DT A 1 8  ? -0.404  -2.956  37.792  1.00 60.99 ? 8  DT A "O5'" 1 
ATOM 140  C "C5'" . DT A 1 8  ? 0.457   -4.069  37.433  1.00 62.02 ? 8  DT A "C5'" 1 
ATOM 141  C "C4'" . DT A 1 8  ? 1.909   -3.643  37.406  1.00 65.75 ? 8  DT A "C4'" 1 
ATOM 142  O "O4'" . DT A 1 8  ? 2.299   -3.331  36.045  1.00 66.32 ? 8  DT A "O4'" 1 
ATOM 143  C "C3'" . DT A 1 8  ? 2.234   -2.382  38.209  1.00 68.38 ? 8  DT A "C3'" 1 
ATOM 144  O "O3'" . DT A 1 8  ? 3.599   -2.359  38.642  1.00 70.04 ? 8  DT A "O3'" 1 
ATOM 145  C "C2'" . DT A 1 8  ? 1.983   -1.296  37.184  1.00 67.82 ? 8  DT A "C2'" 1 
ATOM 146  C "C1'" . DT A 1 8  ? 2.621   -1.948  35.961  1.00 65.50 ? 8  DT A "C1'" 1 
ATOM 147  N N1    . DT A 1 8  ? 2.233   -1.465  34.614  1.00 61.41 ? 8  DT A N1    1 
ATOM 148  C C2    . DT A 1 8  ? 3.104   -1.710  33.565  1.00 63.64 ? 8  DT A C2    1 
ATOM 149  O O2    . DT A 1 8  ? 4.164   -2.305  33.697  1.00 70.87 ? 8  DT A O2    1 
ATOM 150  N N3    . DT A 1 8  ? 2.679   -1.231  32.342  1.00 63.42 ? 8  DT A N3    1 
ATOM 151  C C4    . DT A 1 8  ? 1.500   -0.548  32.071  1.00 63.19 ? 8  DT A C4    1 
ATOM 152  O O4    . DT A 1 8  ? 1.253   -0.187  30.922  1.00 59.83 ? 8  DT A O4    1 
ATOM 153  C C5    . DT A 1 8  ? 0.634   -0.326  33.221  1.00 62.36 ? 8  DT A C5    1 
ATOM 154  C C7    . DT A 1 8  ? -0.663  0.396   33.027  1.00 62.67 ? 8  DT A C7    1 
ATOM 155  C C6    . DT A 1 8  ? 1.039   -0.790  34.415  1.00 61.43 ? 8  DT A C6    1 
ATOM 156  P P     . DA A 1 9  ? 4.002   -1.660  40.025  1.00 71.31 ? 9  DA A P     1 
ATOM 157  O OP1   . DA A 1 9  ? 3.486   -2.515  41.121  1.00 71.55 ? 9  DA A OP1   1 
ATOM 158  O OP2   . DA A 1 9  ? 3.606   -0.225  39.973  1.00 67.05 ? 9  DA A OP2   1 
ATOM 159  O "O5'" . DA A 1 9  ? 5.587   -1.777  40.009  1.00 66.76 ? 9  DA A "O5'" 1 
ATOM 160  C "C5'" . DA A 1 9  ? 6.238   -3.034  39.731  1.00 68.26 ? 9  DA A "C5'" 1 
ATOM 161  C "C4'" . DA A 1 9  ? 7.443   -2.796  38.855  1.00 71.31 ? 9  DA A "C4'" 1 
ATOM 162  O "O4'" . DA A 1 9  ? 7.031   -2.180  37.609  1.00 74.49 ? 9  DA A "O4'" 1 
ATOM 163  C "C3'" . DA A 1 9  ? 8.464   -1.839  39.459  1.00 70.11 ? 9  DA A "C3'" 1 
ATOM 164  O "O3'" . DA A 1 9  ? 9.774   -2.195  39.010  1.00 69.67 ? 9  DA A "O3'" 1 
ATOM 165  C "C2'" . DA A 1 9  ? 8.004   -0.492  38.935  1.00 71.76 ? 9  DA A "C2'" 1 
ATOM 166  C "C1'" . DA A 1 9  ? 7.516   -0.844  37.535  1.00 71.73 ? 9  DA A "C1'" 1 
ATOM 167  N N9    . DA A 1 9  ? 6.432   0.000   37.025  1.00 70.05 ? 9  DA A N9    1 
ATOM 168  C C8    . DA A 1 9  ? 5.531   0.752   37.743  1.00 68.87 ? 9  DA A C8    1 
ATOM 169  N N7    . DA A 1 9  ? 4.674   1.408   36.999  1.00 66.83 ? 9  DA A N7    1 
ATOM 170  C C5    . DA A 1 9  ? 5.023   1.060   35.702  1.00 64.47 ? 9  DA A C5    1 
ATOM 171  C C6    . DA A 1 9  ? 4.492   1.425   34.442  1.00 61.05 ? 9  DA A C6    1 
ATOM 172  N N6    . DA A 1 9  ? 3.453   2.250   34.289  1.00 60.49 ? 9  DA A N6    1 
ATOM 173  N N1    . DA A 1 9  ? 5.078   0.905   33.334  1.00 61.07 ? 9  DA A N1    1 
ATOM 174  C C2    . DA A 1 9  ? 6.126   0.070   33.491  1.00 60.82 ? 9  DA A C2    1 
ATOM 175  N N3    . DA A 1 9  ? 6.710   -0.350  34.624  1.00 62.58 ? 9  DA A N3    1 
ATOM 176  C C4    . DA A 1 9  ? 6.106   0.190   35.702  1.00 66.38 ? 9  DA A C4    1 
ATOM 177  P P     . DA A 1 10 ? 11.028  -1.237  39.289  1.00 75.36 ? 10 DA A P     1 
ATOM 178  O OP1   . DA A 1 10 ? 12.163  -2.080  39.728  1.00 74.94 ? 10 DA A OP1   1 
ATOM 179  O OP2   . DA A 1 10 ? 10.586  -0.078  40.115  1.00 70.78 ? 10 DA A OP2   1 
ATOM 180  O "O5'" . DA A 1 10 ? 11.354  -0.660  37.846  1.00 76.50 ? 10 DA A "O5'" 1 
ATOM 181  C "C5'" . DA A 1 10 ? 11.842  -1.511  36.796  1.00 72.57 ? 10 DA A "C5'" 1 
ATOM 182  C "C4'" . DA A 1 10 ? 12.182  -0.668  35.590  1.00 70.47 ? 10 DA A "C4'" 1 
ATOM 183  O "O4'" . DA A 1 10 ? 11.002  0.068   35.177  1.00 71.01 ? 10 DA A "O4'" 1 
ATOM 184  C "C3'" . DA A 1 10 ? 13.261  0.387   35.843  1.00 67.23 ? 10 DA A "C3'" 1 
ATOM 185  O "O3'" . DA A 1 10 ? 14.082  0.558   34.679  1.00 66.60 ? 10 DA A "O3'" 1 
ATOM 186  C "C2'" . DA A 1 10 ? 12.451  1.628   36.171  1.00 67.02 ? 10 DA A "C2'" 1 
ATOM 187  C "C1'" . DA A 1 10 ? 11.259  1.469   35.239  1.00 67.49 ? 10 DA A "C1'" 1 
ATOM 188  N N9    . DA A 1 10 ? 10.021  2.141   35.643  1.00 61.63 ? 10 DA A N9    1 
ATOM 189  C C8    . DA A 1 10 ? 9.558   2.385   36.913  1.00 59.73 ? 10 DA A C8    1 
ATOM 190  N N7    . DA A 1 10 ? 8.402   3.003   36.948  1.00 57.06 ? 10 DA A N7    1 
ATOM 191  C C5    . DA A 1 10 ? 8.074   3.174   35.611  1.00 55.57 ? 10 DA A C5    1 
ATOM 192  C C6    . DA A 1 10 ? 6.958   3.762   34.971  1.00 55.37 ? 10 DA A C6    1 
ATOM 193  N N6    . DA A 1 10 ? 5.933   4.309   35.629  1.00 54.92 ? 10 DA A N6    1 
ATOM 194  N N1    . DA A 1 10 ? 6.934   3.764   33.611  1.00 53.54 ? 10 DA A N1    1 
ATOM 195  C C2    . DA A 1 10 ? 7.971   3.210   32.950  1.00 55.32 ? 10 DA A C2    1 
ATOM 196  N N3    . DA A 1 10 ? 9.077   2.631   33.444  1.00 55.77 ? 10 DA A N3    1 
ATOM 197  C C4    . DA A 1 10 ? 9.065   2.648   34.793  1.00 57.92 ? 10 DA A C4    1 
ATOM 198  O "O5'" . DT B 2 1  ? -21.308 -13.218 13.436  1.00 32.24 ? 1  DT B "O5'" 1 
ATOM 199  C "C5'" . DT B 2 1  ? -22.194 -14.359 13.624  1.00 31.64 ? 1  DT B "C5'" 1 
ATOM 200  C "C4'" . DT B 2 1  ? -21.582 -15.641 13.098  1.00 30.28 ? 1  DT B "C4'" 1 
ATOM 201  O "O4'" . DT B 2 1  ? -21.557 -15.661 11.651  1.00 27.31 ? 1  DT B "O4'" 1 
ATOM 202  C "C3'" . DT B 2 1  ? -20.137 -15.875 13.509  1.00 29.13 ? 1  DT B "C3'" 1 
ATOM 203  O "O3'" . DT B 2 1  ? -19.868 -17.276 13.590  1.00 32.69 ? 1  DT B "O3'" 1 
ATOM 204  C "C2'" . DT B 2 1  ? -19.369 -15.162 12.413  1.00 27.01 ? 1  DT B "C2'" 1 
ATOM 205  C "C1'" . DT B 2 1  ? -20.250 -15.351 11.190  1.00 24.56 ? 1  DT B "C1'" 1 
ATOM 206  N N1    . DT B 2 1  ? -20.374 -14.203 10.267  1.00 21.37 ? 1  DT B N1    1 
ATOM 207  C C2    . DT B 2 1  ? -19.966 -14.367 8.952   1.00 20.32 ? 1  DT B C2    1 
ATOM 208  O O2    . DT B 2 1  ? -19.422 -15.383 8.528   1.00 20.01 ? 1  DT B O2    1 
ATOM 209  N N3    . DT B 2 1  ? -20.209 -13.282 8.143   1.00 17.94 ? 1  DT B N3    1 
ATOM 210  C C4    . DT B 2 1  ? -20.822 -12.093 8.488   1.00 16.62 ? 1  DT B C4    1 
ATOM 211  O O4    . DT B 2 1  ? -20.975 -11.220 7.639   1.00 15.26 ? 1  DT B O4    1 
ATOM 212  C C5    . DT B 2 1  ? -21.237 -11.993 9.875   1.00 17.29 ? 1  DT B C5    1 
ATOM 213  C C7    . DT B 2 1  ? -21.899 -10.737 10.346  1.00 17.42 ? 1  DT B C7    1 
ATOM 214  C C6    . DT B 2 1  ? -20.997 -13.039 10.683  1.00 18.32 ? 1  DT B C6    1 
ATOM 215  P P     . DT B 2 2  ? -18.495 -17.786 14.248  1.00 43.02 ? 2  DT B P     1 
ATOM 216  O OP1   . DT B 2 2  ? -18.675 -19.218 14.637  1.00 38.23 ? 2  DT B OP1   1 
ATOM 217  O OP2   . DT B 2 2  ? -18.026 -16.769 15.255  1.00 36.98 ? 2  DT B OP2   1 
ATOM 218  O "O5'" . DT B 2 2  ? -17.475 -17.690 13.029  1.00 42.15 ? 2  DT B "O5'" 1 
ATOM 219  C "C5'" . DT B 2 2  ? -17.817 -18.166 11.693  1.00 39.48 ? 2  DT B "C5'" 1 
ATOM 220  C "C4'" . DT B 2 2  ? -16.663 -18.018 10.724  1.00 35.75 ? 2  DT B "C4'" 1 
ATOM 221  O "O4'" . DT B 2 2  ? -16.844 -16.859 9.864   1.00 32.57 ? 2  DT B "O4'" 1 
ATOM 222  C "C3'" . DT B 2 2  ? -15.297 -17.816 11.375  1.00 34.54 ? 2  DT B "C3'" 1 
ATOM 223  O "O3'" . DT B 2 2  ? -14.333 -18.481 10.555  1.00 37.56 ? 2  DT B "O3'" 1 
ATOM 224  C "C2'" . DT B 2 2  ? -15.189 -16.302 11.429  1.00 30.53 ? 2  DT B "C2'" 1 
ATOM 225  C "C1'" . DT B 2 2  ? -15.786 -15.929 10.078  1.00 26.53 ? 2  DT B "C1'" 1 
ATOM 226  N N1    . DT B 2 2  ? -16.339 -14.557 9.895   1.00 21.67 ? 2  DT B N1    1 
ATOM 227  C C2    . DT B 2 2  ? -16.427 -14.056 8.603   1.00 19.43 ? 2  DT B C2    1 
ATOM 228  O O2    . DT B 2 2  ? -16.052 -14.668 7.616   1.00 19.21 ? 2  DT B O2    1 
ATOM 229  N N3    . DT B 2 2  ? -16.940 -12.778 8.516   1.00 18.16 ? 2  DT B N3    1 
ATOM 230  C C4    . DT B 2 2  ? -17.362 -11.966 9.562   1.00 17.80 ? 2  DT B C4    1 
ATOM 231  O O4    . DT B 2 2  ? -17.807 -10.840 9.321   1.00 16.27 ? 2  DT B O4    1 
ATOM 232  C C5    . DT B 2 2  ? -17.233 -12.551 10.890  1.00 17.72 ? 2  DT B C5    1 
ATOM 233  C C7    . DT B 2 2  ? -17.659 -11.754 12.081  1.00 17.29 ? 2  DT B C7    1 
ATOM 234  C C6    . DT B 2 2  ? -16.742 -13.801 10.986  1.00 19.47 ? 2  DT B C6    1 
ATOM 235  P P     . DA B 2 3  ? -13.092 -19.239 11.190  1.00 40.11 ? 3  DA B P     1 
ATOM 236  O OP1   . DA B 2 3  ? -12.759 -20.359 10.275  1.00 39.11 ? 3  DA B OP1   1 
ATOM 237  O OP2   . DA B 2 3  ? -13.341 -19.510 12.630  1.00 41.70 ? 3  DA B OP2   1 
ATOM 238  O "O5'" . DA B 2 3  ? -11.967 -18.115 11.139  1.00 41.65 ? 3  DA B "O5'" 1 
ATOM 239  C "C5'" . DA B 2 3  ? -10.749 -18.336 10.408  1.00 47.84 ? 3  DA B "C5'" 1 
ATOM 240  C "C4'" . DA B 2 3  ? -11.009 -18.789 8.985   1.00 48.83 ? 3  DA B "C4'" 1 
ATOM 241  O "O4'" . DA B 2 3  ? -12.084 -18.048 8.355   1.00 43.89 ? 3  DA B "O4'" 1 
ATOM 242  C "C3'" . DA B 2 3  ? -9.815  -18.544 8.082   1.00 50.63 ? 3  DA B "C3'" 1 
ATOM 243  O "O3'" . DA B 2 3  ? -9.771  -19.512 7.028   1.00 55.05 ? 3  DA B "O3'" 1 
ATOM 244  C "C2'" . DA B 2 3  ? -10.023 -17.094 7.664   1.00 45.85 ? 3  DA B "C2'" 1 
ATOM 245  C "C1'" . DA B 2 3  ? -11.534 -16.876 7.739   1.00 38.87 ? 3  DA B "C1'" 1 
ATOM 246  N N9    . DA B 2 3  ? -11.975 -15.713 8.519   1.00 32.51 ? 3  DA B N9    1 
ATOM 247  C C8    . DA B 2 3  ? -12.100 -15.621 9.888   1.00 31.35 ? 3  DA B C8    1 
ATOM 248  N N7    . DA B 2 3  ? -12.588 -14.476 10.301  1.00 28.93 ? 3  DA B N7    1 
ATOM 249  C C5    . DA B 2 3  ? -12.809 -13.768 9.129   1.00 25.81 ? 3  DA B C5    1 
ATOM 250  C C6    . DA B 2 3  ? -13.341 -12.483 8.888   1.00 24.28 ? 3  DA B C6    1 
ATOM 251  N N6    . DA B 2 3  ? -13.730 -11.657 9.861   1.00 24.68 ? 3  DA B N6    1 
ATOM 252  N N1    . DA B 2 3  ? -13.433 -12.065 7.599   1.00 23.05 ? 3  DA B N1    1 
ATOM 253  C C2    . DA B 2 3  ? -13.025 -12.900 6.624   1.00 25.22 ? 3  DA B C2    1 
ATOM 254  N N3    . DA B 2 3  ? -12.538 -14.150 6.729   1.00 27.01 ? 3  DA B N3    1 
ATOM 255  C C4    . DA B 2 3  ? -12.445 -14.521 8.022   1.00 27.99 ? 3  DA B C4    1 
ATOM 256  P P     . DG B 2 4  ? -8.571  -19.472 6.004   1.00 59.77 ? 4  DG B P     1 
ATOM 257  O OP1   . DG B 2 4  ? -8.635  -20.700 5.161   1.00 58.91 ? 4  DG B OP1   1 
ATOM 258  O OP2   . DG B 2 4  ? -7.331  -19.143 6.768   1.00 55.03 ? 4  DG B OP2   1 
ATOM 259  O "O5'" . DG B 2 4  ? -9.009  -18.252 5.082   1.00 56.18 ? 4  DG B "O5'" 1 
ATOM 260  C "C5'" . DG B 2 4  ? -8.199  -17.744 4.008   1.00 51.26 ? 4  DG B "C5'" 1 
ATOM 261  C "C4'" . DG B 2 4  ? -7.644  -16.379 4.346   1.00 49.72 ? 4  DG B "C4'" 1 
ATOM 262  O "O4'" . DG B 2 4  ? -8.501  -15.648 5.254   1.00 45.10 ? 4  DG B "O4'" 1 
ATOM 263  C "C3'" . DG B 2 4  ? -6.285  -16.408 5.045   1.00 49.34 ? 4  DG B "C3'" 1 
ATOM 264  O "O3'" . DG B 2 4  ? -5.196  -16.689 4.133   1.00 50.81 ? 4  DG B "O3'" 1 
ATOM 265  C "C2'" . DG B 2 4  ? -6.294  -15.137 5.885   1.00 46.81 ? 4  DG B "C2'" 1 
ATOM 266  C "C1'" . DG B 2 4  ? -7.721  -14.593 5.754   1.00 40.10 ? 4  DG B "C1'" 1 
ATOM 267  N N9    . DG B 2 4  ? -8.322  -14.118 6.995   1.00 33.83 ? 4  DG B N9    1 
ATOM 268  C C8    . DG B 2 4  ? -8.249  -14.685 8.246   1.00 32.11 ? 4  DG B C8    1 
ATOM 269  N N7    . DG B 2 4  ? -8.856  -13.981 9.164   1.00 29.65 ? 4  DG B N7    1 
ATOM 270  C C5    . DG B 2 4  ? -9.331  -12.869 8.484   1.00 27.86 ? 4  DG B C5    1 
ATOM 271  C C6    . DG B 2 4  ? -10.047 -11.733 8.957   1.00 26.17 ? 4  DG B C6    1 
ATOM 272  O O6    . DG B 2 4  ? -10.402 -11.475 10.112  1.00 26.51 ? 4  DG B O6    1 
ATOM 273  N N1    . DG B 2 4  ? -10.343 -10.843 7.924   1.00 24.93 ? 4  DG B N1    1 
ATOM 274  C C2    . DG B 2 4  ? -9.959  -11.002 6.608   1.00 27.29 ? 4  DG B C2    1 
ATOM 275  N N2    . DG B 2 4  ? -10.308 -10.025 5.761   1.00 28.18 ? 4  DG B N2    1 
ATOM 276  N N3    . DG B 2 4  ? -9.279  -12.050 6.159   1.00 28.97 ? 4  DG B N3    1 
ATOM 277  C C4    . DG B 2 4  ? -8.999  -12.936 7.144   1.00 30.18 ? 4  DG B C4    1 
ATOM 278  P P     . DG B 2 5  ? -4.442  -15.579 3.206   1.00 53.76 ? 5  DG B P     1 
ATOM 279  O OP1   . DG B 2 5  ? -3.942  -16.298 2.008   1.00 52.82 ? 5  DG B OP1   1 
ATOM 280  O OP2   . DG B 2 5  ? -3.480  -14.814 4.045   1.00 55.33 ? 5  DG B OP2   1 
ATOM 281  O "O5'" . DG B 2 5  ? -5.571  -14.571 2.716   1.00 45.52 ? 5  DG B "O5'" 1 
ATOM 282  C "C5'" . DG B 2 5  ? -5.450  -13.916 1.429   1.00 39.78 ? 5  DG B "C5'" 1 
ATOM 283  C "C4'" . DG B 2 5  ? -5.835  -12.455 1.484   1.00 36.38 ? 5  DG B "C4'" 1 
ATOM 284  O "O4'" . DG B 2 5  ? -6.498  -12.106 2.725   1.00 33.75 ? 5  DG B "O4'" 1 
ATOM 285  C "C3'" . DG B 2 5  ? -4.674  -11.470 1.347   1.00 34.93 ? 5  DG B "C3'" 1 
ATOM 286  O "O3'" . DG B 2 5  ? -5.115  -10.392 0.501   1.00 35.95 ? 5  DG B "O3'" 1 
ATOM 287  C "C2'" . DG B 2 5  ? -4.418  -11.068 2.789   1.00 32.66 ? 5  DG B "C2'" 1 
ATOM 288  C "C1'" . DG B 2 5  ? -5.837  -10.997 3.303   1.00 29.48 ? 5  DG B "C1'" 1 
ATOM 289  N N9    . DG B 2 5  ? -5.969  -11.107 4.747   1.00 25.11 ? 5  DG B N9    1 
ATOM 290  C C8    . DG B 2 5  ? -5.558  -12.148 5.546   1.00 23.93 ? 5  DG B C8    1 
ATOM 291  N N7    . DG B 2 5  ? -5.840  -11.968 6.808   1.00 21.70 ? 5  DG B N7    1 
ATOM 292  C C5    . DG B 2 5  ? -6.467  -10.732 6.844   1.00 20.06 ? 5  DG B C5    1 
ATOM 293  C C6    . DG B 2 5  ? -6.980  -9.998  7.939   1.00 18.54 ? 5  DG B C6    1 
ATOM 294  O O6    . DG B 2 5  ? -6.987  -10.311 9.126   1.00 17.63 ? 5  DG B O6    1 
ATOM 295  N N1    . DG B 2 5  ? -7.535  -8.784  7.535   1.00 18.19 ? 5  DG B N1    1 
ATOM 296  C C2    . DG B 2 5  ? -7.599  -8.339  6.230   1.00 20.14 ? 5  DG B C2    1 
ATOM 297  N N2    . DG B 2 5  ? -8.171  -7.139  6.035   1.00 22.01 ? 5  DG B N2    1 
ATOM 298  N N3    . DG B 2 5  ? -7.118  -9.019  5.196   1.00 19.72 ? 5  DG B N3    1 
ATOM 299  C C4    . DG B 2 5  ? -6.573  -10.199 5.573   1.00 21.20 ? 5  DG B C4    1 
ATOM 300  P P     . DG B 2 6  ? -4.264  -9.033  0.358   1.00 38.82 ? 6  DG B P     1 
ATOM 301  O OP1   . DG B 2 6  ? -4.565  -8.414  -0.959  1.00 38.14 ? 6  DG B OP1   1 
ATOM 302  O OP2   . DG B 2 6  ? -2.847  -9.297  0.774   1.00 35.47 ? 6  DG B OP2   1 
ATOM 303  O "O5'" . DG B 2 6  ? -4.949  -8.033  1.384   1.00 33.26 ? 6  DG B "O5'" 1 
ATOM 304  C "C5'" . DG B 2 6  ? -4.182  -6.889  1.776   1.00 30.99 ? 6  DG B "C5'" 1 
ATOM 305  C "C4'" . DG B 2 6  ? -5.066  -5.711  2.096   1.00 29.67 ? 6  DG B "C4'" 1 
ATOM 306  O "O4'" . DG B 2 6  ? -5.933  -6.036  3.206   1.00 27.51 ? 6  DG B "O4'" 1 
ATOM 307  C "C3'" . DG B 2 6  ? -4.236  -4.499  2.516   1.00 29.94 ? 6  DG B "C3'" 1 
ATOM 308  O "O3'" . DG B 2 6  ? -4.485  -3.361  1.678   1.00 33.46 ? 6  DG B "O3'" 1 
ATOM 309  C "C2'" . DG B 2 6  ? -4.446  -4.378  4.022   1.00 27.11 ? 6  DG B "C2'" 1 
ATOM 310  C "C1'" . DG B 2 6  ? -5.434  -5.456  4.407   1.00 23.38 ? 6  DG B "C1'" 1 
ATOM 311  N N9    . DG B 2 6  ? -4.933  -6.522  5.283   1.00 17.28 ? 6  DG B N9    1 
ATOM 312  C C8    . DG B 2 6  ? -4.379  -7.732  4.942   1.00 15.65 ? 6  DG B C8    1 
ATOM 313  N N7    . DG B 2 6  ? -4.090  -8.474  5.977   1.00 14.16 ? 6  DG B N7    1 
ATOM 314  C C5    . DG B 2 6  ? -4.462  -7.702  7.065   1.00 12.48 ? 6  DG B C5    1 
ATOM 315  C C6    . DG B 2 6  ? -4.408  -7.985  8.457   1.00 11.39 ? 6  DG B C6    1 
ATOM 316  O O6    . DG B 2 6  ? -3.995  -9.005  9.018   1.00 10.59 ? 6  DG B O6    1 
ATOM 317  N N1    . DG B 2 6  ? -4.911  -6.930  9.218   1.00 10.95 ? 6  DG B N1    1 
ATOM 318  C C2    . DG B 2 6  ? -5.416  -5.755  8.701   1.00 11.52 ? 6  DG B C2    1 
ATOM 319  N N2    . DG B 2 6  ? -5.884  -4.868  9.581   1.00 11.64 ? 6  DG B N2    1 
ATOM 320  N N3    . DG B 2 6  ? -5.466  -5.480  7.407   1.00 12.21 ? 6  DG B N3    1 
ATOM 321  C C4    . DG B 2 6  ? -4.985  -6.493  6.653   1.00 13.65 ? 6  DG B C4    1 
ATOM 322  P P     . DT B 2 7  ? -5.545  -2.277  2.120   1.00 41.41 ? 7  DT B P     1 
ATOM 323  O OP1   . DT B 2 7  ? -6.810  -3.020  2.388   1.00 41.83 ? 7  DT B OP1   1 
ATOM 324  O OP2   . DT B 2 7  ? -5.496  -1.153  1.155   1.00 40.60 ? 7  DT B OP2   1 
ATOM 325  O "O5'" . DT B 2 7  ? -4.961  -1.704  3.493   1.00 36.23 ? 7  DT B "O5'" 1 
ATOM 326  C "C5'" . DT B 2 7  ? -5.848  -1.076  4.453   1.00 32.47 ? 7  DT B "C5'" 1 
ATOM 327  C "C4'" . DT B 2 7  ? -5.111  -0.647  5.701   1.00 29.25 ? 7  DT B "C4'" 1 
ATOM 328  O "O4'" . DT B 2 7  ? -4.840  -1.803  6.528   1.00 27.34 ? 7  DT B "O4'" 1 
ATOM 329  C "C3'" . DT B 2 7  ? -3.750  0.013   5.457   1.00 28.20 ? 7  DT B "C3'" 1 
ATOM 330  O "O3'" . DT B 2 7  ? -3.718  1.459   5.394   1.00 31.07 ? 7  DT B "O3'" 1 
ATOM 331  C "C2'" . DT B 2 7  ? -2.839  -0.592  6.516   1.00 25.94 ? 7  DT B "C2'" 1 
ATOM 332  C "C1'" . DT B 2 7  ? -3.713  -1.515  7.340   1.00 22.82 ? 7  DT B "C1'" 1 
ATOM 333  N N1    . DT B 2 7  ? -3.087  -2.809  7.733   1.00 19.17 ? 7  DT B N1    1 
ATOM 334  C C2    . DT B 2 7  ? -3.017  -3.170  9.077   1.00 17.42 ? 7  DT B C2    1 
ATOM 335  O O2    . DT B 2 7  ? -3.401  -2.449  9.991   1.00 17.19 ? 7  DT B O2    1 
ATOM 336  N N3    . DT B 2 7  ? -2.451  -4.408  9.311   1.00 15.08 ? 7  DT B N3    1 
ATOM 337  C C4    . DT B 2 7  ? -1.953  -5.295  8.365   1.00 14.79 ? 7  DT B C4    1 
ATOM 338  O O4    . DT B 2 7  ? -1.478  -6.371  8.728   1.00 13.35 ? 7  DT B O4    1 
ATOM 339  C C5    . DT B 2 7  ? -2.054  -4.850  6.982   1.00 15.36 ? 7  DT B C5    1 
ATOM 340  C C7    . DT B 2 7  ? -1.551  -5.745  5.893   1.00 15.03 ? 7  DT B C7    1 
ATOM 341  C C6    . DT B 2 7  ? -2.608  -3.649  6.741   1.00 16.65 ? 7  DT B C6    1 
ATOM 342  P P     . DT B 2 8  ? -4.460  2.423   6.490   1.00 34.84 ? 8  DT B P     1 
ATOM 343  O OP1   . DT B 2 8  ? -5.842  1.915   6.705   1.00 31.57 ? 8  DT B OP1   1 
ATOM 344  O OP2   . DT B 2 8  ? -4.235  3.837   6.089   1.00 33.05 ? 8  DT B OP2   1 
ATOM 345  O "O5'" . DT B 2 8  ? -3.550  2.340   7.791   1.00 33.08 ? 8  DT B "O5'" 1 
ATOM 346  C "C5'" . DT B 2 8  ? -4.111  2.512   9.110   1.00 33.85 ? 8  DT B "C5'" 1 
ATOM 347  C "C4'" . DT B 2 8  ? -3.049  2.333   10.172  1.00 34.10 ? 8  DT B "C4'" 1 
ATOM 348  O "O4'" . DT B 2 8  ? -2.553  0.957   10.178  1.00 32.84 ? 8  DT B "O4'" 1 
ATOM 349  C "C3'" . DT B 2 8  ? -1.806  3.215   9.987   1.00 32.20 ? 8  DT B "C3'" 1 
ATOM 350  O "O3'" . DT B 2 8  ? -1.171  3.389   11.266  1.00 36.07 ? 8  DT B "O3'" 1 
ATOM 351  C "C2'" . DT B 2 8  ? -0.897  2.298   9.194   1.00 28.58 ? 8  DT B "C2'" 1 
ATOM 352  C "C1'" . DT B 2 8  ? -1.141  1.019   9.986   1.00 26.79 ? 8  DT B "C1'" 1 
ATOM 353  N N1    . DT B 2 8  ? -0.659  -0.285  9.485   1.00 22.67 ? 8  DT B N1    1 
ATOM 354  C C2    . DT B 2 8  ? -0.544  -1.322  10.400  1.00 20.96 ? 8  DT B C2    1 
ATOM 355  O O2    . DT B 2 8  ? -0.879  -1.226  11.570  1.00 22.74 ? 8  DT B O2    1 
ATOM 356  N N3    . DT B 2 8  ? -0.024  -2.486  9.883   1.00 19.12 ? 8  DT B N3    1 
ATOM 357  C C4    . DT B 2 8  ? 0.402   -2.711  8.582   1.00 19.24 ? 8  DT B C4    1 
ATOM 358  O O4    . DT B 2 8  ? 0.854   -3.810  8.269   1.00 19.10 ? 8  DT B O4    1 
ATOM 359  C C5    . DT B 2 8  ? 0.263   -1.579  7.680   1.00 19.33 ? 8  DT B C5    1 
ATOM 360  C C7    . DT B 2 8  ? 0.670   -1.736  6.249   1.00 18.85 ? 8  DT B C7    1 
ATOM 361  C C6    . DT B 2 8  ? -0.238  -0.435  8.174   1.00 20.66 ? 8  DT B C6    1 
ATOM 362  P P     . DA B 2 9  ? -1.168  4.769   12.048  1.00 40.06 ? 9  DA B P     1 
ATOM 363  O OP1   . DA B 2 9  ? -2.400  5.509   11.693  1.00 38.93 ? 9  DA B OP1   1 
ATOM 364  O OP2   . DA B 2 9  ? 0.176   5.403   11.879  1.00 39.01 ? 9  DA B OP2   1 
ATOM 365  O "O5'" . DA B 2 9  ? -1.224  4.312   13.570  1.00 35.28 ? 9  DA B "O5'" 1 
ATOM 366  C "C5'" . DA B 2 9  ? -1.894  3.116   14.007  1.00 34.94 ? 9  DA B "C5'" 1 
ATOM 367  C "C4'" . DA B 2 9  ? -1.078  2.407   15.065  1.00 35.36 ? 9  DA B "C4'" 1 
ATOM 368  O "O4'" . DA B 2 9  ? -0.358  1.289   14.487  1.00 34.41 ? 9  DA B "O4'" 1 
ATOM 369  C "C3'" . DA B 2 9  ? -0.009  3.239   15.779  1.00 34.91 ? 9  DA B "C3'" 1 
ATOM 370  O "O3'" . DA B 2 9  ? 0.014   2.780   17.138  1.00 39.85 ? 9  DA B "O3'" 1 
ATOM 371  C "C2'" . DA B 2 9  ? 1.228   2.970   14.932  1.00 31.77 ? 9  DA B "C2'" 1 
ATOM 372  C "C1'" . DA B 2 9  ? 1.062   1.489   14.624  1.00 28.67 ? 9  DA B "C1'" 1 
ATOM 373  N N9    . DA B 2 9  ? 1.678   0.996   13.393  1.00 23.03 ? 9  DA B N9    1 
ATOM 374  C C8    . DA B 2 9  ? 1.566   1.569   12.150  1.00 21.57 ? 9  DA B C8    1 
ATOM 375  N N7    . DA B 2 9  ? 2.113   0.862   11.190  1.00 20.12 ? 9  DA B N7    1 
ATOM 376  C C5    . DA B 2 9  ? 2.575   -0.275  11.835  1.00 18.38 ? 9  DA B C5    1 
ATOM 377  C C6    . DA B 2 9  ? 3.259   -1.419  11.366  1.00 18.12 ? 9  DA B C6    1 
ATOM 378  N N6    . DA B 2 9  ? 3.593   -1.603  10.085  1.00 17.36 ? 9  DA B N6    1 
ATOM 379  N N1    . DA B 2 9  ? 3.601   -2.372  12.276  1.00 18.33 ? 9  DA B N1    1 
ATOM 380  C C2    . DA B 2 9  ? 3.261   -2.178  13.567  1.00 19.15 ? 9  DA B C2    1 
ATOM 381  N N3    . DA B 2 9  ? 2.610   -1.140  14.125  1.00 19.66 ? 9  DA B N3    1 
ATOM 382  C C4    . DA B 2 9  ? 2.297   -0.215  13.193  1.00 19.87 ? 9  DA B C4    1 
ATOM 383  P P     . DG B 2 10 ? 1.251   3.074   18.111  1.00 47.80 ? 10 DG B P     1 
ATOM 384  O OP1   . DG B 2 10 ? 0.736   3.027   19.520  1.00 45.85 ? 10 DG B OP1   1 
ATOM 385  O OP2   . DG B 2 10 ? 1.942   4.307   17.619  1.00 41.78 ? 10 DG B OP2   1 
ATOM 386  O "O5'" . DG B 2 10 ? 2.181   1.797   17.881  1.00 44.09 ? 10 DG B "O5'" 1 
ATOM 387  C "C5'" . DG B 2 10 ? 2.298   0.760   18.893  1.00 40.31 ? 10 DG B "C5'" 1 
ATOM 388  C "C4'" . DG B 2 10 ? 3.458   -0.183  18.645  1.00 37.69 ? 10 DG B "C4'" 1 
ATOM 389  O "O4'" . DG B 2 10 ? 3.742   -0.340  17.227  1.00 35.99 ? 10 DG B "O4'" 1 
ATOM 390  C "C3'" . DG B 2 10 ? 4.787   0.229   19.286  1.00 34.73 ? 10 DG B "C3'" 1 
ATOM 391  O "O3'" . DG B 2 10 ? 5.463   -0.933  19.797  1.00 33.32 ? 10 DG B "O3'" 1 
ATOM 392  C "C2'" . DG B 2 10 ? 5.532   0.854   18.119  1.00 32.88 ? 10 DG B "C2'" 1 
ATOM 393  C "C1'" . DG B 2 10 ? 5.131   -0.120  17.033  1.00 31.20 ? 10 DG B "C1'" 1 
ATOM 394  N N9    . DG B 2 10 ? 5.334   0.252   15.640  1.00 26.70 ? 10 DG B N9    1 
ATOM 395  C C8    . DG B 2 10 ? 4.952   1.409   15.001  1.00 25.33 ? 10 DG B C8    1 
ATOM 396  N N7    . DG B 2 10 ? 5.231   1.405   13.724  1.00 24.63 ? 10 DG B N7    1 
ATOM 397  C C5    . DG B 2 10 ? 5.809   0.161   13.503  1.00 22.36 ? 10 DG B C5    1 
ATOM 398  C C6    . DG B 2 10 ? 6.320   -0.425  12.305  1.00 20.40 ? 10 DG B C6    1 
ATOM 399  O O6    . DG B 2 10 ? 6.345   0.054   11.169  1.00 19.30 ? 10 DG B O6    1 
ATOM 400  N N1    . DG B 2 10 ? 6.836   -1.704  12.533  1.00 19.87 ? 10 DG B N1    1 
ATOM 401  C C2    . DG B 2 10 ? 6.862   -2.341  13.758  1.00 21.86 ? 10 DG B C2    1 
ATOM 402  N N2    . DG B 2 10 ? 7.401   -3.568  13.783  1.00 21.57 ? 10 DG B N2    1 
ATOM 403  N N3    . DG B 2 10 ? 6.373   -1.811  14.877  1.00 22.75 ? 10 DG B N3    1 
ATOM 404  C C4    . DG B 2 10 ? 5.872   -0.565  14.677  1.00 23.87 ? 10 DG B C4    1 
ATOM 405  O "O5'" . DC C 1 1  ? 0.557   -24.008 25.867  1.00 60.79 ? 1  DC C "O5'" 1 
ATOM 406  C "C5'" . DC C 1 1  ? 0.731   -24.967 24.802  1.00 58.34 ? 1  DC C "C5'" 1 
ATOM 407  C "C4'" . DC C 1 1  ? -0.241  -24.706 23.676  1.00 55.16 ? 1  DC C "C4'" 1 
ATOM 408  O "O4'" . DC C 1 1  ? -1.596  -24.866 24.136  1.00 53.81 ? 1  DC C "O4'" 1 
ATOM 409  C "C3'" . DC C 1 1  ? -0.183  -23.292 23.122  1.00 55.27 ? 1  DC C "C3'" 1 
ATOM 410  O "O3'" . DC C 1 1  ? 0.923   -23.211 22.213  1.00 58.07 ? 1  DC C "O3'" 1 
ATOM 411  C "C2'" . DC C 1 1  ? -1.573  -23.101 22.539  1.00 53.54 ? 1  DC C "C2'" 1 
ATOM 412  C "C1'" . DC C 1 1  ? -2.455  -23.985 23.416  1.00 53.28 ? 1  DC C "C1'" 1 
ATOM 413  N N1    . DC C 1 1  ? -3.336  -23.273 24.382  1.00 52.97 ? 1  DC C N1    1 
ATOM 414  C C2    . DC C 1 1  ? -4.577  -22.764 23.927  1.00 54.87 ? 1  DC C C2    1 
ATOM 415  O O2    . DC C 1 1  ? -4.894  -22.910 22.735  1.00 57.10 ? 1  DC C O2    1 
ATOM 416  N N3    . DC C 1 1  ? -5.393  -22.124 24.809  1.00 54.64 ? 1  DC C N3    1 
ATOM 417  C C4    . DC C 1 1  ? -5.018  -21.981 26.088  1.00 53.27 ? 1  DC C C4    1 
ATOM 418  N N4    . DC C 1 1  ? -5.850  -21.343 26.915  1.00 54.11 ? 1  DC C N4    1 
ATOM 419  C C5    . DC C 1 1  ? -3.770  -22.487 26.575  1.00 53.67 ? 1  DC C C5    1 
ATOM 420  C C6    . DC C 1 1  ? -2.967  -23.116 25.696  1.00 53.26 ? 1  DC C C6    1 
ATOM 421  P P     . DT C 1 2  ? 1.731   -21.829 22.051  1.00 60.28 ? 2  DT C P     1 
ATOM 422  O OP1   . DT C 1 2  ? 2.887   -22.060 21.147  1.00 54.54 ? 2  DT C OP1   1 
ATOM 423  O OP2   . DT C 1 2  ? 1.972   -21.289 23.406  1.00 65.19 ? 2  DT C OP2   1 
ATOM 424  O "O5'" . DT C 1 2  ? 0.666   -20.917 21.295  1.00 55.04 ? 2  DT C "O5'" 1 
ATOM 425  C "C5'" . DT C 1 2  ? 0.124   -21.373 20.040  1.00 49.25 ? 2  DT C "C5'" 1 
ATOM 426  C "C4'" . DT C 1 2  ? -0.876  -20.379 19.509  1.00 44.58 ? 2  DT C "C4'" 1 
ATOM 427  O "O4'" . DT C 1 2  ? -1.951  -20.247 20.464  1.00 40.31 ? 2  DT C "O4'" 1 
ATOM 428  C "C3'" . DT C 1 2  ? -0.307  -18.971 19.306  1.00 42.92 ? 2  DT C "C3'" 1 
ATOM 429  O "O3'" . DT C 1 2  ? -0.845  -18.438 18.084  1.00 42.66 ? 2  DT C "O3'" 1 
ATOM 430  C "C2'" . DT C 1 2  ? -0.696  -18.266 20.594  1.00 42.07 ? 2  DT C "C2'" 1 
ATOM 431  C "C1'" . DT C 1 2  ? -2.042  -18.903 20.901  1.00 39.33 ? 2  DT C "C1'" 1 
ATOM 432  N N1    . DT C 1 2  ? -2.483  -18.918 22.315  1.00 35.37 ? 2  DT C N1    1 
ATOM 433  C C2    . DT C 1 2  ? -3.780  -18.528 22.608  1.00 36.27 ? 2  DT C C2    1 
ATOM 434  O O2    . DT C 1 2  ? -4.569  -18.134 21.764  1.00 40.65 ? 2  DT C O2    1 
ATOM 435  N N3    . DT C 1 2  ? -4.120  -18.612 23.942  1.00 35.07 ? 2  DT C N3    1 
ATOM 436  C C4    . DT C 1 2  ? -3.315  -19.046 24.984  1.00 35.25 ? 2  DT C C4    1 
ATOM 437  O O4    . DT C 1 2  ? -3.763  -19.073 26.128  1.00 37.85 ? 2  DT C O4    1 
ATOM 438  C C5    . DT C 1 2  ? -1.969  -19.450 24.604  1.00 33.77 ? 2  DT C C5    1 
ATOM 439  C C7    . DT C 1 2  ? -1.030  -19.936 25.662  1.00 32.24 ? 2  DT C C7    1 
ATOM 440  C C6    . DT C 1 2  ? -1.631  -19.379 23.304  1.00 34.41 ? 2  DT C C6    1 
ATOM 441  P P     . DA C 1 3  ? -0.630  -16.913 17.658  1.00 44.89 ? 3  DA C P     1 
ATOM 442  O OP1   . DA C 1 3  ? -0.772  -16.817 16.191  1.00 42.58 ? 3  DA C OP1   1 
ATOM 443  O OP2   . DA C 1 3  ? 0.595   -16.401 18.318  1.00 45.03 ? 3  DA C OP2   1 
ATOM 444  O "O5'" . DA C 1 3  ? -1.913  -16.202 18.263  1.00 39.93 ? 3  DA C "O5'" 1 
ATOM 445  C "C5'" . DA C 1 3  ? -3.224  -16.695 17.957  1.00 39.69 ? 3  DA C "C5'" 1 
ATOM 446  C "C4'" . DA C 1 3  ? -4.218  -15.560 17.896  1.00 39.86 ? 3  DA C "C4'" 1 
ATOM 447  O "O4'" . DA C 1 3  ? -4.692  -15.261 19.224  1.00 39.58 ? 3  DA C "O4'" 1 
ATOM 448  C "C3'" . DA C 1 3  ? -3.667  -14.236 17.383  1.00 38.87 ? 3  DA C "C3'" 1 
ATOM 449  O "O3'" . DA C 1 3  ? -4.803  -13.504 16.943  1.00 37.21 ? 3  DA C "O3'" 1 
ATOM 450  C "C2'" . DA C 1 3  ? -3.026  -13.659 18.629  1.00 39.36 ? 3  DA C "C2'" 1 
ATOM 451  C "C1'" . DA C 1 3  ? -3.977  -14.138 19.736  1.00 41.49 ? 3  DA C "C1'" 1 
ATOM 452  N N9    . DA C 1 3  ? -3.341  -14.551 20.988  1.00 42.66 ? 3  DA C N9    1 
ATOM 453  C C8    . DA C 1 3  ? -2.067  -15.026 21.188  1.00 45.45 ? 3  DA C C8    1 
ATOM 454  N N7    . DA C 1 3  ? -1.802  -15.324 22.437  1.00 44.43 ? 3  DA C N7    1 
ATOM 455  C C5    . DA C 1 3  ? -2.978  -15.022 23.106  1.00 43.98 ? 3  DA C C5    1 
ATOM 456  C C6    . DA C 1 3  ? -3.350  -15.124 24.465  1.00 46.26 ? 3  DA C C6    1 
ATOM 457  N N6    . DA C 1 3  ? -2.530  -15.565 25.421  1.00 47.15 ? 3  DA C N6    1 
ATOM 458  N N1    . DA C 1 3  ? -4.614  -14.762 24.804  1.00 46.46 ? 3  DA C N1    1 
ATOM 459  C C2    . DA C 1 3  ? -5.443  -14.325 23.833  1.00 44.06 ? 3  DA C C2    1 
ATOM 460  N N3    . DA C 1 3  ? -5.206  -14.193 22.520  1.00 43.71 ? 3  DA C N3    1 
ATOM 461  C C4    . DA C 1 3  ? -3.940  -14.555 22.223  1.00 42.32 ? 3  DA C C4    1 
ATOM 462  P P     . DA C 1 4  ? -4.689  -12.016 16.411  1.00 39.53 ? 4  DA C P     1 
ATOM 463  O OP1   . DA C 1 4  ? -5.722  -11.854 15.349  1.00 38.10 ? 4  DA C OP1   1 
ATOM 464  O OP2   . DA C 1 4  ? -3.249  -11.684 16.158  1.00 37.67 ? 4  DA C OP2   1 
ATOM 465  O "O5'" . DA C 1 4  ? -5.180  -11.173 17.666  1.00 36.75 ? 4  DA C "O5'" 1 
ATOM 466  C "C5'" . DA C 1 4  ? -6.555  -11.241 18.105  1.00 33.88 ? 4  DA C "C5'" 1 
ATOM 467  C "C4'" . DA C 1 4  ? -6.765  -10.369 19.319  1.00 31.37 ? 4  DA C "C4'" 1 
ATOM 468  O "O4'" . DA C 1 4  ? -6.069  -10.958 20.449  1.00 31.59 ? 4  DA C "O4'" 1 
ATOM 469  C "C3'" . DA C 1 4  ? -6.201  -8.955  19.167  1.00 30.78 ? 4  DA C "C3'" 1 
ATOM 470  O "O3'" . DA C 1 4  ? -7.063  -8.007  19.785  1.00 30.15 ? 4  DA C "O3'" 1 
ATOM 471  C "C2'" . DA C 1 4  ? -4.875  -9.042  19.901  1.00 31.05 ? 4  DA C "C2'" 1 
ATOM 472  C "C1'" . DA C 1 4  ? -5.264  -9.956  21.038  1.00 31.69 ? 4  DA C "C1'" 1 
ATOM 473  N N9    . DA C 1 4  ? -4.181  -10.600 21.779  1.00 33.09 ? 4  DA C N9    1 
ATOM 474  C C8    . DA C 1 4  ? -2.891  -10.882 21.393  1.00 35.15 ? 4  DA C C8    1 
ATOM 475  N N7    . DA C 1 4  ? -2.160  -11.423 22.341  1.00 34.29 ? 4  DA C N7    1 
ATOM 476  C C5    . DA C 1 4  ? -3.015  -11.470 23.432  1.00 33.24 ? 4  DA C C5    1 
ATOM 477  C C6    . DA C 1 4  ? -2.843  -11.931 24.757  1.00 32.60 ? 4  DA C C6    1 
ATOM 478  N N6    . DA C 1 4  ? -1.705  -12.455 25.214  1.00 34.42 ? 4  DA C N6    1 
ATOM 479  N N1    . DA C 1 4  ? -3.898  -11.832 25.603  1.00 32.78 ? 4  DA C N1    1 
ATOM 480  C C2    . DA C 1 4  ? -5.051  -11.310 25.139  1.00 34.53 ? 4  DA C C2    1 
ATOM 481  N N3    . DA C 1 4  ? -5.333  -10.844 23.915  1.00 34.69 ? 4  DA C N3    1 
ATOM 482  C C4    . DA C 1 4  ? -4.261  -10.953 23.103  1.00 34.25 ? 4  DA C C4    1 
ATOM 483  P P     . DC C 1 5  ? -8.394  -7.549  19.057  1.00 33.24 ? 5  DC C P     1 
ATOM 484  O OP1   . DC C 1 5  ? -9.235  -6.806  20.033  1.00 32.78 ? 5  DC C OP1   1 
ATOM 485  O OP2   . DC C 1 5  ? -8.977  -8.722  18.381  1.00 34.13 ? 5  DC C OP2   1 
ATOM 486  O "O5'" . DC C 1 5  ? -7.867  -6.547  17.943  1.00 27.93 ? 5  DC C "O5'" 1 
ATOM 487  C "C5'" . DC C 1 5  ? -7.510  -5.185  18.249  1.00 25.04 ? 5  DC C "C5'" 1 
ATOM 488  C "C4'" . DC C 1 5  ? -7.065  -4.489  16.986  1.00 23.24 ? 5  DC C "C4'" 1 
ATOM 489  O "O4'" . DC C 1 5  ? -6.150  -5.377  16.319  1.00 21.71 ? 5  DC C "O4'" 1 
ATOM 490  C "C3'" . DC C 1 5  ? -8.178  -4.272  15.967  1.00 22.97 ? 5  DC C "C3'" 1 
ATOM 491  O "O3'" . DC C 1 5  ? -8.857  -3.012  15.885  1.00 23.72 ? 5  DC C "O3'" 1 
ATOM 492  C "C2'" . DC C 1 5  ? -7.501  -4.476  14.623  1.00 21.38 ? 5  DC C "C2'" 1 
ATOM 493  C "C1'" . DC C 1 5  ? -6.140  -5.044  14.948  1.00 19.50 ? 5  DC C "C1'" 1 
ATOM 494  N N1    . DC C 1 5  ? -5.757  -6.229  14.144  1.00 16.55 ? 5  DC C N1    1 
ATOM 495  C C2    . DC C 1 5  ? -5.667  -6.057  12.754  1.00 15.28 ? 5  DC C C2    1 
ATOM 496  O O2    . DC C 1 5  ? -5.964  -4.961  12.266  1.00 15.22 ? 5  DC C O2    1 
ATOM 497  N N3    . DC C 1 5  ? -5.297  -7.105  11.976  1.00 14.59 ? 5  DC C N3    1 
ATOM 498  C C4    . DC C 1 5  ? -4.992  -8.281  12.538  1.00 15.45 ? 5  DC C C4    1 
ATOM 499  N N4    . DC C 1 5  ? -4.630  -9.283  11.735  1.00 15.63 ? 5  DC C N4    1 
ATOM 500  C C5    . DC C 1 5  ? -5.052  -8.480  13.955  1.00 15.75 ? 5  DC C C5    1 
ATOM 501  C C6    . DC C 1 5  ? -5.446  -7.439  14.712  1.00 16.32 ? 5  DC C C6    1 
ATOM 502  P P     . DC C 1 6  ? -10.304 -2.999  15.164  1.00 28.53 ? 6  DC C P     1 
ATOM 503  O OP1   . DC C 1 6  ? -11.325 -2.827  16.225  1.00 28.62 ? 6  DC C OP1   1 
ATOM 504  O OP2   . DC C 1 6  ? -10.389 -4.177  14.228  1.00 25.31 ? 6  DC C OP2   1 
ATOM 505  O "O5'" . DC C 1 6  ? -10.241 -1.768  14.164  1.00 25.80 ? 6  DC C "O5'" 1 
ATOM 506  C "C5'" . DC C 1 6  ? -9.153  -1.656  13.223  1.00 25.42 ? 6  DC C "C5'" 1 
ATOM 507  C "C4'" . DC C 1 6  ? -9.466  -2.219  11.852  1.00 24.01 ? 6  DC C "C4'" 1 
ATOM 508  O "O4'" . DC C 1 6  ? -8.937  -3.537  11.697  1.00 22.68 ? 6  DC C "O4'" 1 
ATOM 509  C "C3'" . DC C 1 6  ? -10.922 -2.312  11.394  1.00 23.68 ? 6  DC C "C3'" 1 
ATOM 510  O "O3'" . DC C 1 6  ? -11.057 -1.260  10.432  1.00 27.53 ? 6  DC C "O3'" 1 
ATOM 511  C "C2'" . DC C 1 6  ? -11.060 -3.730  10.829  1.00 21.43 ? 6  DC C "C2'" 1 
ATOM 512  C "C1'" . DC C 1 6  ? -9.631  -4.192  10.654  1.00 19.14 ? 6  DC C "C1'" 1 
ATOM 513  N N1    . DC C 1 6  ? -9.328  -5.632  10.795  1.00 16.59 ? 6  DC C N1    1 
ATOM 514  C C2    . DC C 1 6  ? -8.912  -6.405  9.677   1.00 15.30 ? 6  DC C C2    1 
ATOM 515  O O2    . DC C 1 6  ? -8.927  -5.893  8.541   1.00 15.09 ? 6  DC C O2    1 
ATOM 516  N N3    . DC C 1 6  ? -8.531  -7.698  9.878   1.00 13.15 ? 6  DC C N3    1 
ATOM 517  C C4    . DC C 1 6  ? -8.503  -8.204  11.122  1.00 13.28 ? 6  DC C C4    1 
ATOM 518  N N4    . DC C 1 6  ? -8.120  -9.467  11.281  1.00 13.48 ? 6  DC C N4    1 
ATOM 519  C C5    . DC C 1 6  ? -8.869  -7.429  12.264  1.00 13.79 ? 6  DC C C5    1 
ATOM 520  C C6    . DC C 1 6  ? -9.269  -6.165  12.058  1.00 14.86 ? 6  DC C C6    1 
ATOM 521  P P     . DC C 1 7  ? -12.423 -1.032  9.671   1.00 33.03 ? 7  DC C P     1 
ATOM 522  O OP1   . DC C 1 7  ? -12.272 0.207   8.861   1.00 31.53 ? 7  DC C OP1   1 
ATOM 523  O OP2   . DC C 1 7  ? -13.522 -1.170  10.671  1.00 30.77 ? 7  DC C OP2   1 
ATOM 524  O "O5'" . DC C 1 7  ? -12.425 -2.228  8.618   1.00 31.01 ? 7  DC C "O5'" 1 
ATOM 525  C "C5'" . DC C 1 7  ? -11.293 -2.388  7.707   1.00 30.86 ? 7  DC C "C5'" 1 
ATOM 526  C "C4'" . DC C 1 7  ? -11.681 -3.105  6.432   1.00 30.09 ? 7  DC C "C4'" 1 
ATOM 527  O "O4'" . DC C 1 7  ? -11.411 -4.523  6.533   1.00 28.52 ? 7  DC C "O4'" 1 
ATOM 528  C "C3'" . DC C 1 7  ? -13.155 -3.030  6.077   1.00 30.07 ? 7  DC C "C3'" 1 
ATOM 529  O "O3'" . DC C 1 7  ? -13.286 -3.140  4.661   1.00 33.54 ? 7  DC C "O3'" 1 
ATOM 530  C "C2'" . DC C 1 7  ? -13.724 -4.214  6.837   1.00 27.12 ? 7  DC C "C2'" 1 
ATOM 531  C "C1'" . DC C 1 7  ? -12.626 -5.252  6.647   1.00 23.88 ? 7  DC C "C1'" 1 
ATOM 532  N N1    . DC C 1 7  ? -12.428 -6.269  7.704   1.00 20.01 ? 7  DC C N1    1 
ATOM 533  C C2    . DC C 1 7  ? -11.935 -7.544  7.340   1.00 19.23 ? 7  DC C C2    1 
ATOM 534  O O2    . DC C 1 7  ? -11.730 -7.793  6.139   1.00 19.97 ? 7  DC C O2    1 
ATOM 535  N N3    . DC C 1 7  ? -11.712 -8.471  8.312   1.00 17.44 ? 7  DC C N3    1 
ATOM 536  C C4    . DC C 1 7  ? -11.923 -8.157  9.600   1.00 17.76 ? 7  DC C C4    1 
ATOM 537  N N4    . DC C 1 7  ? -11.680 -9.094  10.526  1.00 17.14 ? 7  DC C N4    1 
ATOM 538  C C5    . DC C 1 7  ? -12.405 -6.865  9.996   1.00 17.69 ? 7  DC C C5    1 
ATOM 539  C C6    . DC C 1 7  ? -12.630 -5.959  9.025   1.00 18.47 ? 7  DC C C6    1 
ATOM 540  P P     . DT C 1 8  ? -14.688 -2.822  3.964   1.00 40.10 ? 8  DT C P     1 
ATOM 541  O OP1   . DT C 1 8  ? -14.460 -1.758  2.947   1.00 40.20 ? 8  DT C OP1   1 
ATOM 542  O OP2   . DT C 1 8  ? -15.738 -2.630  5.017   1.00 35.07 ? 8  DT C OP2   1 
ATOM 543  O "O5'" . DT C 1 8  ? -15.016 -4.189  3.235   1.00 34.63 ? 8  DT C "O5'" 1 
ATOM 544  C "C5'" . DT C 1 8  ? -14.074 -4.929  2.422   1.00 34.11 ? 8  DT C "C5'" 1 
ATOM 545  C "C4'" . DT C 1 8  ? -14.743 -6.221  2.005   1.00 34.68 ? 8  DT C "C4'" 1 
ATOM 546  O "O4'" . DT C 1 8  ? -14.388 -7.242  2.986   1.00 32.66 ? 8  DT C "O4'" 1 
ATOM 547  C "C3'" . DT C 1 8  ? -16.274 -6.101  2.061   1.00 35.15 ? 8  DT C "C3'" 1 
ATOM 548  O "O3'" . DT C 1 8  ? -17.156 -6.889  1.248   1.00 41.10 ? 8  DT C "O3'" 1 
ATOM 549  C "C2'" . DT C 1 8  ? -16.529 -6.432  3.515   1.00 32.46 ? 8  DT C "C2'" 1 
ATOM 550  C "C1'" . DT C 1 8  ? -15.555 -7.595  3.694   1.00 28.12 ? 8  DT C "C1'" 1 
ATOM 551  N N1    . DT C 1 8  ? -15.205 -8.016  5.088   1.00 23.24 ? 8  DT C N1    1 
ATOM 552  C C2    . DT C 1 8  ? -14.657 -9.276  5.293   1.00 21.64 ? 8  DT C C2    1 
ATOM 553  O O2    . DT C 1 8  ? -14.273 -9.998  4.387   1.00 23.13 ? 8  DT C O2    1 
ATOM 554  N N3    . DT C 1 8  ? -14.555 -9.649  6.618   1.00 19.52 ? 8  DT C N3    1 
ATOM 555  C C4    . DT C 1 8  ? -14.962 -8.921  7.727   1.00 18.98 ? 8  DT C C4    1 
ATOM 556  O O4    . DT C 1 8  ? -14.804 -9.379  8.853   1.00 17.96 ? 8  DT C O4    1 
ATOM 557  C C5    . DT C 1 8  ? -15.568 -7.632  7.438   1.00 19.59 ? 8  DT C C5    1 
ATOM 558  C C7    . DT C 1 8  ? -16.022 -6.767  8.573   1.00 18.87 ? 8  DT C C7    1 
ATOM 559  C C6    . DT C 1 8  ? -15.680 -7.264  6.150   1.00 20.99 ? 8  DT C C6    1 
ATOM 560  P P     . DA C 1 9  ? -16.827 -7.261  -0.287  1.00 47.66 ? 9  DA C P     1 
ATOM 561  O OP1   . DA C 1 9  ? -15.964 -6.200  -0.860  1.00 45.72 ? 9  DA C OP1   1 
ATOM 562  O OP2   . DA C 1 9  ? -18.099 -7.644  -0.954  1.00 43.84 ? 9  DA C OP2   1 
ATOM 563  O "O5'" . DA C 1 9  ? -15.996 -8.603  -0.112  1.00 44.93 ? 9  DA C "O5'" 1 
ATOM 564  C "C5'" . DA C 1 9  ? -15.368 -9.292  -1.198  1.00 43.07 ? 9  DA C "C5'" 1 
ATOM 565  C "C4'" . DA C 1 9  ? -15.436 -10.787 -0.973  1.00 43.03 ? 9  DA C "C4'" 1 
ATOM 566  O "O4'" . DA C 1 9  ? -15.547 -11.124 0.438   1.00 42.21 ? 9  DA C "O4'" 1 
ATOM 567  C "C3'" . DA C 1 9  ? -16.654 -11.438 -1.597  1.00 43.35 ? 9  DA C "C3'" 1 
ATOM 568  O "O3'" . DA C 1 9  ? -16.344 -12.828 -1.674  1.00 46.34 ? 9  DA C "O3'" 1 
ATOM 569  C "C2'" . DA C 1 9  ? -17.702 -11.192 -0.532  1.00 41.50 ? 9  DA C "C2'" 1 
ATOM 570  C "C1'" . DA C 1 9  ? -16.893 -11.534 0.716   1.00 39.86 ? 9  DA C "C1'" 1 
ATOM 571  N N9    . DA C 1 9  ? -17.320 -10.912 1.972   1.00 35.33 ? 9  DA C N9    1 
ATOM 572  C C8    . DA C 1 9  ? -18.004 -9.737  2.174   1.00 33.04 ? 9  DA C C8    1 
ATOM 573  N N7    . DA C 1 9  ? -18.245 -9.476  3.437   1.00 30.80 ? 9  DA C N7    1 
ATOM 574  C C5    . DA C 1 9  ? -17.678 -10.546 4.114   1.00 29.43 ? 9  DA C C5    1 
ATOM 575  C C6    . DA C 1 9  ? -17.574 -10.860 5.495   1.00 27.67 ? 9  DA C C6    1 
ATOM 576  N N6    . DA C 1 9  ? -18.067 -10.095 6.473   1.00 26.01 ? 9  DA C N6    1 
ATOM 577  N N1    . DA C 1 9  ? -16.949 -12.016 5.833   1.00 28.57 ? 9  DA C N1    1 
ATOM 578  C C2    . DA C 1 9  ? -16.462 -12.799 4.848   1.00 30.26 ? 9  DA C C2    1 
ATOM 579  N N3    . DA C 1 9  ? -16.481 -12.598 3.521   1.00 30.48 ? 9  DA C N3    1 
ATOM 580  C C4    . DA C 1 9  ? -17.112 -11.446 3.221   1.00 31.05 ? 9  DA C C4    1 
ATOM 581  P P     . DA C 1 10 ? -16.964 -13.705 -2.798  1.00 51.49 ? 10 DA C P     1 
ATOM 582  O OP1   . DA C 1 10 ? -16.474 -13.162 -4.088  1.00 51.26 ? 10 DA C OP1   1 
ATOM 583  O OP2   . DA C 1 10 ? -18.434 -13.803 -2.556  1.00 50.22 ? 10 DA C OP2   1 
ATOM 584  O "O5'" . DA C 1 10 ? -16.263 -15.108 -2.522  1.00 48.33 ? 10 DA C "O5'" 1 
ATOM 585  C "C5'" . DA C 1 10 ? -17.011 -16.235 -2.035  1.00 44.74 ? 10 DA C "C5'" 1 
ATOM 586  C "C4'" . DA C 1 10 ? -16.782 -16.441 -0.558  1.00 40.73 ? 10 DA C "C4'" 1 
ATOM 587  O "O4'" . DA C 1 10 ? -17.227 -15.307 0.240   1.00 38.33 ? 10 DA C "O4'" 1 
ATOM 588  C "C3'" . DA C 1 10 ? -17.558 -17.646 -0.022  1.00 38.24 ? 10 DA C "C3'" 1 
ATOM 589  O "O3'" . DA C 1 10 ? -16.712 -18.361 0.885   1.00 36.67 ? 10 DA C "O3'" 1 
ATOM 590  C "C2'" . DA C 1 10 ? -18.757 -16.996 0.648   1.00 36.91 ? 10 DA C "C2'" 1 
ATOM 591  C "C1'" . DA C 1 10 ? -18.055 -15.820 1.281   1.00 34.55 ? 10 DA C "C1'" 1 
ATOM 592  N N9    . DA C 1 10 ? -18.859 -14.726 1.836   1.00 31.66 ? 10 DA C N9    1 
ATOM 593  C C8    . DA C 1 10 ? -19.424 -13.648 1.196   1.00 31.59 ? 10 DA C C8    1 
ATOM 594  N N7    . DA C 1 10 ? -20.020 -12.803 2.004   1.00 28.56 ? 10 DA C N7    1 
ATOM 595  C C5    . DA C 1 10 ? -19.823 -13.350 3.261   1.00 25.34 ? 10 DA C C5    1 
ATOM 596  C C6    . DA C 1 10 ? -20.197 -12.925 4.550   1.00 23.35 ? 10 DA C C6    1 
ATOM 597  N N6    . DA C 1 10 ? -20.894 -11.811 4.792   1.00 22.25 ? 10 DA C N6    1 
ATOM 598  N N1    . DA C 1 10 ? -19.850 -13.711 5.595   1.00 22.31 ? 10 DA C N1    1 
ATOM 599  C C2    . DA C 1 10 ? -19.156 -14.838 5.361   1.00 23.03 ? 10 DA C C2    1 
ATOM 600  N N3    . DA C 1 10 ? -18.729 -15.331 4.197   1.00 25.46 ? 10 DA C N3    1 
ATOM 601  C C4    . DA C 1 10 ? -19.101 -14.534 3.174   1.00 27.38 ? 10 DA C C4    1 
ATOM 602  O "O5'" . DT D 2 1  ? 2.601   8.124   26.461  1.00 54.77 ? 1  DT D "O5'" 1 
ATOM 603  C "C5'" . DT D 2 1  ? 3.717   9.038   26.556  1.00 55.23 ? 1  DT D "C5'" 1 
ATOM 604  C "C4'" . DT D 2 1  ? 5.059   8.341   26.480  1.00 54.28 ? 1  DT D "C4'" 1 
ATOM 605  O "O4'" . DT D 2 1  ? 5.522   7.966   27.798  1.00 58.16 ? 1  DT D "O4'" 1 
ATOM 606  C "C3'" . DT D 2 1  ? 5.132   7.060   25.654  1.00 54.03 ? 1  DT D "C3'" 1 
ATOM 607  O "O3'" . DT D 2 1  ? 6.413   7.033   25.025  1.00 54.36 ? 1  DT D "O3'" 1 
ATOM 608  C "C2'" . DT D 2 1  ? 4.978   5.966   26.697  1.00 55.28 ? 1  DT D "C2'" 1 
ATOM 609  C "C1'" . DT D 2 1  ? 5.741   6.559   27.861  1.00 56.07 ? 1  DT D "C1'" 1 
ATOM 610  N N1    . DT D 2 1  ? 5.329   6.089   29.214  1.00 54.73 ? 1  DT D N1    1 
ATOM 611  C C2    . DT D 2 1  ? 6.209   5.309   29.947  1.00 55.81 ? 1  DT D C2    1 
ATOM 612  O O2    . DT D 2 1  ? 7.302   4.957   29.531  1.00 60.37 ? 1  DT D O2    1 
ATOM 613  N N3    . DT D 2 1  ? 5.755   4.953   31.198  1.00 55.97 ? 1  DT D N3    1 
ATOM 614  C C4    . DT D 2 1  ? 4.538   5.289   31.776  1.00 56.03 ? 1  DT D C4    1 
ATOM 615  O O4    . DT D 2 1  ? 4.271   4.894   32.906  1.00 62.18 ? 1  DT D O4    1 
ATOM 616  C C5    . DT D 2 1  ? 3.668   6.117   30.955  1.00 52.83 ? 1  DT D C5    1 
ATOM 617  C C7    . DT D 2 1  ? 2.340   6.539   31.499  1.00 51.53 ? 1  DT D C7    1 
ATOM 618  C C6    . DT D 2 1  ? 4.100   6.465   29.732  1.00 52.66 ? 1  DT D C6    1 
ATOM 619  P P     . DT D 2 2  ? 6.848   5.804   24.117  1.00 59.29 ? 2  DT D P     1 
ATOM 620  O OP1   . DT D 2 2  ? 7.744   6.296   23.035  1.00 57.13 ? 2  DT D OP1   1 
ATOM 621  O OP2   . DT D 2 2  ? 5.640   4.985   23.780  1.00 54.48 ? 2  DT D OP2   1 
ATOM 622  O "O5'" . DT D 2 2  ? 7.790   4.999   25.101  1.00 57.11 ? 2  DT D "O5'" 1 
ATOM 623  C "C5'" . DT D 2 2  ? 8.158   3.652   24.785  1.00 58.51 ? 2  DT D "C5'" 1 
ATOM 624  C "C4'" . DT D 2 2  ? 8.154   2.810   26.036  1.00 57.28 ? 2  DT D "C4'" 1 
ATOM 625  O "O4'" . DT D 2 2  ? 7.135   3.227   26.951  1.00 54.01 ? 2  DT D "O4'" 1 
ATOM 626  C "C3'" . DT D 2 2  ? 7.860   1.337   25.798  1.00 58.17 ? 2  DT D "C3'" 1 
ATOM 627  O "O3'" . DT D 2 2  ? 9.116   0.724   25.522  1.00 65.55 ? 2  DT D "O3'" 1 
ATOM 628  C "C2'" . DT D 2 2  ? 7.226   0.888   27.101  1.00 56.47 ? 2  DT D "C2'" 1 
ATOM 629  C "C1'" . DT D 2 2  ? 7.012   2.176   27.877  1.00 52.33 ? 2  DT D "C1'" 1 
ATOM 630  N N1    . DT D 2 2  ? 5.694   2.284   28.535  1.00 49.37 ? 2  DT D N1    1 
ATOM 631  C C2    . DT D 2 2  ? 5.601   1.860   29.850  1.00 45.44 ? 2  DT D C2    1 
ATOM 632  O O2    . DT D 2 2  ? 6.550   1.419   30.479  1.00 44.32 ? 2  DT D O2    1 
ATOM 633  N N3    . DT D 2 2  ? 4.348   1.992   30.408  1.00 44.43 ? 2  DT D N3    1 
ATOM 634  C C4    . DT D 2 2  ? 3.204   2.483   29.793  1.00 47.58 ? 2  DT D C4    1 
ATOM 635  O O4    . DT D 2 2  ? 2.151   2.539   30.420  1.00 51.60 ? 2  DT D O4    1 
ATOM 636  C C5    . DT D 2 2  ? 3.372   2.898   28.410  1.00 48.20 ? 2  DT D C5    1 
ATOM 637  C C7    . DT D 2 2  ? 2.192   3.436   27.663  1.00 47.07 ? 2  DT D C7    1 
ATOM 638  C C6    . DT D 2 2  ? 4.589   2.769   27.856  1.00 48.90 ? 2  DT D C6    1 
ATOM 639  P P     . DA D 2 3  ? 9.498   0.301   24.039  1.00 75.59 ? 3  DA D P     1 
ATOM 640  O OP1   . DA D 2 3  ? 10.988  0.261   23.940  1.00 69.45 ? 3  DA D OP1   1 
ATOM 641  O OP2   . DA D 2 3  ? 8.740   1.161   23.087  1.00 82.61 ? 3  DA D OP2   1 
ATOM 642  O "O5'" . DA D 2 3  ? 8.840   -1.145  23.958  1.00 75.52 ? 3  DA D "O5'" 1 
ATOM 643  C "C5'" . DA D 2 3  ? 9.653   -2.329  23.989  1.00 71.60 ? 3  DA D "C5'" 1 
ATOM 644  C "C4'" . DA D 2 3  ? 10.201  -2.647  25.368  1.00 65.02 ? 3  DA D "C4'" 1 
ATOM 645  O "O4'" . DA D 2 3  ? 9.518   -1.971  26.456  1.00 58.23 ? 3  DA D "O4'" 1 
ATOM 646  C "C3'" . DA D 2 3  ? 10.151  -4.134  25.703  1.00 62.73 ? 3  DA D "C3'" 1 
ATOM 647  O "O3'" . DA D 2 3  ? 11.370  -4.602  26.258  1.00 67.46 ? 3  DA D "O3'" 1 
ATOM 648  C "C2'" . DA D 2 3  ? 8.998   -4.271  26.676  1.00 59.56 ? 3  DA D "C2'" 1 
ATOM 649  C "C1'" . DA D 2 3  ? 8.830   -2.896  27.291  1.00 55.45 ? 3  DA D "C1'" 1 
ATOM 650  N N9    . DA D 2 3  ? 7.432   -2.474  27.369  1.00 50.81 ? 3  DA D N9    1 
ATOM 651  C C8    . DA D 2 3  ? 6.589   -2.140  26.337  1.00 50.18 ? 3  DA D C8    1 
ATOM 652  N N7    . DA D 2 3  ? 5.382   -1.804  26.725  1.00 49.09 ? 3  DA D N7    1 
ATOM 653  C C5    . DA D 2 3  ? 5.429   -1.930  28.105  1.00 46.09 ? 3  DA D C5    1 
ATOM 654  C C6    . DA D 2 3  ? 4.461   -1.719  29.115  1.00 47.64 ? 3  DA D C6    1 
ATOM 655  N N6    . DA D 2 3  ? 3.214   -1.315  28.870  1.00 49.15 ? 3  DA D N6    1 
ATOM 656  N N1    . DA D 2 3  ? 4.826   -1.952  30.401  1.00 49.74 ? 3  DA D N1    1 
ATOM 657  C C2    . DA D 2 3  ? 6.089   -2.358  30.647  1.00 50.28 ? 3  DA D C2    1 
ATOM 658  N N3    . DA D 2 3  ? 7.089   -2.583  29.781  1.00 47.60 ? 3  DA D N3    1 
ATOM 659  C C4    . DA D 2 3  ? 6.685   -2.355  28.515  1.00 47.25 ? 3  DA D C4    1 
ATOM 660  P P     . DG D 2 4  ? 11.653  -6.155  26.274  1.00 76.03 ? 4  DG D P     1 
ATOM 661  O OP1   . DG D 2 4  ? 13.074  -6.363  26.654  1.00 80.75 ? 4  DG D OP1   1 
ATOM 662  O OP2   . DG D 2 4  ? 11.138  -6.743  25.004  1.00 69.88 ? 4  DG D OP2   1 
ATOM 663  O "O5'" . DG D 2 4  ? 10.719  -6.626  27.464  1.00 67.50 ? 4  DG D "O5'" 1 
ATOM 664  C "C5'" . DG D 2 4  ? 11.079  -6.362  28.822  1.00 65.28 ? 4  DG D "C5'" 1 
ATOM 665  C "C4'" . DG D 2 4  ? 10.135  -7.111  29.730  1.00 66.87 ? 4  DG D "C4'" 1 
ATOM 666  O "O4'" . DG D 2 4  ? 8.851   -6.445  29.684  1.00 65.60 ? 4  DG D "O4'" 1 
ATOM 667  C "C3'" . DG D 2 4  ? 9.863   -8.563  29.320  1.00 69.44 ? 4  DG D "C3'" 1 
ATOM 668  O "O3'" . DG D 2 4  ? 9.698   -9.397  30.474  1.00 73.67 ? 4  DG D "O3'" 1 
ATOM 669  C "C2'" . DG D 2 4  ? 8.580   -8.448  28.516  1.00 65.33 ? 4  DG D "C2'" 1 
ATOM 670  C "C1'" . DG D 2 4  ? 7.855   -7.384  29.315  1.00 64.21 ? 4  DG D "C1'" 1 
ATOM 671  N N9    . DG D 2 4  ? 6.783   -6.660  28.642  1.00 61.05 ? 4  DG D N9    1 
ATOM 672  C C8    . DG D 2 4  ? 6.673   -6.361  27.304  1.00 59.95 ? 4  DG D C8    1 
ATOM 673  N N7    . DG D 2 4  ? 5.590   -5.691  27.015  1.00 57.90 ? 4  DG D N7    1 
ATOM 674  C C5    . DG D 2 4  ? 4.952   -5.527  28.234  1.00 56.80 ? 4  DG D C5    1 
ATOM 675  C C6    . DG D 2 4  ? 3.726   -4.870  28.558  1.00 57.07 ? 4  DG D C6    1 
ATOM 676  O O6    . DG D 2 4  ? 2.940   -4.292  27.798  1.00 55.71 ? 4  DG D O6    1 
ATOM 677  N N1    . DG D 2 4  ? 3.443   -4.947  29.923  1.00 59.61 ? 4  DG D N1    1 
ATOM 678  C C2    . DG D 2 4  ? 4.240   -5.573  30.863  1.00 63.34 ? 4  DG D C2    1 
ATOM 679  N N2    . DG D 2 4  ? 3.804   -5.540  32.131  1.00 68.55 ? 4  DG D N2    1 
ATOM 680  N N3    . DG D 2 4  ? 5.390   -6.175  30.575  1.00 58.00 ? 4  DG D N3    1 
ATOM 681  C C4    . DG D 2 4  ? 5.678   -6.119  29.252  1.00 58.37 ? 4  DG D C4    1 
ATOM 682  P P     . DG D 2 5  ? 9.820   -11.002 30.364  1.00 75.84 ? 5  DG D P     1 
ATOM 683  O OP1   . DG D 2 5  ? 11.139  -11.403 30.918  1.00 73.71 ? 5  DG D OP1   1 
ATOM 684  O OP2   . DG D 2 5  ? 9.420   -11.436 28.995  1.00 72.64 ? 5  DG D OP2   1 
ATOM 685  O "O5'" . DG D 2 5  ? 8.711   -11.503 31.389  1.00 69.76 ? 5  DG D "O5'" 1 
ATOM 686  C "C5'" . DG D 2 5  ? 8.654   -10.978 32.728  1.00 64.54 ? 5  DG D "C5'" 1 
ATOM 687  C "C4'" . DG D 2 5  ? 7.219   -10.691 33.095  1.00 62.07 ? 5  DG D "C4'" 1 
ATOM 688  O "O4'" . DG D 2 5  ? 6.613   -9.814  32.109  1.00 60.98 ? 5  DG D "O4'" 1 
ATOM 689  C "C3'" . DG D 2 5  ? 6.327   -11.939 33.156  1.00 60.83 ? 5  DG D "C3'" 1 
ATOM 690  O "O3'" . DG D 2 5  ? 5.656   -12.007 34.426  1.00 61.38 ? 5  DG D "O3'" 1 
ATOM 691  C "C2'" . DG D 2 5  ? 5.390   -11.755 31.973  1.00 59.73 ? 5  DG D "C2'" 1 
ATOM 692  C "C1'" . DG D 2 5  ? 5.283   -10.254 31.939  1.00 58.05 ? 5  DG D "C1'" 1 
ATOM 693  N N9    . DG D 2 5  ? 4.756   -9.707  30.692  1.00 55.25 ? 5  DG D N9    1 
ATOM 694  C C8    . DG D 2 5  ? 5.273   -9.854  29.427  1.00 52.62 ? 5  DG D C8    1 
ATOM 695  N N7    . DG D 2 5  ? 4.547   -9.280  28.505  1.00 52.49 ? 5  DG D N7    1 
ATOM 696  C C5    . DG D 2 5  ? 3.473   -8.740  29.200  1.00 51.73 ? 5  DG D C5    1 
ATOM 697  C C6    . DG D 2 5  ? 2.342   -7.999  28.732  1.00 50.96 ? 5  DG D C6    1 
ATOM 698  O O6    . DG D 2 5  ? 2.065   -7.665  27.576  1.00 48.26 ? 5  DG D O6    1 
ATOM 699  N N1    . DG D 2 5  ? 1.490   -7.643  29.779  1.00 50.54 ? 5  DG D N1    1 
ATOM 700  C C2    . DG D 2 5  ? 1.693   -7.957  31.108  1.00 50.92 ? 5  DG D C2    1 
ATOM 701  N N2    . DG D 2 5  ? 0.759   -7.530  31.968  1.00 53.96 ? 5  DG D N2    1 
ATOM 702  N N3    . DG D 2 5  ? 2.744   -8.641  31.554  1.00 50.26 ? 5  DG D N3    1 
ATOM 703  C C4    . DG D 2 5  ? 3.584   -9.003  30.552  1.00 52.21 ? 5  DG D C4    1 
ATOM 704  P P     . DG D 2 6  ? 4.462   -13.066 34.692  1.00 60.65 ? 6  DG D P     1 
ATOM 705  O OP1   . DG D 2 6  ? 4.356   -13.278 36.153  1.00 59.35 ? 6  DG D OP1   1 
ATOM 706  O OP2   . DG D 2 6  ? 4.646   -14.234 33.785  1.00 56.35 ? 6  DG D OP2   1 
ATOM 707  O "O5'" . DG D 2 6  ? 3.173   -12.250 34.245  1.00 55.09 ? 6  DG D "O5'" 1 
ATOM 708  C "C5'" . DG D 2 6  ? 2.873   -10.966 34.824  1.00 55.97 ? 6  DG D "C5'" 1 
ATOM 709  C "C4'" . DG D 2 6  ? 1.391   -10.682 34.739  1.00 57.34 ? 6  DG D "C4'" 1 
ATOM 710  O "O4'" . DG D 2 6  ? 1.058   -10.193 33.417  1.00 58.95 ? 6  DG D "O4'" 1 
ATOM 711  C "C3'" . DG D 2 6  ? 0.480   -11.888 34.979  1.00 55.80 ? 6  DG D "C3'" 1 
ATOM 712  O "O3'" . DG D 2 6  ? -0.696  -11.468 35.664  1.00 54.47 ? 6  DG D "O3'" 1 
ATOM 713  C "C2'" . DG D 2 6  ? 0.177   -12.372 33.574  1.00 58.23 ? 6  DG D "C2'" 1 
ATOM 714  C "C1'" . DG D 2 6  ? 0.151   -11.081 32.776  1.00 58.34 ? 6  DG D "C1'" 1 
ATOM 715  N N9    . DG D 2 6  ? 0.571   -11.220 31.388  1.00 58.54 ? 6  DG D N9    1 
ATOM 716  C C8    . DG D 2 6  ? 1.706   -11.833 30.912  1.00 59.82 ? 6  DG D C8    1 
ATOM 717  N N7    . DG D 2 6  ? 1.816   -11.773 29.613  1.00 60.53 ? 6  DG D N7    1 
ATOM 718  C C5    . DG D 2 6  ? 0.687   -11.080 29.206  1.00 58.60 ? 6  DG D C5    1 
ATOM 719  C C6    . DG D 2 6  ? 0.254   -10.697 27.902  1.00 58.58 ? 6  DG D C6    1 
ATOM 720  O O6    . DG D 2 6  ? 0.799   -10.919 26.815  1.00 61.22 ? 6  DG D O6    1 
ATOM 721  N N1    . DG D 2 6  ? -0.951  -9.993  27.945  1.00 56.68 ? 6  DG D N1    1 
ATOM 722  C C2    . DG D 2 6  ? -1.654  -9.695  29.095  1.00 56.02 ? 6  DG D C2    1 
ATOM 723  N N2    . DG D 2 6  ? -2.792  -9.009  28.939  1.00 57.08 ? 6  DG D N2    1 
ATOM 724  N N3    . DG D 2 6  ? -1.261  -10.047 30.314  1.00 56.66 ? 6  DG D N3    1 
ATOM 725  C C4    . DG D 2 6  ? -0.094  -10.733 30.294  1.00 57.50 ? 6  DG D C4    1 
ATOM 726  P P     . DT D 2 7  ? -1.785  -12.524 36.150  1.00 53.98 ? 7  DT D P     1 
ATOM 727  O OP1   . DT D 2 7  ? -1.665  -12.680 37.614  1.00 56.77 ? 7  DT D OP1   1 
ATOM 728  O OP2   . DT D 2 7  ? -1.723  -13.726 35.282  1.00 53.44 ? 7  DT D OP2   1 
ATOM 729  O "O5'" . DT D 2 7  ? -3.141  -11.736 35.893  1.00 51.95 ? 7  DT D "O5'" 1 
ATOM 730  C "C5'" . DT D 2 7  ? -4.375  -12.446 35.709  1.00 53.11 ? 7  DT D "C5'" 1 
ATOM 731  C "C4'" . DT D 2 7  ? -5.005  -12.119 34.375  1.00 50.49 ? 7  DT D "C4'" 1 
ATOM 732  O "O4'" . DT D 2 7  ? -4.037  -11.814 33.346  1.00 47.97 ? 7  DT D "O4'" 1 
ATOM 733  C "C3'" . DT D 2 7  ? -5.815  -13.267 33.786  1.00 49.91 ? 7  DT D "C3'" 1 
ATOM 734  O "O3'" . DT D 2 7  ? -7.075  -13.440 34.450  1.00 50.77 ? 7  DT D "O3'" 1 
ATOM 735  C "C2'" . DT D 2 7  ? -5.890  -12.891 32.317  1.00 50.73 ? 7  DT D "C2'" 1 
ATOM 736  C "C1'" . DT D 2 7  ? -4.723  -11.935 32.101  1.00 49.38 ? 7  DT D "C1'" 1 
ATOM 737  N N1    . DT D 2 7  ? -3.773  -12.410 31.043  1.00 47.46 ? 7  DT D N1    1 
ATOM 738  C C2    . DT D 2 7  ? -3.983  -11.966 29.742  1.00 45.70 ? 7  DT D C2    1 
ATOM 739  O O2    . DT D 2 7  ? -4.861  -11.173 29.431  1.00 47.38 ? 7  DT D O2    1 
ATOM 740  N N3    . DT D 2 7  ? -3.093  -12.465 28.815  1.00 42.57 ? 7  DT D N3    1 
ATOM 741  C C4    . DT D 2 7  ? -2.059  -13.360 29.041  1.00 40.66 ? 7  DT D C4    1 
ATOM 742  O O4    . DT D 2 7  ? -1.335  -13.701 28.112  1.00 36.37 ? 7  DT D O4    1 
ATOM 743  C C5    . DT D 2 7  ? -1.921  -13.814 30.417  1.00 43.56 ? 7  DT D C5    1 
ATOM 744  C C7    . DT D 2 7  ? -0.837  -14.787 30.753  1.00 45.54 ? 7  DT D C7    1 
ATOM 745  C C6    . DT D 2 7  ? -2.780  -13.332 31.333  1.00 44.70 ? 7  DT D C6    1 
ATOM 746  P P     . DT D 2 8  ? -8.282  -12.425 34.166  1.00 56.31 ? 8  DT D P     1 
ATOM 747  O OP1   . DT D 2 8  ? -7.714  -11.055 34.129  1.00 57.83 ? 8  DT D OP1   1 
ATOM 748  O OP2   . DT D 2 8  ? -9.395  -12.743 35.087  1.00 57.67 ? 8  DT D OP2   1 
ATOM 749  O "O5'" . DT D 2 8  ? -8.726  -12.829 32.689  1.00 59.28 ? 8  DT D "O5'" 1 
ATOM 750  C "C5'" . DT D 2 8  ? -9.246  -11.859 31.752  1.00 58.96 ? 8  DT D "C5'" 1 
ATOM 751  C "C4'" . DT D 2 8  ? -9.536  -12.499 30.411  1.00 60.02 ? 8  DT D "C4'" 1 
ATOM 752  O "O4'" . DT D 2 8  ? -8.291  -12.822 29.733  1.00 58.60 ? 8  DT D "O4'" 1 
ATOM 753  C "C3'" . DT D 2 8  ? -10.328 -13.810 30.484  1.00 59.17 ? 8  DT D "C3'" 1 
ATOM 754  O "O3'" . DT D 2 8  ? -11.234 -13.939 29.386  1.00 59.51 ? 8  DT D "O3'" 1 
ATOM 755  C "C2'" . DT D 2 8  ? -9.249  -14.858 30.313  1.00 58.88 ? 8  DT D "C2'" 1 
ATOM 756  C "C1'" . DT D 2 8  ? -8.398  -14.155 29.267  1.00 59.86 ? 8  DT D "C1'" 1 
ATOM 757  N N1    . DT D 2 8  ? -7.035  -14.670 28.964  1.00 57.92 ? 8  DT D N1    1 
ATOM 758  C C2    . DT D 2 8  ? -6.407  -14.214 27.815  1.00 58.57 ? 8  DT D C2    1 
ATOM 759  O O2    . DT D 2 8  ? -6.896  -13.377 27.070  1.00 65.85 ? 8  DT D O2    1 
ATOM 760  N N3    . DT D 2 8  ? -5.165  -14.765 27.582  1.00 53.62 ? 8  DT D N3    1 
ATOM 761  C C4    . DT D 2 8  ? -4.509  -15.709 28.357  1.00 52.03 ? 8  DT D C4    1 
ATOM 762  O O4    . DT D 2 8  ? -3.397  -16.101 28.025  1.00 51.35 ? 8  DT D O4    1 
ATOM 763  C C5    . DT D 2 8  ? -5.228  -16.150 29.539  1.00 54.27 ? 8  DT D C5    1 
ATOM 764  C C7    . DT D 2 8  ? -4.597  -17.165 30.439  1.00 55.66 ? 8  DT D C7    1 
ATOM 765  C C6    . DT D 2 8  ? -6.442  -15.624 29.773  1.00 55.30 ? 8  DT D C6    1 
ATOM 766  P P     . DA D 2 9  ? -12.786 -13.696 29.585  1.00 67.52 ? 9  DA D P     1 
ATOM 767  O OP1   . DA D 2 9  ? -12.955 -12.398 30.278  1.00 71.20 ? 9  DA D OP1   1 
ATOM 768  O OP2   . DA D 2 9  ? -13.382 -14.930 30.146  1.00 61.98 ? 9  DA D OP2   1 
ATOM 769  O "O5'" . DA D 2 9  ? -13.295 -13.480 28.092  1.00 70.29 ? 9  DA D "O5'" 1 
ATOM 770  C "C5'" . DA D 2 9  ? -12.657 -12.514 27.225  1.00 70.26 ? 9  DA D "C5'" 1 
ATOM 771  C "C4'" . DA D 2 9  ? -12.221 -13.140 25.920  1.00 67.44 ? 9  DA D "C4'" 1 
ATOM 772  O "O4'" . DA D 2 9  ? -10.956 -13.834 26.048  1.00 66.44 ? 9  DA D "O4'" 1 
ATOM 773  C "C3'" . DA D 2 9  ? -13.191 -14.155 25.312  1.00 68.42 ? 9  DA D "C3'" 1 
ATOM 774  O "O3'" . DA D 2 9  ? -13.335 -13.769 23.940  1.00 73.19 ? 9  DA D "O3'" 1 
ATOM 775  C "C2'" . DA D 2 9  ? -12.517 -15.490 25.590  1.00 65.16 ? 9  DA D "C2'" 1 
ATOM 776  C "C1'" . DA D 2 9  ? -11.065 -15.103 25.426  1.00 63.47 ? 9  DA D "C1'" 1 
ATOM 777  N N9    . DA D 2 9  ? -10.090 -15.986 26.056  1.00 61.05 ? 9  DA D N9    1 
ATOM 778  C C8    . DA D 2 9  ? -10.102 -16.493 27.333  1.00 60.26 ? 9  DA D C8    1 
ATOM 779  N N7    . DA D 2 9  ? -9.051  -17.221 27.623  1.00 59.11 ? 9  DA D N7    1 
ATOM 780  C C5    . DA D 2 9  ? -8.283  -17.174 26.471  1.00 59.04 ? 9  DA D C5    1 
ATOM 781  C C6    . DA D 2 9  ? -7.036  -17.755 26.130  1.00 61.05 ? 9  DA D C6    1 
ATOM 782  N N6    . DA D 2 9  ? -6.321  -18.515 26.963  1.00 60.70 ? 9  DA D N6    1 
ATOM 783  N N1    . DA D 2 9  ? -6.553  -17.530 24.879  1.00 61.63 ? 9  DA D N1    1 
ATOM 784  C C2    . DA D 2 9  ? -7.280  -16.765 24.037  1.00 61.30 ? 9  DA D C2    1 
ATOM 785  N N3    . DA D 2 9  ? -8.464  -16.167 24.246  1.00 57.95 ? 9  DA D N3    1 
ATOM 786  C C4    . DA D 2 9  ? -8.912  -16.413 25.495  1.00 59.03 ? 9  DA D C4    1 
ATOM 787  P P     . DG D 2 10 ? -14.017 -14.717 22.861  1.00 75.34 ? 10 DG D P     1 
ATOM 788  O OP1   . DG D 2 10 ? -14.526 -13.851 21.767  1.00 79.13 ? 10 DG D OP1   1 
ATOM 789  O OP2   . DG D 2 10 ? -14.956 -15.644 23.564  1.00 68.89 ? 10 DG D OP2   1 
ATOM 790  O "O5'" . DG D 2 10 ? -12.760 -15.479 22.256  1.00 69.20 ? 10 DG D "O5'" 1 
ATOM 791  C "C5'" . DG D 2 10 ? -11.735 -14.753 21.546  1.00 69.26 ? 10 DG D "C5'" 1 
ATOM 792  C "C4'" . DG D 2 10 ? -11.055 -15.658 20.544  1.00 72.40 ? 10 DG D "C4'" 1 
ATOM 793  O "O4'" . DG D 2 10 ? -10.214 -16.605 21.245  1.00 76.97 ? 10 DG D "O4'" 1 
ATOM 794  C "C3'" . DG D 2 10 ? -11.999 -16.502 19.689  1.00 73.72 ? 10 DG D "C3'" 1 
ATOM 795  O "O3'" . DG D 2 10 ? -11.450 -16.692 18.385  1.00 73.99 ? 10 DG D "O3'" 1 
ATOM 796  C "C2'" . DG D 2 10 ? -12.099 -17.801 20.472  1.00 74.04 ? 10 DG D "C2'" 1 
ATOM 797  C "C1'" . DG D 2 10 ? -10.709 -17.932 21.091  1.00 73.85 ? 10 DG D "C1'" 1 
ATOM 798  N N9    . DG D 2 10 ? -10.637 -18.592 22.396  1.00 71.08 ? 10 DG D N9    1 
ATOM 799  C C8    . DG D 2 10 ? -11.607 -18.622 23.371  1.00 68.83 ? 10 DG D C8    1 
ATOM 800  N N7    . DG D 2 10 ? -11.240 -19.276 24.441  1.00 68.64 ? 10 DG D N7    1 
ATOM 801  C C5    . DG D 2 10 ? -9.947  -19.697 24.161  1.00 64.71 ? 10 DG D C5    1 
ATOM 802  C C6    . DG D 2 10 ? -9.025  -20.452 24.951  1.00 62.43 ? 10 DG D C6    1 
ATOM 803  O O6    . DG D 2 10 ? -9.180  -20.903 26.093  1.00 65.11 ? 10 DG D O6    1 
ATOM 804  N N1    . DG D 2 10 ? -7.814  -20.656 24.282  1.00 59.97 ? 10 DG D N1    1 
ATOM 805  C C2    . DG D 2 10 ? -7.525  -20.195 23.012  1.00 61.25 ? 10 DG D C2    1 
ATOM 806  N N2    . DG D 2 10 ? -6.307  -20.494 22.535  1.00 60.47 ? 10 DG D N2    1 
ATOM 807  N N3    . DG D 2 10 ? -8.374  -19.487 22.269  1.00 64.07 ? 10 DG D N3    1 
ATOM 808  C C4    . DG D 2 10 ? -9.557  -19.277 22.902  1.00 66.76 ? 10 DG D C4    1 
ATOM 809  O "O5'" . DC E 1 1  ? 20.108  5.587   -29.084 1.00 66.72 ? 1  DC E "O5'" 1 
ATOM 810  C "C5'" . DC E 1 1  ? 19.773  6.989   -29.024 1.00 62.84 ? 1  DC E "C5'" 1 
ATOM 811  C "C4'" . DC E 1 1  ? 18.832  7.254   -27.875 1.00 57.50 ? 1  DC E "C4'" 1 
ATOM 812  O "O4'" . DC E 1 1  ? 18.436  8.642   -27.887 1.00 53.43 ? 1  DC E "O4'" 1 
ATOM 813  C "C3'" . DC E 1 1  ? 17.538  6.436   -27.918 1.00 55.73 ? 1  DC E "C3'" 1 
ATOM 814  O "O3'" . DC E 1 1  ? 17.462  5.571   -26.782 1.00 58.32 ? 1  DC E "O3'" 1 
ATOM 815  C "C2'" . DC E 1 1  ? 16.443  7.481   -27.905 1.00 54.98 ? 1  DC E "C2'" 1 
ATOM 816  C "C1'" . DC E 1 1  ? 17.139  8.710   -27.369 1.00 53.57 ? 1  DC E "C1'" 1 
ATOM 817  N N1    . DC E 1 1  ? 16.532  9.983   -27.806 1.00 56.39 ? 1  DC E N1    1 
ATOM 818  C C2    . DC E 1 1  ? 16.374  11.042  -26.880 1.00 59.18 ? 1  DC E C2    1 
ATOM 819  O O2    . DC E 1 1  ? 16.800  10.907  -25.721 1.00 60.55 ? 1  DC E O2    1 
ATOM 820  N N3    . DC E 1 1  ? 15.761  12.187  -27.286 1.00 59.75 ? 1  DC E N3    1 
ATOM 821  C C4    . DC E 1 1  ? 15.311  12.299  -28.545 1.00 58.65 ? 1  DC E C4    1 
ATOM 822  N N4    . DC E 1 1  ? 14.726  13.446  -28.902 1.00 62.81 ? 1  DC E N4    1 
ATOM 823  C C5    . DC E 1 1  ? 15.444  11.236  -29.494 1.00 56.46 ? 1  DC E C5    1 
ATOM 824  C C6    . DC E 1 1  ? 16.063  10.113  -29.090 1.00 57.11 ? 1  DC E C6    1 
ATOM 825  P P     . DT E 1 2  ? 16.185  4.615   -26.534 1.00 59.82 ? 2  DT E P     1 
ATOM 826  O OP1   . DT E 1 2  ? 16.502  3.247   -27.007 1.00 57.92 ? 2  DT E OP1   1 
ATOM 827  O OP2   . DT E 1 2  ? 14.965  5.319   -27.022 1.00 60.71 ? 2  DT E OP2   1 
ATOM 828  O "O5'" . DT E 1 2  ? 16.185  4.455   -24.953 1.00 58.66 ? 2  DT E "O5'" 1 
ATOM 829  C "C5'" . DT E 1 2  ? 14.974  4.339   -24.208 1.00 55.80 ? 2  DT E "C5'" 1 
ATOM 830  C "C4'" . DT E 1 2  ? 14.881  5.447   -23.188 1.00 52.45 ? 2  DT E "C4'" 1 
ATOM 831  O "O4'" . DT E 1 2  ? 15.039  6.743   -23.826 1.00 48.91 ? 2  DT E "O4'" 1 
ATOM 832  C "C3'" . DT E 1 2  ? 13.526  5.471   -22.481 1.00 51.11 ? 2  DT E "C3'" 1 
ATOM 833  O "O3'" . DT E 1 2  ? 13.639  5.599   -21.069 1.00 49.51 ? 2  DT E "O3'" 1 
ATOM 834  C "C2'" . DT E 1 2  ? 12.825  6.672   -23.078 1.00 53.14 ? 2  DT E "C2'" 1 
ATOM 835  C "C1'" . DT E 1 2  ? 13.960  7.587   -23.454 1.00 50.85 ? 2  DT E "C1'" 1 
ATOM 836  N N1    . DT E 1 2  ? 13.563  8.409   -24.618 1.00 50.49 ? 2  DT E N1    1 
ATOM 837  C C2    . DT E 1 2  ? 13.150  9.716   -24.398 1.00 52.96 ? 2  DT E C2    1 
ATOM 838  O O2    . DT E 1 2  ? 13.194  10.259  -23.304 1.00 58.00 ? 2  DT E O2    1 
ATOM 839  N N3    . DT E 1 2  ? 12.728  10.382  -25.532 1.00 51.45 ? 2  DT E N3    1 
ATOM 840  C C4    . DT E 1 2  ? 12.644  9.872   -26.821 1.00 50.36 ? 2  DT E C4    1 
ATOM 841  O O4    . DT E 1 2  ? 12.254  10.589  -27.735 1.00 50.52 ? 2  DT E O4    1 
ATOM 842  C C5    . DT E 1 2  ? 13.048  8.482   -26.967 1.00 49.54 ? 2  DT E C5    1 
ATOM 843  C C7    . DT E 1 2  ? 12.997  7.848   -28.321 1.00 48.08 ? 2  DT E C7    1 
ATOM 844  C C6    . DT E 1 2  ? 13.450  7.823   -25.867 1.00 49.65 ? 2  DT E C6    1 
ATOM 845  P P     . DA E 1 3  ? 12.327  5.567   -20.180 1.00 50.39 ? 3  DA E P     1 
ATOM 846  O OP1   . DA E 1 3  ? 12.741  5.528   -18.763 1.00 51.31 ? 3  DA E OP1   1 
ATOM 847  O OP2   . DA E 1 3  ? 11.422  4.514   -20.721 1.00 51.35 ? 3  DA E OP2   1 
ATOM 848  O "O5'" . DA E 1 3  ? 11.668  6.984   -20.478 1.00 47.26 ? 3  DA E "O5'" 1 
ATOM 849  C "C5'" . DA E 1 3  ? 12.143  8.179   -19.835 1.00 48.47 ? 3  DA E "C5'" 1 
ATOM 850  C "C4'" . DA E 1 3  ? 10.990  9.046   -19.382 1.00 49.17 ? 3  DA E "C4'" 1 
ATOM 851  O "O4'" . DA E 1 3  ? 10.401  9.716   -20.515 1.00 48.22 ? 3  DA E "O4'" 1 
ATOM 852  C "C3'" . DA E 1 3  ? 9.816   8.339   -18.714 1.00 46.75 ? 3  DA E "C3'" 1 
ATOM 853  O "O3'" . DA E 1 3  ? 9.148   9.371   -17.987 1.00 45.63 ? 3  DA E "O3'" 1 
ATOM 854  C "C2'" . DA E 1 3  ? 8.997   7.889   -19.906 1.00 46.89 ? 3  DA E "C2'" 1 
ATOM 855  C "C1'" . DA E 1 3  ? 9.193   9.055   -20.882 1.00 50.40 ? 3  DA E "C1'" 1 
ATOM 856  N N9    . DA E 1 3  ? 9.308   8.683   -22.288 1.00 53.30 ? 3  DA E N9    1 
ATOM 857  C C8    . DA E 1 3  ? 9.752   7.504   -22.838 1.00 53.35 ? 3  DA E C8    1 
ATOM 858  N N7    . DA E 1 3  ? 9.740   7.493   -24.149 1.00 52.57 ? 3  DA E N7    1 
ATOM 859  C C5    . DA E 1 3  ? 9.262   8.751   -24.487 1.00 52.82 ? 3  DA E C5    1 
ATOM 860  C C6    . DA E 1 3  ? 9.018   9.371   -25.732 1.00 54.82 ? 3  DA E C6    1 
ATOM 861  N N6    . DA E 1 3  ? 9.229   8.772   -26.907 1.00 54.83 ? 3  DA E N6    1 
ATOM 862  N N1    . DA E 1 3  ? 8.534   10.640  -25.723 1.00 56.34 ? 3  DA E N1    1 
ATOM 863  C C2    . DA E 1 3  ? 8.326   11.242  -24.535 1.00 51.87 ? 3  DA E C2    1 
ATOM 864  N N3    . DA E 1 3  ? 8.525   10.761  -23.301 1.00 51.75 ? 3  DA E N3    1 
ATOM 865  C C4    . DA E 1 3  ? 8.992   9.496   -23.349 1.00 52.50 ? 3  DA E C4    1 
ATOM 866  P P     . DA E 1 4  ? 7.826   9.112   -17.154 1.00 44.91 ? 4  DA E P     1 
ATOM 867  O OP1   . DA E 1 4  ? 7.881   10.029  -15.978 1.00 42.06 ? 4  DA E OP1   1 
ATOM 868  O OP2   . DA E 1 4  ? 7.642   7.639   -16.969 1.00 44.59 ? 4  DA E OP2   1 
ATOM 869  O "O5'" . DA E 1 4  ? 6.699   9.680   -18.120 1.00 41.88 ? 4  DA E "O5'" 1 
ATOM 870  C "C5'" . DA E 1 4  ? 6.759   11.056  -18.547 1.00 40.55 ? 4  DA E "C5'" 1 
ATOM 871  C "C4'" . DA E 1 4  ? 5.547   11.451  -19.360 1.00 39.13 ? 4  DA E "C4'" 1 
ATOM 872  O "O4'" . DA E 1 4  ? 5.767   11.066  -20.740 1.00 38.46 ? 4  DA E "O4'" 1 
ATOM 873  C "C3'" . DA E 1 4  ? 4.226   10.804  -18.933 1.00 38.05 ? 4  DA E "C3'" 1 
ATOM 874  O "O3'" . DA E 1 4  ? 3.145   11.734  -18.962 1.00 37.62 ? 4  DA E "O3'" 1 
ATOM 875  C "C2'" . DA E 1 4  ? 4.034   9.707   -19.963 1.00 38.96 ? 4  DA E "C2'" 1 
ATOM 876  C "C1'" . DA E 1 4  ? 4.660   10.322  -21.199 1.00 40.35 ? 4  DA E "C1'" 1 
ATOM 877  N N9    . DA E 1 4  ? 5.140   9.387   -22.214 1.00 45.18 ? 4  DA E N9    1 
ATOM 878  C C8    . DA E 1 4  ? 5.532   8.074   -22.086 1.00 48.40 ? 4  DA E C8    1 
ATOM 879  N N7    . DA E 1 4  ? 5.899   7.518   -23.216 1.00 49.12 ? 4  DA E N7    1 
ATOM 880  C C5    . DA E 1 4  ? 5.744   8.531   -24.152 1.00 48.11 ? 4  DA E C5    1 
ATOM 881  C C6    . DA E 1 4  ? 5.967   8.585   -25.547 1.00 47.50 ? 4  DA E C6    1 
ATOM 882  N N6    . DA E 1 4  ? 6.413   7.551   -26.265 1.00 50.31 ? 4  DA E N6    1 
ATOM 883  N N1    . DA E 1 4  ? 5.720   9.755   -26.183 1.00 46.33 ? 4  DA E N1    1 
ATOM 884  C C2    . DA E 1 4  ? 5.272   10.799  -25.459 1.00 46.03 ? 4  DA E C2    1 
ATOM 885  N N3    . DA E 1 4  ? 5.016   10.868  -24.147 1.00 46.53 ? 4  DA E N3    1 
ATOM 886  C C4    . DA E 1 4  ? 5.276   9.690   -23.546 1.00 46.65 ? 4  DA E C4    1 
ATOM 887  P P     . DC E 1 5  ? 2.855   12.699  -17.709 1.00 40.01 ? 5  DC E P     1 
ATOM 888  O OP1   . DC E 1 5  ? 1.903   13.758  -18.151 1.00 38.74 ? 5  DC E OP1   1 
ATOM 889  O OP2   . DC E 1 5  ? 4.158   13.109  -17.137 1.00 37.59 ? 5  DC E OP2   1 
ATOM 890  O "O5'" . DC E 1 5  ? 2.103   11.744  -16.678 1.00 34.30 ? 5  DC E "O5'" 1 
ATOM 891  C "C5'" . DC E 1 5  ? 0.675   11.637  -16.665 1.00 30.34 ? 5  DC E "C5'" 1 
ATOM 892  C "C4'" . DC E 1 5  ? 0.218   11.166  -15.310 1.00 28.74 ? 5  DC E "C4'" 1 
ATOM 893  O "O4'" . DC E 1 5  ? 0.813   9.880   -15.067 1.00 26.74 ? 5  DC E "O4'" 1 
ATOM 894  C "C3'" . DC E 1 5  ? 0.669   12.014  -14.127 1.00 29.07 ? 5  DC E "C3'" 1 
ATOM 895  O "O3'" . DC E 1 5  ? -0.072  13.248  -14.033 1.00 31.26 ? 5  DC E "O3'" 1 
ATOM 896  C "C2'" . DC E 1 5  ? 0.592   11.011  -12.990 1.00 27.69 ? 5  DC E "C2'" 1 
ATOM 897  C "C1'" . DC E 1 5  ? 0.971   9.696   -13.661 1.00 25.05 ? 5  DC E "C1'" 1 
ATOM 898  N N1    . DC E 1 5  ? 2.346   9.207   -13.374 1.00 21.40 ? 5  DC E N1    1 
ATOM 899  C C2    . DC E 1 5  ? 2.639   8.735   -12.071 1.00 20.63 ? 5  DC E C2    1 
ATOM 900  O O2    . DC E 1 5  ? 1.751   8.761   -11.206 1.00 22.25 ? 5  DC E O2    1 
ATOM 901  N N3    . DC E 1 5  ? 3.888   8.279   -11.794 1.00 18.55 ? 5  DC E N3    1 
ATOM 902  C C4    . DC E 1 5  ? 4.822   8.263   -12.754 1.00 19.50 ? 5  DC E C4    1 
ATOM 903  N N4    . DC E 1 5  ? 6.033   7.805   -12.440 1.00 19.48 ? 5  DC E N4    1 
ATOM 904  C C5    . DC E 1 5  ? 4.554   8.732   -14.082 1.00 20.20 ? 5  DC E C5    1 
ATOM 905  C C6    . DC E 1 5  ? 3.319   9.203   -14.341 1.00 20.53 ? 5  DC E C6    1 
ATOM 906  P P     . DC E 1 6  ? -0.840  13.743  -12.674 1.00 33.00 ? 6  DC E P     1 
ATOM 907  O OP1   . DC E 1 6  ? -2.256  13.360  -12.811 1.00 31.97 ? 6  DC E OP1   1 
ATOM 908  O OP2   . DC E 1 6  ? -0.461  15.152  -12.410 1.00 31.46 ? 6  DC E OP2   1 
ATOM 909  O "O5'" . DC E 1 6  ? -0.228  12.867  -11.499 1.00 30.87 ? 6  DC E "O5'" 1 
ATOM 910  C "C5'" . DC E 1 6  ? -1.107  12.161  -10.599 1.00 30.79 ? 6  DC E "C5'" 1 
ATOM 911  C "C4'" . DC E 1 6  ? -0.482  12.066  -9.233  1.00 30.82 ? 6  DC E "C4'" 1 
ATOM 912  O "O4'" . DC E 1 6  ? 0.789   11.396  -9.318  1.00 29.54 ? 6  DC E "O4'" 1 
ATOM 913  C "C3'" . DC E 1 6  ? -0.227  13.408  -8.541  1.00 29.85 ? 6  DC E "C3'" 1 
ATOM 914  O "O3'" . DC E 1 6  ? -1.063  13.363  -7.379  1.00 33.32 ? 6  DC E "O3'" 1 
ATOM 915  C "C2'" . DC E 1 6  ? 1.288   13.461  -8.356  1.00 27.59 ? 6  DC E "C2'" 1 
ATOM 916  C "C1'" . DC E 1 6  ? 1.743   12.028  -8.495  1.00 25.51 ? 6  DC E "C1'" 1 
ATOM 917  N N1    . DC E 1 6  ? 3.055   11.831  -9.134  1.00 23.35 ? 6  DC E N1    1 
ATOM 918  C C2    . DC E 1 6  ? 4.118   11.250  -8.399  1.00 22.26 ? 6  DC E C2    1 
ATOM 919  O O2    . DC E 1 6  ? 3.945   10.973  -7.197  1.00 21.89 ? 6  DC E O2    1 
ATOM 920  N N3    . DC E 1 6  ? 5.305   11.024  -9.029  1.00 19.73 ? 6  DC E N3    1 
ATOM 921  C C4    . DC E 1 6  ? 5.439   11.308  -10.334 1.00 19.57 ? 6  DC E C4    1 
ATOM 922  N N4    . DC E 1 6  ? 6.612   11.066  -10.915 1.00 20.20 ? 6  DC E N4    1 
ATOM 923  C C5    . DC E 1 6  ? 4.369   11.863  -11.104 1.00 19.24 ? 6  DC E C5    1 
ATOM 924  C C6    . DC E 1 6  ? 3.209   12.105  -10.472 1.00 21.18 ? 6  DC E C6    1 
ATOM 925  P P     . DC E 1 7  ? -0.948  14.438  -6.248  1.00 37.43 ? 7  DC E P     1 
ATOM 926  O OP1   . DC E 1 7  ? -1.943  14.091  -5.189  1.00 34.89 ? 7  DC E OP1   1 
ATOM 927  O OP2   . DC E 1 7  ? -0.929  15.778  -6.909  1.00 37.60 ? 7  DC E OP2   1 
ATOM 928  O "O5'" . DC E 1 7  ? 0.463   14.098  -5.604  1.00 33.90 ? 7  DC E "O5'" 1 
ATOM 929  C "C5'" . DC E 1 7  ? 0.673   12.825  -4.951  1.00 32.94 ? 7  DC E "C5'" 1 
ATOM 930  C "C4'" . DC E 1 7  ? 1.709   12.959  -3.861  1.00 33.06 ? 7  DC E "C4'" 1 
ATOM 931  O "O4'" . DC E 1 7  ? 3.039   12.830  -4.412  1.00 32.27 ? 7  DC E "O4'" 1 
ATOM 932  C "C3'" . DC E 1 7  ? 1.720   14.307  -3.161  1.00 32.94 ? 7  DC E "C3'" 1 
ATOM 933  O "O3'" . DC E 1 7  ? 2.247   14.113  -1.864  1.00 34.20 ? 7  DC E "O3'" 1 
ATOM 934  C "C2'" . DC E 1 7  ? 2.652   15.124  -4.036  1.00 30.19 ? 7  DC E "C2'" 1 
ATOM 935  C "C1'" . DC E 1 7  ? 3.709   14.088  -4.396  1.00 27.34 ? 7  DC E "C1'" 1 
ATOM 936  N N1    . DC E 1 7  ? 4.414   14.220  -5.688  1.00 22.91 ? 7  DC E N1    1 
ATOM 937  C C2    . DC E 1 7  ? 5.704   13.662  -5.808  1.00 21.88 ? 7  DC E C2    1 
ATOM 938  O O2    . DC E 1 7  ? 6.238   13.157  -4.807  1.00 23.79 ? 7  DC E O2    1 
ATOM 939  N N3    . DC E 1 7  ? 6.340   13.715  -7.010  1.00 19.87 ? 7  DC E N3    1 
ATOM 940  C C4    . DC E 1 7  ? 5.738   14.287  -8.062  1.00 20.06 ? 7  DC E C4    1 
ATOM 941  N N4    . DC E 1 7  ? 6.403   14.328  -9.220  1.00 19.35 ? 7  DC E N4    1 
ATOM 942  C C5    . DC E 1 7  ? 4.416   14.835  -7.973  1.00 20.03 ? 7  DC E C5    1 
ATOM 943  C C6    . DC E 1 7  ? 3.796   14.773  -6.781  1.00 21.16 ? 7  DC E C6    1 
ATOM 944  P P     . DT E 1 8  ? 2.060   15.231  -0.766  1.00 39.42 ? 8  DT E P     1 
ATOM 945  O OP1   . DT E 1 8  ? 1.268   14.624  0.334   1.00 40.08 ? 8  DT E OP1   1 
ATOM 946  O OP2   . DT E 1 8  ? 1.598   16.509  -1.417  1.00 34.23 ? 8  DT E OP2   1 
ATOM 947  O "O5'" . DT E 1 8  ? 3.543   15.446  -0.244  1.00 35.32 ? 8  DT E "O5'" 1 
ATOM 948  C "C5'" . DT E 1 8  ? 4.488   14.354  -0.145  1.00 35.86 ? 8  DT E "C5'" 1 
ATOM 949  C "C4'" . DT E 1 8  ? 5.894   14.889  0.002   1.00 35.96 ? 8  DT E "C4'" 1 
ATOM 950  O "O4'" . DT E 1 8  ? 6.558   14.882  -1.299  1.00 34.71 ? 8  DT E "O4'" 1 
ATOM 951  C "C3'" . DT E 1 8  ? 5.934   16.344  0.462   1.00 35.61 ? 8  DT E "C3'" 1 
ATOM 952  O "O3'" . DT E 1 8  ? 7.180   16.644  1.078   1.00 41.95 ? 8  DT E "O3'" 1 
ATOM 953  C "C2'" . DT E 1 8  ? 5.810   17.064  -0.859  1.00 31.87 ? 8  DT E "C2'" 1 
ATOM 954  C "C1'" . DT E 1 8  ? 6.796   16.224  -1.668  1.00 29.05 ? 8  DT E "C1'" 1 
ATOM 955  N N1    . DT E 1 8  ? 6.802   16.341  -3.148  1.00 24.67 ? 8  DT E N1    1 
ATOM 956  C C2    . DT E 1 8  ? 7.964   15.999  -3.820  1.00 23.63 ? 8  DT E C2    1 
ATOM 957  O O2    . DT E 1 8  ? 8.929   15.480  -3.277  1.00 26.41 ? 8  DT E O2    1 
ATOM 958  N N3    . DT E 1 8  ? 7.954   16.293  -5.167  1.00 21.31 ? 8  DT E N3    1 
ATOM 959  C C4    . DT E 1 8  ? 6.929   16.887  -5.889  1.00 21.03 ? 8  DT E C4    1 
ATOM 960  O O4    . DT E 1 8  ? 7.056   17.074  -7.096  1.00 19.70 ? 8  DT E O4    1 
ATOM 961  C C5    . DT E 1 8  ? 5.750   17.236  -5.118  1.00 21.51 ? 8  DT E C5    1 
ATOM 962  C C7    . DT E 1 8  ? 4.585   17.866  -5.817  1.00 21.08 ? 8  DT E C7    1 
ATOM 963  C C6    . DT E 1 8  ? 5.759   16.978  -3.799  1.00 22.87 ? 8  DT E C6    1 
ATOM 964  P P     . DA E 1 9  ? 7.342   16.611  2.651   1.00 46.31 ? 9  DA E P     1 
ATOM 965  O OP1   . DA E 1 9  ? 6.611   15.425  3.176   1.00 46.61 ? 9  DA E OP1   1 
ATOM 966  O OP2   . DA E 1 9  ? 7.030   17.964  3.164   1.00 46.10 ? 9  DA E OP2   1 
ATOM 967  O "O5'" . DA E 1 9  ? 8.899   16.343  2.802   1.00 42.15 ? 9  DA E "O5'" 1 
ATOM 968  C "C5'" . DA E 1 9  ? 9.459   15.047  2.522   1.00 40.63 ? 9  DA E "C5'" 1 
ATOM 969  C "C4'" . DA E 1 9  ? 10.886  15.183  2.046   1.00 40.65 ? 9  DA E "C4'" 1 
ATOM 970  O "O4'" . DA E 1 9  ? 10.894  15.691  0.692   1.00 40.39 ? 9  DA E "O4'" 1 
ATOM 971  C "C3'" . DA E 1 9  ? 11.732  16.179  2.825   1.00 40.85 ? 9  DA E "C3'" 1 
ATOM 972  O "O3'" . DA E 1 9  ? 13.091  15.814  2.596   1.00 43.94 ? 9  DA E "O3'" 1 
ATOM 973  C "C2'" . DA E 1 9  ? 11.352  17.486  2.154   1.00 39.26 ? 9  DA E "C2'" 1 
ATOM 974  C "C1'" . DA E 1 9  ? 11.306  17.056  0.690   1.00 37.31 ? 9  DA E "C1'" 1 
ATOM 975  N N9    . DA E 1 9  ? 10.407  17.784  -0.205  1.00 33.51 ? 9  DA E N9    1 
ATOM 976  C C8    . DA E 1 9  ? 9.226   18.429  0.070   1.00 31.95 ? 9  DA E C8    1 
ATOM 977  N N7    . DA E 1 9  ? 8.648   18.949  -0.988  1.00 30.50 ? 9  DA E N7    1 
ATOM 978  C C5    . DA E 1 9  ? 9.495   18.607  -2.032  1.00 28.86 ? 9  DA E C5    1 
ATOM 979  C C6    . DA E 1 9  ? 9.438   18.847  -3.429  1.00 27.76 ? 9  DA E C6    1 
ATOM 980  N N6    . DA E 1 9  ? 8.459   19.530  -4.030  1.00 26.79 ? 9  DA E N6    1 
ATOM 981  N N1    . DA E 1 9  ? 10.450  18.363  -4.192  1.00 28.27 ? 9  DA E N1    1 
ATOM 982  C C2    . DA E 1 9  ? 11.447  17.686  -3.588  1.00 29.07 ? 9  DA E C2    1 
ATOM 983  N N3    . DA E 1 9  ? 11.597  17.380  -2.292  1.00 29.38 ? 9  DA E N3    1 
ATOM 984  C C4    . DA E 1 9  ? 10.578  17.876  -1.564  1.00 29.88 ? 9  DA E C4    1 
ATOM 985  P P     . DA E 1 10 ? 14.228  16.389  3.512   1.00 47.32 ? 10 DA E P     1 
ATOM 986  O OP1   . DA E 1 10 ? 14.287  15.550  4.730   1.00 49.53 ? 10 DA E OP1   1 
ATOM 987  O OP2   . DA E 1 10 ? 14.012  17.856  3.655   1.00 52.59 ? 10 DA E OP2   1 
ATOM 988  O "O5'" . DA E 1 10 ? 15.528  16.113  2.638   1.00 45.32 ? 10 DA E "O5'" 1 
ATOM 989  C "C5'" . DA E 1 10 ? 16.280  17.187  2.054   1.00 43.67 ? 10 DA E "C5'" 1 
ATOM 990  C "C4'" . DA E 1 10 ? 16.400  16.994  0.563   1.00 42.39 ? 10 DA E "C4'" 1 
ATOM 991  O "O4'" . DA E 1 10 ? 15.178  17.406  -0.101  1.00 40.00 ? 10 DA E "O4'" 1 
ATOM 992  C "C3'" . DA E 1 10 ? 17.483  17.887  -0.028  1.00 43.59 ? 10 DA E "C3'" 1 
ATOM 993  O "O3'" . DA E 1 10 ? 17.975  17.316  -1.248  1.00 46.39 ? 10 DA E "O3'" 1 
ATOM 994  C "C2'" . DA E 1 10 ? 16.714  19.169  -0.271  1.00 41.80 ? 10 DA E "C2'" 1 
ATOM 995  C "C1'" . DA E 1 10 ? 15.457  18.576  -0.866  1.00 38.10 ? 10 DA E "C1'" 1 
ATOM 996  N N9    . DA E 1 10 ? 14.254  19.407  -0.903  1.00 33.81 ? 10 DA E N9    1 
ATOM 997  C C8    . DA E 1 10 ? 13.354  19.733  0.084   1.00 31.33 ? 10 DA E C8    1 
ATOM 998  N N7    . DA E 1 10 ? 12.333  20.440  -0.342  1.00 27.55 ? 10 DA E N7    1 
ATOM 999  C C5    . DA E 1 10 ? 12.569  20.577  -1.700  1.00 27.36 ? 10 DA E C5    1 
ATOM 1000 C C6    . DA E 1 10 ? 11.853  21.223  -2.729  1.00 26.30 ? 10 DA E C6    1 
ATOM 1001 N N6    . DA E 1 10 ? 10.709  21.884  -2.534  1.00 24.55 ? 10 DA E N6    1 
ATOM 1002 N N1    . DA E 1 10 ? 12.372  21.177  -3.982  1.00 24.88 ? 10 DA E N1    1 
ATOM 1003 C C2    . DA E 1 10 ? 13.527  20.513  -4.184  1.00 25.77 ? 10 DA E C2    1 
ATOM 1004 N N3    . DA E 1 10 ? 14.287  19.862  -3.299  1.00 27.22 ? 10 DA E N3    1 
ATOM 1005 C C4    . DA E 1 10 ? 13.746  19.935  -2.063  1.00 29.74 ? 10 DA E C4    1 
ATOM 1006 O "O5'" . DT F 2 1  ? -14.360 3.187   -23.975 1.00 56.07 ? 1  DT F "O5'" 1 
ATOM 1007 C "C5'" . DT F 2 1  ? -15.093 1.979   -23.704 1.00 55.69 ? 1  DT F "C5'" 1 
ATOM 1008 C "C4'" . DT F 2 1  ? -14.415 0.796   -24.354 1.00 56.76 ? 1  DT F "C4'" 1 
ATOM 1009 O "O4'" . DT F 2 1  ? -14.443 0.937   -25.793 1.00 61.63 ? 1  DT F "O4'" 1 
ATOM 1010 C "C3'" . DT F 2 1  ? -12.946 0.610   -23.979 1.00 57.73 ? 1  DT F "C3'" 1 
ATOM 1011 O "O3'" . DT F 2 1  ? -12.704 -0.753  -23.633 1.00 57.09 ? 1  DT F "O3'" 1 
ATOM 1012 C "C2'" . DT F 2 1  ? -12.190 1.017   -25.232 1.00 60.95 ? 1  DT F "C2'" 1 
ATOM 1013 C "C1'" . DT F 2 1  ? -13.163 0.636   -26.316 1.00 62.09 ? 1  DT F "C1'" 1 
ATOM 1014 N N1    . DT F 2 1  ? -12.984 1.376   -27.592 1.00 65.06 ? 1  DT F N1    1 
ATOM 1015 C C2    . DT F 2 1  ? -12.277 0.760   -28.615 1.00 69.37 ? 1  DT F C2    1 
ATOM 1016 O O2    . DT F 2 1  ? -11.805 -0.364  -28.524 1.00 68.86 ? 1  DT F O2    1 
ATOM 1017 N N3    . DT F 2 1  ? -12.155 1.514   -29.763 1.00 72.75 ? 1  DT F N3    1 
ATOM 1018 C C4    . DT F 2 1  ? -12.647 2.794   -29.984 1.00 70.62 ? 1  DT F C4    1 
ATOM 1019 O O4    . DT F 2 1  ? -12.459 3.341   -31.068 1.00 76.39 ? 1  DT F O4    1 
ATOM 1020 C C5    . DT F 2 1  ? -13.371 3.382   -28.866 1.00 67.47 ? 1  DT F C5    1 
ATOM 1021 C C7    . DT F 2 1  ? -13.947 4.756   -29.013 1.00 66.95 ? 1  DT F C7    1 
ATOM 1022 C C6    . DT F 2 1  ? -13.488 2.658   -27.741 1.00 65.38 ? 1  DT F C6    1 
ATOM 1023 P P     . DT F 2 2  ? -11.279 -1.185  -23.082 1.00 62.54 ? 2  DT F P     1 
ATOM 1024 O OP1   . DT F 2 2  ? -11.427 -2.490  -22.380 1.00 62.18 ? 2  DT F OP1   1 
ATOM 1025 O OP2   . DT F 2 2  ? -10.650 -0.025  -22.390 1.00 58.80 ? 2  DT F OP2   1 
ATOM 1026 O "O5'" . DT F 2 2  ? -10.456 -1.350  -24.428 1.00 63.12 ? 2  DT F "O5'" 1 
ATOM 1027 C "C5'" . DT F 2 2  ? -10.457 -2.582  -25.158 1.00 61.95 ? 2  DT F "C5'" 1 
ATOM 1028 C "C4'" . DT F 2 2  ? -9.257  -2.601  -26.074 1.00 59.76 ? 2  DT F "C4'" 1 
ATOM 1029 O "O4'" . DT F 2 2  ? -9.417  -1.546  -27.047 1.00 56.10 ? 2  DT F "O4'" 1 
ATOM 1030 C "C3'" . DT F 2 2  ? -7.923  -2.331  -25.374 1.00 59.53 ? 2  DT F "C3'" 1 
ATOM 1031 O "O3'" . DT F 2 2  ? -6.913  -3.147  -25.950 1.00 65.31 ? 2  DT F "O3'" 1 
ATOM 1032 C "C2'" . DT F 2 2  ? -7.658  -0.865  -25.651 1.00 55.61 ? 2  DT F "C2'" 1 
ATOM 1033 C "C1'" . DT F 2 2  ? -8.290  -0.699  -27.022 1.00 54.51 ? 2  DT F "C1'" 1 
ATOM 1034 N N1    . DT F 2 2  ? -8.738  0.656   -27.428 1.00 53.18 ? 2  DT F N1    1 
ATOM 1035 C C2    . DT F 2 2  ? -8.715  0.962   -28.779 1.00 52.02 ? 2  DT F C2    1 
ATOM 1036 O O2    . DT F 2 2  ? -8.339  0.180   -29.638 1.00 57.78 ? 2  DT F O2    1 
ATOM 1037 N N3    . DT F 2 2  ? -9.137  2.238   -29.087 1.00 47.89 ? 2  DT F N3    1 
ATOM 1038 C C4    . DT F 2 2  ? -9.590  3.206   -28.204 1.00 47.02 ? 2  DT F C4    1 
ATOM 1039 O O4    . DT F 2 2  ? -9.938  4.302   -28.630 1.00 45.27 ? 2  DT F O4    1 
ATOM 1040 C C5    . DT F 2 2  ? -9.607  2.813   -26.807 1.00 49.94 ? 2  DT F C5    1 
ATOM 1041 C C7    . DT F 2 2  ? -10.067 3.799   -25.780 1.00 52.08 ? 2  DT F C7    1 
ATOM 1042 C C6    . DT F 2 2  ? -9.192  1.571   -26.493 1.00 51.89 ? 2  DT F C6    1 
ATOM 1043 P P     . DA F 2 3  ? -5.706  -3.666  -25.059 1.00 75.22 ? 3  DA F P     1 
ATOM 1044 O OP1   . DA F 2 3  ? -6.203  -4.774  -24.208 1.00 72.98 ? 3  DA F OP1   1 
ATOM 1045 O OP2   . DA F 2 3  ? -5.041  -2.478  -24.456 1.00 72.47 ? 3  DA F OP2   1 
ATOM 1046 O "O5'" . DA F 2 3  ? -4.736  -4.374  -26.102 1.00 74.37 ? 3  DA F "O5'" 1 
ATOM 1047 C "C5'" . DA F 2 3  ? -5.171  -4.825  -27.406 1.00 74.92 ? 3  DA F "C5'" 1 
ATOM 1048 C "C4'" . DA F 2 3  ? -4.303  -4.209  -28.477 1.00 73.54 ? 3  DA F "C4'" 1 
ATOM 1049 O "O4'" . DA F 2 3  ? -4.684  -2.835  -28.750 1.00 72.81 ? 3  DA F "O4'" 1 
ATOM 1050 C "C3'" . DA F 2 3  ? -2.823  -4.154  -28.108 1.00 69.33 ? 3  DA F "C3'" 1 
ATOM 1051 O "O3'" . DA F 2 3  ? -2.070  -4.442  -29.265 1.00 65.93 ? 3  DA F "O3'" 1 
ATOM 1052 C "C2'" . DA F 2 3  ? -2.640  -2.725  -27.634 1.00 69.36 ? 3  DA F "C2'" 1 
ATOM 1053 C "C1'" . DA F 2 3  ? -3.548  -1.995  -28.601 1.00 69.62 ? 3  DA F "C1'" 1 
ATOM 1054 N N9    . DA F 2 3  ? -4.017  -0.675  -28.185 1.00 67.53 ? 3  DA F N9    1 
ATOM 1055 C C8    . DA F 2 3  ? -4.141  -0.152  -26.920 1.00 71.22 ? 3  DA F C8    1 
ATOM 1056 N N7    . DA F 2 3  ? -4.606  1.075   -26.897 1.00 69.72 ? 3  DA F N7    1 
ATOM 1057 C C5    . DA F 2 3  ? -4.814  1.376   -28.234 1.00 65.21 ? 3  DA F C5    1 
ATOM 1058 C C6    . DA F 2 3  ? -5.300  2.536   -28.886 1.00 66.24 ? 3  DA F C6    1 
ATOM 1059 N N6    . DA F 2 3  ? -5.682  3.638   -28.241 1.00 68.20 ? 3  DA F N6    1 
ATOM 1060 N N1    . DA F 2 3  ? -5.377  2.517   -30.241 1.00 68.84 ? 3  DA F N1    1 
ATOM 1061 C C2    . DA F 2 3  ? -4.992  1.398   -30.890 1.00 70.56 ? 3  DA F C2    1 
ATOM 1062 N N3    . DA F 2 3  ? -4.519  0.248   -30.386 1.00 67.60 ? 3  DA F N3    1 
ATOM 1063 C C4    . DA F 2 3  ? -4.453  0.306   -29.041 1.00 64.75 ? 3  DA F C4    1 
ATOM 1064 P P     . DG F 2 4  ? -0.536  -4.743  -29.135 1.00 68.91 ? 4  DG F P     1 
ATOM 1065 O OP1   . DG F 2 4  ? -0.368  -6.215  -29.047 1.00 68.27 ? 4  DG F OP1   1 
ATOM 1066 O OP2   . DG F 2 4  ? 0.022   -3.895  -28.050 1.00 67.80 ? 4  DG F OP2   1 
ATOM 1067 O "O5'" . DG F 2 4  ? 0.046   -4.230  -30.528 1.00 67.72 ? 4  DG F "O5'" 1 
ATOM 1068 C "C5'" . DG F 2 4  ? -0.759  -3.710  -31.608 1.00 68.19 ? 4  DG F "C5'" 1 
ATOM 1069 C "C4'" . DG F 2 4  ? -0.285  -2.331  -32.011 1.00 72.55 ? 4  DG F "C4'" 1 
ATOM 1070 O "O4'" . DG F 2 4  ? -0.942  -1.315  -31.213 1.00 70.90 ? 4  DG F "O4'" 1 
ATOM 1071 C "C3'" . DG F 2 4  ? 1.222   -2.064  -31.865 1.00 75.34 ? 4  DG F "C3'" 1 
ATOM 1072 O "O3'" . DG F 2 4  ? 1.774   -1.470  -33.049 1.00 80.22 ? 4  DG F "O3'" 1 
ATOM 1073 C "C2'" . DG F 2 4  ? 1.294   -1.056  -30.735 1.00 71.66 ? 4  DG F "C2'" 1 
ATOM 1074 C "C1'" . DG F 2 4  ? 0.014   -0.301  -30.983 1.00 69.68 ? 4  DG F "C1'" 1 
ATOM 1075 N N9    . DG F 2 4  ? -0.463  0.535   -29.893 1.00 69.09 ? 4  DG F N9    1 
ATOM 1076 C C8    . DG F 2 4  ? -0.385  0.274   -28.547 1.00 73.76 ? 4  DG F C8    1 
ATOM 1077 N N7    . DG F 2 4  ? -0.894  1.224   -27.810 1.00 75.62 ? 4  DG F N7    1 
ATOM 1078 C C5    . DG F 2 4  ? -1.329  2.171   -28.724 1.00 70.71 ? 4  DG F C5    1 
ATOM 1079 C C6    . DG F 2 4  ? -1.978  3.423   -28.519 1.00 73.28 ? 4  DG F C6    1 
ATOM 1080 O O6    . DG F 2 4  ? -2.311  3.947   -27.453 1.00 76.99 ? 4  DG F O6    1 
ATOM 1081 N N1    . DG F 2 4  ? -2.255  4.065   -29.728 1.00 75.49 ? 4  DG F N1    1 
ATOM 1082 C C2    . DG F 2 4  ? -1.945  3.567   -30.978 1.00 76.68 ? 4  DG F C2    1 
ATOM 1083 N N2    . DG F 2 4  ? -2.286  4.330   -32.026 1.00 79.76 ? 4  DG F N2    1 
ATOM 1084 N N3    . DG F 2 4  ? -1.343  2.398   -31.180 1.00 74.62 ? 4  DG F N3    1 
ATOM 1085 C C4    . DG F 2 4  ? -1.069  1.759   -30.017 1.00 70.59 ? 4  DG F C4    1 
ATOM 1086 P P     . DG F 2 5  ? 2.995   -2.166  -33.802 1.00 79.11 ? 5  DG F P     1 
ATOM 1087 O OP1   . DG F 2 5  ? 2.595   -3.578  -34.081 1.00 73.80 ? 5  DG F OP1   1 
ATOM 1088 O OP2   . DG F 2 5  ? 4.230   -1.881  -33.017 1.00 74.39 ? 5  DG F OP2   1 
ATOM 1089 O "O5'" . DG F 2 5  ? 3.063   -1.368  -35.181 1.00 72.95 ? 5  DG F "O5'" 1 
ATOM 1090 C "C5'" . DG F 2 5  ? 3.859   -0.177  -35.335 1.00 67.99 ? 5  DG F "C5'" 1 
ATOM 1091 C "C4'" . DG F 2 5  ? 3.000   1.050   -35.154 1.00 65.23 ? 5  DG F "C4'" 1 
ATOM 1092 O "O4'" . DG F 2 5  ? 2.541   1.155   -33.791 1.00 65.49 ? 5  DG F "O4'" 1 
ATOM 1093 C "C3'" . DG F 2 5  ? 3.727   2.364   -35.431 1.00 64.96 ? 5  DG F "C3'" 1 
ATOM 1094 O "O3'" . DG F 2 5  ? 3.403   2.925   -36.702 1.00 63.62 ? 5  DG F "O3'" 1 
ATOM 1095 C "C2'" . DG F 2 5  ? 3.247   3.304   -34.335 1.00 65.61 ? 5  DG F "C2'" 1 
ATOM 1096 C "C1'" . DG F 2 5  ? 2.192   2.517   -33.601 1.00 65.26 ? 5  DG F "C1'" 1 
ATOM 1097 N N9    . DG F 2 5  ? 2.149   2.812   -32.170 1.00 62.99 ? 5  DG F N9    1 
ATOM 1098 C C8    . DG F 2 5  ? 2.697   2.092   -31.134 1.00 60.93 ? 5  DG F C8    1 
ATOM 1099 N N7    . DG F 2 5  ? 2.485   2.632   -29.963 1.00 59.90 ? 5  DG F N7    1 
ATOM 1100 C C5    . DG F 2 5  ? 1.782   3.795   -30.244 1.00 60.58 ? 5  DG F C5    1 
ATOM 1101 C C6    . DG F 2 5  ? 1.269   4.803   -29.370 1.00 59.64 ? 5  DG F C6    1 
ATOM 1102 O O6    . DG F 2 5  ? 1.353   4.868   -28.138 1.00 61.05 ? 5  DG F O6    1 
ATOM 1103 N N1    . DG F 2 5  ? 0.608   5.813   -30.073 1.00 59.34 ? 5  DG F N1    1 
ATOM 1104 C C2    . DG F 2 5  ? 0.449   5.849   -31.445 1.00 59.35 ? 5  DG F C2    1 
ATOM 1105 N N2    . DG F 2 5  ? -0.220  6.902   -31.937 1.00 61.26 ? 5  DG F N2    1 
ATOM 1106 N N3    . DG F 2 5  ? 0.922   4.916   -32.270 1.00 59.23 ? 5  DG F N3    1 
ATOM 1107 C C4    . DG F 2 5  ? 1.573   3.927   -31.605 1.00 61.50 ? 5  DG F C4    1 
ATOM 1108 P P     . DG F 2 6  ? 4.184   4.237   -37.204 1.00 63.69 ? 6  DG F P     1 
ATOM 1109 O OP1   . DG F 2 6  ? 3.308   4.993   -38.119 1.00 65.97 ? 6  DG F OP1   1 
ATOM 1110 O OP2   . DG F 2 6  ? 5.566   3.863   -37.576 1.00 60.09 ? 6  DG F OP2   1 
ATOM 1111 O "O5'" . DG F 2 6  ? 4.315   5.130   -35.903 1.00 58.20 ? 6  DG F "O5'" 1 
ATOM 1112 C "C5'" . DG F 2 6  ? 4.737   6.483   -36.021 1.00 59.52 ? 6  DG F "C5'" 1 
ATOM 1113 C "C4'" . DG F 2 6  ? 3.568   7.433   -35.906 1.00 58.22 ? 6  DG F "C4'" 1 
ATOM 1114 O "O4'" . DG F 2 6  ? 2.542   6.929   -35.011 1.00 60.06 ? 6  DG F "O4'" 1 
ATOM 1115 C "C3'" . DG F 2 6  ? 4.010   8.776   -35.332 1.00 60.87 ? 6  DG F "C3'" 1 
ATOM 1116 O "O3'" . DG F 2 6  ? 4.376   9.627   -36.434 1.00 57.54 ? 6  DG F "O3'" 1 
ATOM 1117 C "C2'" . DG F 2 6  ? 2.885   9.158   -34.375 1.00 62.08 ? 6  DG F "C2'" 1 
ATOM 1118 C "C1'" . DG F 2 6  ? 2.362   7.819   -33.906 1.00 63.36 ? 6  DG F "C1'" 1 
ATOM 1119 N N9    . DG F 2 6  ? 3.008   7.243   -32.719 1.00 65.54 ? 6  DG F N9    1 
ATOM 1120 C C8    . DG F 2 6  ? 3.803   6.121   -32.667 1.00 66.84 ? 6  DG F C8    1 
ATOM 1121 N N7    . DG F 2 6  ? 4.216   5.837   -31.461 1.00 67.65 ? 6  DG F N7    1 
ATOM 1122 C C5    . DG F 2 6  ? 3.657   6.824   -30.665 1.00 62.06 ? 6  DG F C5    1 
ATOM 1123 C C6    . DG F 2 6  ? 3.741   7.029   -29.255 1.00 60.64 ? 6  DG F C6    1 
ATOM 1124 O O6    . DG F 2 6  ? 4.352   6.358   -28.417 1.00 61.03 ? 6  DG F O6    1 
ATOM 1125 N N1    . DG F 2 6  ? 3.018   8.153   -28.853 1.00 60.95 ? 6  DG F N1    1 
ATOM 1126 C C2    . DG F 2 6  ? 2.298   8.973   -29.695 1.00 64.32 ? 6  DG F C2    1 
ATOM 1127 N N2    . DG F 2 6  ? 1.682   10.016  -29.119 1.00 67.44 ? 6  DG F N2    1 
ATOM 1128 N N3    . DG F 2 6  ? 2.203   8.786   -31.012 1.00 65.84 ? 6  DG F N3    1 
ATOM 1129 C C4    . DG F 2 6  ? 2.903   7.700   -31.425 1.00 63.93 ? 6  DG F C4    1 
ATOM 1130 P P     . DT F 2 7  ? 3.707   11.059  -36.610 1.00 60.40 ? 7  DT F P     1 
ATOM 1131 O OP1   . DT F 2 7  ? 2.399   10.861  -37.259 1.00 56.05 ? 7  DT F OP1   1 
ATOM 1132 O OP2   . DT F 2 7  ? 4.713   11.996  -37.162 1.00 59.95 ? 7  DT F OP2   1 
ATOM 1133 O "O5'" . DT F 2 7  ? 3.441   11.493  -35.105 1.00 61.99 ? 7  DT F "O5'" 1 
ATOM 1134 C "C5'" . DT F 2 7  ? 2.611   12.600  -34.743 1.00 63.30 ? 7  DT F "C5'" 1 
ATOM 1135 C "C4'" . DT F 2 7  ? 3.215   13.255  -33.524 1.00 62.62 ? 7  DT F "C4'" 1 
ATOM 1136 O "O4'" . DT F 2 7  ? 3.341   12.255  -32.489 1.00 64.56 ? 7  DT F "O4'" 1 
ATOM 1137 C "C3'" . DT F 2 7  ? 4.633   13.798  -33.752 1.00 64.69 ? 7  DT F "C3'" 1 
ATOM 1138 O "O3'" . DT F 2 7  ? 4.749   15.203  -34.032 1.00 63.23 ? 7  DT F "O3'" 1 
ATOM 1139 C "C2'" . DT F 2 7  ? 5.405   13.386  -32.509 1.00 68.48 ? 7  DT F "C2'" 1 
ATOM 1140 C "C1'" . DT F 2 7  ? 4.404   12.637  -31.642 1.00 66.68 ? 7  DT F "C1'" 1 
ATOM 1141 N N1    . DT F 2 7  ? 4.951   11.412  -30.990 1.00 61.02 ? 7  DT F N1    1 
ATOM 1142 C C2    . DT F 2 7  ? 4.935   11.328  -29.605 1.00 58.17 ? 7  DT F C2    1 
ATOM 1143 O O2    . DT F 2 7  ? 4.463   12.195  -28.885 1.00 61.12 ? 7  DT F O2    1 
ATOM 1144 N N3    . DT F 2 7  ? 5.489   10.173  -29.094 1.00 55.84 ? 7  DT F N3    1 
ATOM 1145 C C4    . DT F 2 7  ? 6.049   9.124   -29.810 1.00 55.69 ? 7  DT F C4    1 
ATOM 1146 O O4    . DT F 2 7  ? 6.495   8.149   -29.213 1.00 55.50 ? 7  DT F O4    1 
ATOM 1147 C C5    . DT F 2 7  ? 6.046   9.285   -31.254 1.00 57.10 ? 7  DT F C5    1 
ATOM 1148 C C7    . DT F 2 7  ? 6.629   8.203   -32.108 1.00 57.48 ? 7  DT F C7    1 
ATOM 1149 C C6    . DT F 2 7  ? 5.508   10.408  -31.763 1.00 59.46 ? 7  DT F C6    1 
ATOM 1150 P P     . DT F 2 8  ? 4.076   16.314  -33.092 1.00 64.21 ? 8  DT F P     1 
ATOM 1151 O OP1   . DT F 2 8  ? 2.609   16.123  -33.126 1.00 61.46 ? 8  DT F OP1   1 
ATOM 1152 O OP2   . DT F 2 8  ? 4.652   17.628  -33.449 1.00 65.77 ? 8  DT F OP2   1 
ATOM 1153 O "O5'" . DT F 2 8  ? 4.653   15.999  -31.639 1.00 66.06 ? 8  DT F "O5'" 1 
ATOM 1154 C "C5'" . DT F 2 8  ? 3.944   16.454  -30.465 1.00 68.10 ? 8  DT F "C5'" 1 
ATOM 1155 C "C4'" . DT F 2 8  ? 4.872   16.602  -29.282 1.00 65.99 ? 8  DT F "C4'" 1 
ATOM 1156 O "O4'" . DT F 2 8  ? 5.427   15.312  -28.911 1.00 64.19 ? 8  DT F "O4'" 1 
ATOM 1157 C "C3'" . DT F 2 8  ? 6.075   17.512  -29.529 1.00 64.07 ? 8  DT F "C3'" 1 
ATOM 1158 O "O3'" . DT F 2 8  ? 6.434   18.135  -28.295 1.00 61.47 ? 8  DT F "O3'" 1 
ATOM 1159 C "C2'" . DT F 2 8  ? 7.163   16.525  -29.893 1.00 64.16 ? 8  DT F "C2'" 1 
ATOM 1160 C "C1'" . DT F 2 8  ? 6.841   15.423  -28.893 1.00 66.11 ? 8  DT F "C1'" 1 
ATOM 1161 N N1    . DT F 2 8  ? 7.420   14.073  -29.088 1.00 67.16 ? 8  DT F N1    1 
ATOM 1162 C C2    . DT F 2 8  ? 7.342   13.174  -28.035 1.00 68.38 ? 8  DT F C2    1 
ATOM 1163 O O2    . DT F 2 8  ? 6.798   13.432  -26.970 1.00 72.48 ? 8  DT F O2    1 
ATOM 1164 N N3    . DT F 2 8  ? 7.910   11.943  -28.288 1.00 66.94 ? 8  DT F N3    1 
ATOM 1165 C C4    . DT F 2 8  ? 8.543   11.535  -29.454 1.00 66.82 ? 8  DT F C4    1 
ATOM 1166 O O4    . DT F 2 8  ? 9.003   10.401  -29.534 1.00 68.18 ? 8  DT F O4    1 
ATOM 1167 C C5    . DT F 2 8  ? 8.598   12.531  -30.511 1.00 69.69 ? 8  DT F C5    1 
ATOM 1168 C C7    . DT F 2 8  ? 9.261   12.182  -31.806 1.00 73.50 ? 8  DT F C7    1 
ATOM 1169 C C6    . DT F 2 8  ? 8.046   13.733  -30.275 1.00 68.35 ? 8  DT F C6    1 
ATOM 1170 P P     . DA F 2 9  ? 6.548   19.691  -28.183 1.00 63.96 ? 9  DA F P     1 
ATOM 1171 O OP1   . DA F 2 9  ? 5.191   20.246  -28.389 1.00 64.23 ? 9  DA F OP1   1 
ATOM 1172 O OP2   . DA F 2 9  ? 7.677   20.133  -29.032 1.00 59.66 ? 9  DA F OP2   1 
ATOM 1173 O "O5'" . DA F 2 9  ? 6.920   19.882  -26.647 1.00 69.11 ? 9  DA F "O5'" 1 
ATOM 1174 C "C5'" . DA F 2 9  ? 6.028   19.400  -25.619 1.00 71.94 ? 9  DA F "C5'" 1 
ATOM 1175 C "C4'" . DA F 2 9  ? 6.784   18.581  -24.602 1.00 71.63 ? 9  DA F "C4'" 1 
ATOM 1176 O "O4'" . DA F 2 9  ? 7.322   17.381  -25.211 1.00 72.78 ? 9  DA F "O4'" 1 
ATOM 1177 C "C3'" . DA F 2 9  ? 7.978   19.300  -23.971 1.00 74.33 ? 9  DA F "C3'" 1 
ATOM 1178 O "O3'" . DA F 2 9  ? 7.948   19.055  -22.559 1.00 78.95 ? 9  DA F "O3'" 1 
ATOM 1179 C "C2'" . DA F 2 9  ? 9.164   18.681  -24.689 1.00 73.82 ? 9  DA F "C2'" 1 
ATOM 1180 C "C1'" . DA F 2 9  ? 8.679   17.257  -24.830 1.00 73.25 ? 9  DA F "C1'" 1 
ATOM 1181 N N9    . DA F 2 9  ? 9.367   16.482  -25.853 1.00 73.82 ? 9  DA F N9    1 
ATOM 1182 C C8    . DA F 2 9  ? 9.619   16.855  -27.151 1.00 77.72 ? 9  DA F C8    1 
ATOM 1183 N N7    . DA F 2 9  ? 10.266  15.950  -27.847 1.00 78.46 ? 9  DA F N7    1 
ATOM 1184 C C5    . DA F 2 9  ? 10.453  14.910  -26.949 1.00 74.57 ? 9  DA F C5    1 
ATOM 1185 C C6    . DA F 2 9  ? 11.084  13.649  -27.070 1.00 75.10 ? 9  DA F C6    1 
ATOM 1186 N N6    . DA F 2 9  ? 11.652  13.216  -28.197 1.00 75.82 ? 9  DA F N6    1 
ATOM 1187 N N1    . DA F 2 9  ? 11.116  12.848  -25.973 1.00 76.44 ? 9  DA F N1    1 
ATOM 1188 C C2    . DA F 2 9  ? 10.542  13.292  -24.835 1.00 77.87 ? 9  DA F C2    1 
ATOM 1189 N N3    . DA F 2 9  ? 9.919   14.460  -24.602 1.00 75.46 ? 9  DA F N3    1 
ATOM 1190 C C4    . DA F 2 9  ? 9.909   15.229  -25.711 1.00 73.54 ? 9  DA F C4    1 
ATOM 1191 P P     . DG F 2 10 ? 9.152   19.504  -21.601 1.00 84.15 ? 10 DG F P     1 
ATOM 1192 O OP1   . DG F 2 10 ? 8.575   19.796  -20.266 1.00 88.14 ? 10 DG F OP1   1 
ATOM 1193 O OP2   . DG F 2 10 ? 9.967   20.543  -22.297 1.00 77.33 ? 10 DG F OP2   1 
ATOM 1194 O "O5'" . DG F 2 10 ? 10.004  18.165  -21.481 1.00 81.31 ? 10 DG F "O5'" 1 
ATOM 1195 C "C5'" . DG F 2 10 ? 9.557   17.050  -20.679 1.00 79.00 ? 10 DG F "C5'" 1 
ATOM 1196 C "C4'" . DG F 2 10 ? 10.748  16.304  -20.122 1.00 81.05 ? 10 DG F "C4'" 1 
ATOM 1197 O "O4'" . DG F 2 10 ? 11.454  15.640  -21.197 1.00 79.49 ? 10 DG F "O4'" 1 
ATOM 1198 C "C3'" . DG F 2 10 ? 11.791  17.179  -19.428 1.00 84.05 ? 10 DG F "C3'" 1 
ATOM 1199 O "O3'" . DG F 2 10 ? 12.423  16.466  -18.363 1.00 85.64 ? 10 DG F "O3'" 1 
ATOM 1200 C "C2'" . DG F 2 10 ? 12.766  17.504  -20.546 1.00 82.57 ? 10 DG F "C2'" 1 
ATOM 1201 C "C1'" . DG F 2 10 ? 12.727  16.246  -21.410 1.00 80.40 ? 10 DG F "C1'" 1 
ATOM 1202 N N9    . DG F 2 10 ? 12.893  16.448  -22.849 1.00 79.91 ? 10 DG F N9    1 
ATOM 1203 C C8    . DG F 2 10 ? 12.572  17.567  -23.583 1.00 77.59 ? 10 DG F C8    1 
ATOM 1204 N N7    . DG F 2 10 ? 12.831  17.436  -24.857 1.00 76.44 ? 10 DG F N7    1 
ATOM 1205 C C5    . DG F 2 10 ? 13.353  16.155  -24.973 1.00 76.43 ? 10 DG F C5    1 
ATOM 1206 C C6    . DG F 2 10 ? 13.824  15.443  -26.123 1.00 74.06 ? 10 DG F C6    1 
ATOM 1207 O O6    . DG F 2 10 ? 13.864  15.821  -27.299 1.00 72.82 ? 10 DG F O6    1 
ATOM 1208 N N1    . DG F 2 10 ? 14.270  14.160  -25.790 1.00 71.77 ? 10 DG F N1    1 
ATOM 1209 C C2    . DG F 2 10 ? 14.271  13.628  -24.516 1.00 75.01 ? 10 DG F C2    1 
ATOM 1210 N N2    . DG F 2 10 ? 14.747  12.380  -24.393 1.00 75.85 ? 10 DG F N2    1 
ATOM 1211 N N3    . DG F 2 10 ? 13.833  14.281  -23.440 1.00 76.83 ? 10 DG F N3    1 
ATOM 1212 C C4    . DG F 2 10 ? 13.395  15.530  -23.741 1.00 78.14 ? 10 DG F C4    1 
ATOM 1213 O "O5'" . DC G 1 1  ? 5.184   -7.315  -9.711  1.00 35.90 ? 1  DC G "O5'" 1 
ATOM 1214 C "C5'" . DC G 1 1  ? 5.892   -8.139  -10.668 1.00 33.28 ? 1  DC G "C5'" 1 
ATOM 1215 C "C4'" . DC G 1 1  ? 5.330   -7.939  -12.054 1.00 31.13 ? 1  DC G "C4'" 1 
ATOM 1216 O "O4'" . DC G 1 1  ? 3.895   -8.033  -11.979 1.00 29.98 ? 1  DC G "O4'" 1 
ATOM 1217 C "C3'" . DC G 1 1  ? 5.606   -6.566  -12.649 1.00 30.41 ? 1  DC G "C3'" 1 
ATOM 1218 O "O3'" . DC G 1 1  ? 6.776   -6.504  -13.454 1.00 32.28 ? 1  DC G "O3'" 1 
ATOM 1219 C "C2'" . DC G 1 1  ? 4.402   -6.315  -13.528 1.00 29.34 ? 1  DC G "C2'" 1 
ATOM 1220 C "C1'" . DC G 1 1  ? 3.295   -7.049  -12.807 1.00 28.76 ? 1  DC G "C1'" 1 
ATOM 1221 N N1    . DC G 1 1  ? 2.314   -6.261  -12.008 1.00 27.40 ? 1  DC G N1    1 
ATOM 1222 C C2    . DC G 1 1  ? 1.279   -5.596  -12.704 1.00 26.74 ? 1  DC G C2    1 
ATOM 1223 O O2    . DC G 1 1  ? 1.287   -5.601  -13.945 1.00 26.55 ? 1  DC G O2    1 
ATOM 1224 N N3    . DC G 1 1  ? 0.300   -4.967  -11.998 1.00 24.83 ? 1  DC G N3    1 
ATOM 1225 C C4    . DC G 1 1  ? 0.320   -4.988  -10.658 1.00 25.52 ? 1  DC G C4    1 
ATOM 1226 N N4    . DC G 1 1  ? -0.647  -4.337  -10.006 1.00 25.87 ? 1  DC G N4    1 
ATOM 1227 C C5    . DC G 1 1  ? 1.351   -5.662  -9.926  1.00 26.51 ? 1  DC G C5    1 
ATOM 1228 C C6    . DC G 1 1  ? 2.319   -6.277  -10.634 1.00 26.41 ? 1  DC G C6    1 
ATOM 1229 P P     . DT G 1 2  ? 7.432   -5.068  -13.735 1.00 38.54 ? 2  DT G P     1 
ATOM 1230 O OP1   . DT G 1 2  ? 8.727   -5.274  -14.452 1.00 33.56 ? 2  DT G OP1   1 
ATOM 1231 O OP2   . DT G 1 2  ? 7.376   -4.275  -12.471 1.00 32.48 ? 2  DT G OP2   1 
ATOM 1232 O "O5'" . DT G 1 2  ? 6.389   -4.392  -14.733 1.00 31.32 ? 2  DT G "O5'" 1 
ATOM 1233 C "C5'" . DT G 1 2  ? 6.048   -5.023  -15.975 1.00 28.77 ? 2  DT G "C5'" 1 
ATOM 1234 C "C4'" . DT G 1 2  ? 5.428   -4.021  -16.919 1.00 27.41 ? 2  DT G "C4'" 1 
ATOM 1235 O "O4'" . DT G 1 2  ? 4.175   -3.538  -16.385 1.00 25.62 ? 2  DT G "O4'" 1 
ATOM 1236 C "C3'" . DT G 1 2  ? 6.265   -2.767  -17.145 1.00 26.17 ? 2  DT G "C3'" 1 
ATOM 1237 O "O3'" . DT G 1 2  ? 5.976   -2.287  -18.468 1.00 27.71 ? 2  DT G "O3'" 1 
ATOM 1238 C "C2'" . DT G 1 2  ? 5.824   -1.874  -15.996 1.00 24.03 ? 2  DT G "C2'" 1 
ATOM 1239 C "C1'" . DT G 1 2  ? 4.343   -2.217  -15.863 1.00 21.94 ? 2  DT G "C1'" 1 
ATOM 1240 N N1    . DT G 1 2  ? 3.749   -2.199  -14.496 1.00 18.09 ? 2  DT G N1    1 
ATOM 1241 C C2    . DT G 1 2  ? 2.454   -1.724  -14.356 1.00 16.85 ? 2  DT G C2    1 
ATOM 1242 O O2    . DT G 1 2  ? 1.796   -1.277  -15.285 1.00 17.09 ? 2  DT G O2    1 
ATOM 1243 N N3    . DT G 1 2  ? 1.968   -1.761  -13.065 1.00 15.41 ? 2  DT G N3    1 
ATOM 1244 C C4    . DT G 1 2  ? 2.610   -2.253  -11.940 1.00 14.94 ? 2  DT G C4    1 
ATOM 1245 O O4    . DT G 1 2  ? 2.034   -2.247  -10.857 1.00 14.60 ? 2  DT G O4    1 
ATOM 1246 C C5    . DT G 1 2  ? 3.950   -2.753  -12.162 1.00 15.28 ? 2  DT G C5    1 
ATOM 1247 C C7    . DT G 1 2  ? 4.726   -3.282  -10.998 1.00 15.61 ? 2  DT G C7    1 
ATOM 1248 C C6    . DT G 1 2  ? 4.446   -2.706  -13.413 1.00 16.34 ? 2  DT G C6    1 
ATOM 1249 P P     . DA G 1 3  ? 6.437   -0.829  -18.940 1.00 31.90 ? 3  DA G P     1 
ATOM 1250 O OP1   . DA G 1 3  ? 6.662   -0.866  -20.408 1.00 31.98 ? 3  DA G OP1   1 
ATOM 1251 O OP2   . DA G 1 3  ? 7.512   -0.338  -18.023 1.00 30.12 ? 3  DA G OP2   1 
ATOM 1252 O "O5'" . DA G 1 3  ? 5.143   0.056   -18.665 1.00 29.25 ? 3  DA G "O5'" 1 
ATOM 1253 C "C5'" . DA G 1 3  ? 3.843   -0.346  -19.119 1.00 27.08 ? 3  DA G "C5'" 1 
ATOM 1254 C "C4'" . DA G 1 3  ? 2.875   0.819   -19.112 1.00 26.79 ? 3  DA G "C4'" 1 
ATOM 1255 O "O4'" . DA G 1 3  ? 2.258   1.025   -17.816 1.00 24.67 ? 3  DA G "O4'" 1 
ATOM 1256 C "C3'" . DA G 1 3  ? 3.459   2.176   -19.506 1.00 26.39 ? 3  DA G "C3'" 1 
ATOM 1257 O "O3'" . DA G 1 3  ? 2.477   2.819   -20.316 1.00 28.80 ? 3  DA G "O3'" 1 
ATOM 1258 C "C2'" . DA G 1 3  ? 3.753   2.841   -18.169 1.00 24.88 ? 3  DA G "C2'" 1 
ATOM 1259 C "C1'" . DA G 1 3  ? 2.678   2.275   -17.246 1.00 23.77 ? 3  DA G "C1'" 1 
ATOM 1260 N N9    . DA G 1 3  ? 3.094   1.999   -15.873 1.00 20.64 ? 3  DA G N9    1 
ATOM 1261 C C8    . DA G 1 3  ? 4.249   1.397   -15.431 1.00 20.49 ? 3  DA G C8    1 
ATOM 1262 N N7    . DA G 1 3  ? 4.285   1.203   -14.133 1.00 19.02 ? 3  DA G N7    1 
ATOM 1263 C C5    . DA G 1 3  ? 3.059   1.681   -13.695 1.00 17.57 ? 3  DA G C5    1 
ATOM 1264 C C6    . DA G 1 3  ? 2.472   1.747   -12.417 1.00 16.62 ? 3  DA G C6    1 
ATOM 1265 N N6    . DA G 1 3  ? 3.076   1.318   -11.307 1.00 16.10 ? 3  DA G N6    1 
ATOM 1266 N N1    . DA G 1 3  ? 1.228   2.279   -12.320 1.00 16.21 ? 3  DA G N1    1 
ATOM 1267 C C2    . DA G 1 3  ? 0.618   2.706   -13.444 1.00 16.87 ? 3  DA G C2    1 
ATOM 1268 N N3    . DA G 1 3  ? 1.073   2.700   -14.704 1.00 17.33 ? 3  DA G N3    1 
ATOM 1269 C C4    . DA G 1 3  ? 2.308   2.162   -14.760 1.00 18.20 ? 3  DA G C4    1 
ATOM 1270 P P     . DA G 1 4  ? 2.727   4.256   -20.934 1.00 32.97 ? 4  DA G P     1 
ATOM 1271 O OP1   . DA G 1 4  ? 1.829   4.371   -22.130 1.00 30.66 ? 4  DA G OP1   1 
ATOM 1272 O OP2   . DA G 1 4  ? 4.207   4.503   -21.031 1.00 27.96 ? 4  DA G OP2   1 
ATOM 1273 O "O5'" . DA G 1 4  ? 2.147   5.202   -19.800 1.00 29.47 ? 4  DA G "O5'" 1 
ATOM 1274 C "C5'" . DA G 1 4  ? 0.731   5.234   -19.568 1.00 29.32 ? 4  DA G "C5'" 1 
ATOM 1275 C "C4'" . DA G 1 4  ? 0.414   6.229   -18.479 1.00 28.97 ? 4  DA G "C4'" 1 
ATOM 1276 O "O4'" . DA G 1 4  ? 0.924   5.727   -17.216 1.00 27.00 ? 4  DA G "O4'" 1 
ATOM 1277 C "C3'" . DA G 1 4  ? 1.069   7.600   -18.679 1.00 30.11 ? 4  DA G "C3'" 1 
ATOM 1278 O "O3'" . DA G 1 4  ? 0.167   8.648   -18.318 1.00 36.76 ? 4  DA G "O3'" 1 
ATOM 1279 C "C2'" . DA G 1 4  ? 2.241   7.560   -17.713 1.00 27.16 ? 4  DA G "C2'" 1 
ATOM 1280 C "C1'" . DA G 1 4  ? 1.606   6.786   -16.583 1.00 24.53 ? 4  DA G "C1'" 1 
ATOM 1281 N N9    . DA G 1 4  ? 2.505   6.213   -15.595 1.00 21.41 ? 4  DA G N9    1 
ATOM 1282 C C8    . DA G 1 4  ? 3.793   5.761   -15.743 1.00 20.65 ? 4  DA G C8    1 
ATOM 1283 N N7    . DA G 1 4  ? 4.320   5.299   -14.637 1.00 19.37 ? 4  DA G N7    1 
ATOM 1284 C C5    . DA G 1 4  ? 3.315   5.463   -13.696 1.00 18.44 ? 4  DA G C5    1 
ATOM 1285 C C6    . DA G 1 4  ? 3.240   5.151   -12.322 1.00 18.03 ? 4  DA G C6    1 
ATOM 1286 N N6    . DA G 1 4  ? 4.244   4.600   -11.638 1.00 17.46 ? 4  DA G N6    1 
ATOM 1287 N N1    . DA G 1 4  ? 2.085   5.438   -11.667 1.00 18.18 ? 4  DA G N1    1 
ATOM 1288 C C2    . DA G 1 4  ? 1.070   5.983   -12.366 1.00 18.90 ? 4  DA G C2    1 
ATOM 1289 N N3    . DA G 1 4  ? 1.018   6.305   -13.667 1.00 19.02 ? 4  DA G N3    1 
ATOM 1290 C C4    . DA G 1 4  ? 2.186   6.017   -14.277 1.00 19.11 ? 4  DA G C4    1 
ATOM 1291 P P     . DC G 1 5  ? -1.032  9.074   -19.271 1.00 39.56 ? 5  DC G P     1 
ATOM 1292 O OP1   . DC G 1 5  ? -2.010  9.828   -18.438 1.00 38.98 ? 5  DC G OP1   1 
ATOM 1293 O OP2   . DC G 1 5  ? -1.476  7.890   -20.039 1.00 36.59 ? 5  DC G OP2   1 
ATOM 1294 O "O5'" . DC G 1 5  ? -0.321  10.115  -20.227 1.00 38.57 ? 5  DC G "O5'" 1 
ATOM 1295 C "C5'" . DC G 1 5  ? -0.795  10.293  -21.542 1.00 39.90 ? 5  DC G "C5'" 1 
ATOM 1296 C "C4'" . DC G 1 5  ? 0.021   11.380  -22.185 1.00 41.63 ? 5  DC G "C4'" 1 
ATOM 1297 O "O4'" . DC G 1 5  ? 1.390   10.949  -22.316 1.00 43.98 ? 5  DC G "O4'" 1 
ATOM 1298 C "C3'" . DC G 1 5  ? -0.468  11.728  -23.586 1.00 42.86 ? 5  DC G "C3'" 1 
ATOM 1299 O "O3'" . DC G 1 5  ? -1.246  12.900  -23.369 1.00 42.91 ? 5  DC G "O3'" 1 
ATOM 1300 C "C2'" . DC G 1 5  ? 0.798   11.906  -24.398 1.00 44.55 ? 5  DC G "C2'" 1 
ATOM 1301 C "C1'" . DC G 1 5  ? 1.830   11.056  -23.665 1.00 44.58 ? 5  DC G "C1'" 1 
ATOM 1302 N N1    . DC G 1 5  ? 2.090   9.690   -24.209 1.00 44.35 ? 5  DC G N1    1 
ATOM 1303 C C2    . DC G 1 5  ? 2.567   9.571   -25.532 1.00 45.42 ? 5  DC G C2    1 
ATOM 1304 O O2    . DC G 1 5  ? 2.720   10.595  -26.212 1.00 49.40 ? 5  DC G O2    1 
ATOM 1305 N N3    . DC G 1 5  ? 2.842   8.337   -26.031 1.00 45.73 ? 5  DC G N3    1 
ATOM 1306 C C4    . DC G 1 5  ? 2.677   7.251   -25.265 1.00 44.10 ? 5  DC G C4    1 
ATOM 1307 N N4    . DC G 1 5  ? 2.952   6.060   -25.799 1.00 45.01 ? 5  DC G N4    1 
ATOM 1308 C C5    . DC G 1 5  ? 2.211   7.342   -23.915 1.00 43.85 ? 5  DC G C5    1 
ATOM 1309 C C6    . DC G 1 5  ? 1.931   8.567   -23.433 1.00 44.85 ? 5  DC G C6    1 
ATOM 1310 P P     . DC G 1 6  ? -2.803  12.923  -23.697 1.00 46.76 ? 6  DC G P     1 
ATOM 1311 O OP1   . DC G 1 6  ? -3.441  13.836  -22.734 1.00 43.75 ? 6  DC G OP1   1 
ATOM 1312 O OP2   . DC G 1 6  ? -3.317  11.526  -23.783 1.00 43.45 ? 6  DC G OP2   1 
ATOM 1313 O "O5'" . DC G 1 6  ? -2.808  13.558  -25.159 1.00 50.12 ? 6  DC G "O5'" 1 
ATOM 1314 C "C5'" . DC G 1 6  ? -1.590  13.875  -25.888 1.00 50.29 ? 6  DC G "C5'" 1 
ATOM 1315 C "C4'" . DC G 1 6  ? -1.558  13.236  -27.257 1.00 51.86 ? 6  DC G "C4'" 1 
ATOM 1316 O "O4'" . DC G 1 6  ? -0.928  11.934  -27.241 1.00 49.16 ? 6  DC G "O4'" 1 
ATOM 1317 C "C3'" . DC G 1 6  ? -2.920  13.047  -27.939 1.00 53.79 ? 6  DC G "C3'" 1 
ATOM 1318 O "O3'" . DC G 1 6  ? -2.868  13.645  -29.241 1.00 58.34 ? 6  DC G "O3'" 1 
ATOM 1319 C "C2'" . DC G 1 6  ? -3.099  11.541  -27.967 1.00 53.06 ? 6  DC G "C2'" 1 
ATOM 1320 C "C1'" . DC G 1 6  ? -1.668  11.071  -28.085 1.00 53.85 ? 6  DC G "C1'" 1 
ATOM 1321 N N1    . DC G 1 6  ? -1.426  9.683   -27.643 1.00 58.80 ? 6  DC G N1    1 
ATOM 1322 C C2    . DC G 1 6  ? -0.927  8.726   -28.559 1.00 60.96 ? 6  DC G C2    1 
ATOM 1323 O O2    . DC G 1 6  ? -0.728  9.059   -29.739 1.00 63.57 ? 6  DC G O2    1 
ATOM 1324 N N3    . DC G 1 6  ? -0.703  7.455   -28.132 1.00 61.98 ? 6  DC G N3    1 
ATOM 1325 C C4    . DC G 1 6  ? -0.958  7.121   -26.857 1.00 63.48 ? 6  DC G C4    1 
ATOM 1326 N N4    . DC G 1 6  ? -0.714  5.865   -26.478 1.00 63.65 ? 6  DC G N4    1 
ATOM 1327 C C5    . DC G 1 6  ? -1.456  8.072   -25.909 1.00 62.06 ? 6  DC G C5    1 
ATOM 1328 C C6    . DC G 1 6  ? -1.683  9.326   -26.344 1.00 61.63 ? 6  DC G C6    1 
ATOM 1329 P P     . DC G 1 7  ? -4.191  13.943  -30.096 1.00 56.03 ? 7  DC G P     1 
ATOM 1330 O OP1   . DC G 1 7  ? -3.949  15.191  -30.877 1.00 54.53 ? 7  DC G OP1   1 
ATOM 1331 O OP2   . DC G 1 7  ? -5.383  13.840  -29.206 1.00 53.66 ? 7  DC G OP2   1 
ATOM 1332 O "O5'" . DC G 1 7  ? -4.188  12.744  -31.134 1.00 51.11 ? 7  DC G "O5'" 1 
ATOM 1333 C "C5'" . DC G 1 7  ? -3.203  12.719  -32.177 1.00 53.99 ? 7  DC G "C5'" 1 
ATOM 1334 C "C4'" . DC G 1 7  ? -3.382  11.470  -33.001 1.00 56.44 ? 7  DC G "C4'" 1 
ATOM 1335 O "O4'" . DC G 1 7  ? -3.140  10.324  -32.154 1.00 56.87 ? 7  DC G "O4'" 1 
ATOM 1336 C "C3'" . DC G 1 7  ? -4.797  11.288  -33.560 1.00 60.99 ? 7  DC G "C3'" 1 
ATOM 1337 O "O3'" . DC G 1 7  ? -4.720  10.790  -34.896 1.00 62.84 ? 7  DC G "O3'" 1 
ATOM 1338 C "C2'" . DC G 1 7  ? -5.419  10.275  -32.612 1.00 61.93 ? 7  DC G "C2'" 1 
ATOM 1339 C "C1'" . DC G 1 7  ? -4.210  9.416   -32.325 1.00 60.68 ? 7  DC G "C1'" 1 
ATOM 1340 N N1    . DC G 1 7  ? -4.251  8.534   -31.143 1.00 58.11 ? 7  DC G N1    1 
ATOM 1341 C C2    . DC G 1 7  ? -3.737  7.223   -31.254 1.00 55.46 ? 7  DC G C2    1 
ATOM 1342 O O2    . DC G 1 7  ? -3.292  6.840   -32.346 1.00 57.41 ? 7  DC G O2    1 
ATOM 1343 N N3    . DC G 1 7  ? -3.753  6.412   -30.165 1.00 54.26 ? 7  DC G N3    1 
ATOM 1344 C C4    . DC G 1 7  ? -4.226  6.866   -28.997 1.00 57.39 ? 7  DC G C4    1 
ATOM 1345 N N4    . DC G 1 7  ? -4.206  6.039   -27.948 1.00 58.78 ? 7  DC G N4    1 
ATOM 1346 C C5    . DC G 1 7  ? -4.739  8.198   -28.852 1.00 57.81 ? 7  DC G C5    1 
ATOM 1347 C C6    . DC G 1 7  ? -4.730  8.990   -29.941 1.00 58.00 ? 7  DC G C6    1 
ATOM 1348 P P     . DT G 1 8  ? -6.021  10.715  -35.815 1.00 64.08 ? 8  DT G P     1 
ATOM 1349 O OP1   . DT G 1 8  ? -6.004  11.909  -36.696 1.00 62.23 ? 8  DT G OP1   1 
ATOM 1350 O OP2   . DT G 1 8  ? -7.219  10.487  -34.947 1.00 59.69 ? 8  DT G OP2   1 
ATOM 1351 O "O5'" . DT G 1 8  ? -5.720  9.457   -36.755 1.00 61.13 ? 8  DT G "O5'" 1 
ATOM 1352 C "C5'" . DT G 1 8  ? -4.901  8.309   -36.382 1.00 60.41 ? 8  DT G "C5'" 1 
ATOM 1353 C "C4'" . DT G 1 8  ? -5.596  6.996   -36.691 1.00 64.69 ? 8  DT G "C4'" 1 
ATOM 1354 O "O4'" . DT G 1 8  ? -5.576  6.187   -35.485 1.00 64.84 ? 8  DT G "O4'" 1 
ATOM 1355 C "C3'" . DT G 1 8  ? -7.083  7.105   -37.061 1.00 68.84 ? 8  DT G "C3'" 1 
ATOM 1356 O "O3'" . DT G 1 8  ? -7.781  5.949   -37.570 1.00 74.04 ? 8  DT G "O3'" 1 
ATOM 1357 C "C2'" . DT G 1 8  ? -7.690  7.205   -35.683 1.00 68.16 ? 8  DT G "C2'" 1 
ATOM 1358 C "C1'" . DT G 1 8  ? -6.917  6.060   -35.023 1.00 65.14 ? 8  DT G "C1'" 1 
ATOM 1359 N N1    . DT G 1 8  ? -6.913  5.962   -33.552 1.00 59.66 ? 8  DT G N1    1 
ATOM 1360 C C2    . DT G 1 8  ? -6.405  4.815   -32.959 1.00 58.64 ? 8  DT G C2    1 
ATOM 1361 O O2    . DT G 1 8  ? -5.885  3.906   -33.587 1.00 62.33 ? 8  DT G O2    1 
ATOM 1362 N N3    . DT G 1 8  ? -6.495  4.797   -31.582 1.00 60.78 ? 8  DT G N3    1 
ATOM 1363 C C4    . DT G 1 8  ? -7.053  5.772   -30.764 1.00 63.32 ? 8  DT G C4    1 
ATOM 1364 O O4    . DT G 1 8  ? -7.063  5.616   -29.547 1.00 61.12 ? 8  DT G O4    1 
ATOM 1365 C C5    . DT G 1 8  ? -7.595  6.929   -31.459 1.00 63.47 ? 8  DT G C5    1 
ATOM 1366 C C7    . DT G 1 8  ? -8.218  8.033   -30.663 1.00 63.25 ? 8  DT G C7    1 
ATOM 1367 C C6    . DT G 1 8  ? -7.506  6.959   -32.797 1.00 60.83 ? 8  DT G C6    1 
ATOM 1368 P P     . DA G 1 9  ? -7.618  5.378   -39.040 1.00 74.27 ? 9  DA G P     1 
ATOM 1369 O OP1   . DA G 1 9  ? -6.845  6.348   -39.860 1.00 74.49 ? 9  DA G OP1   1 
ATOM 1370 O OP2   . DA G 1 9  ? -8.965  4.952   -39.485 1.00 74.10 ? 9  DA G OP2   1 
ATOM 1371 O "O5'" . DA G 1 9  ? -6.720  4.086   -38.796 1.00 70.97 ? 9  DA G "O5'" 1 
ATOM 1372 C "C5'" . DA G 1 9  ? -6.742  2.922   -39.648 1.00 69.85 ? 9  DA G "C5'" 1 
ATOM 1373 C "C4'" . DA G 1 9  ? -7.129  1.674   -38.880 1.00 73.69 ? 9  DA G "C4'" 1 
ATOM 1374 O "O4'" . DA G 1 9  ? -7.335  1.946   -37.461 1.00 74.10 ? 9  DA G "O4'" 1 
ATOM 1375 C "C3'" . DA G 1 9  ? -8.441  1.059   -39.354 1.00 75.88 ? 9  DA G "C3'" 1 
ATOM 1376 O "O3'" . DA G 1 9  ? -8.540  -0.317  -38.983 1.00 75.76 ? 9  DA G "O3'" 1 
ATOM 1377 C "C2'" . DA G 1 9  ? -9.442  1.788   -38.490 1.00 78.13 ? 9  DA G "C2'" 1 
ATOM 1378 C "C1'" . DA G 1 9  ? -8.705  1.730   -37.158 1.00 74.83 ? 9  DA G "C1'" 1 
ATOM 1379 N N9    . DA G 1 9  ? -9.138  2.687   -36.144 1.00 73.27 ? 9  DA G N9    1 
ATOM 1380 C C8    . DA G 1 9  ? -9.871  3.838   -36.308 1.00 71.74 ? 9  DA G C8    1 
ATOM 1381 N N7    . DA G 1 9  ? -10.193 4.427   -35.180 1.00 67.61 ? 9  DA G N7    1 
ATOM 1382 C C5    . DA G 1 9  ? -9.665  3.592   -34.206 1.00 67.81 ? 9  DA G C5    1 
ATOM 1383 C C6    . DA G 1 9  ? -9.657  3.662   -32.792 1.00 65.99 ? 9  DA G C6    1 
ATOM 1384 N N6    . DA G 1 9  ? -10.221 4.654   -32.098 1.00 66.73 ? 9  DA G N6    1 
ATOM 1385 N N1    . DA G 1 9  ? -9.040  2.663   -32.113 1.00 68.39 ? 9  DA G N1    1 
ATOM 1386 C C2    . DA G 1 9  ? -8.468  1.664   -32.817 1.00 67.96 ? 9  DA G C2    1 
ATOM 1387 N N3    . DA G 1 9  ? -8.406  1.493   -34.145 1.00 67.92 ? 9  DA G N3    1 
ATOM 1388 C C4    . DA G 1 9  ? -9.029  2.503   -34.787 1.00 70.39 ? 9  DA G C4    1 
ATOM 1389 P P     . DA G 1 10 ? -7.949  -1.457  -39.885 1.00 76.03 ? 10 DA G P     1 
ATOM 1390 O OP1   . DA G 1 10 ? -6.972  -0.862  -40.833 1.00 77.72 ? 10 DA G OP1   1 
ATOM 1391 O OP2   . DA G 1 10 ? -9.096  -2.255  -40.390 1.00 69.53 ? 10 DA G OP2   1 
ATOM 1392 O "O5'" . DA G 1 10 ? -7.040  -2.266  -38.857 1.00 77.72 ? 10 DA G "O5'" 1 
ATOM 1393 C "C5'" . DA G 1 10 ? -7.302  -3.645  -38.517 1.00 76.99 ? 10 DA G "C5'" 1 
ATOM 1394 C "C4'" . DA G 1 10 ? -7.958  -3.801  -37.159 1.00 76.31 ? 10 DA G "C4'" 1 
ATOM 1395 O "O4'" . DA G 1 10 ? -8.504  -2.562  -36.626 1.00 74.88 ? 10 DA G "O4'" 1 
ATOM 1396 C "C3'" . DA G 1 10 ? -9.114  -4.812  -37.131 1.00 74.90 ? 10 DA G "C3'" 1 
ATOM 1397 O "O3'" . DA G 1 10 ? -8.843  -5.850  -36.182 1.00 74.75 ? 10 DA G "O3'" 1 
ATOM 1398 C "C2'" . DA G 1 10 ? -10.327 -3.957  -36.795 1.00 72.54 ? 10 DA G "C2'" 1 
ATOM 1399 C "C1'" . DA G 1 10 ? -9.692  -2.891  -35.929 1.00 71.86 ? 10 DA G "C1'" 1 
ATOM 1400 N N9    . DA G 1 10 ? -10.463 -1.663  -35.725 1.00 67.30 ? 10 DA G N9    1 
ATOM 1401 C C8    . DA G 1 10 ? -11.017 -0.863  -36.695 1.00 66.48 ? 10 DA G C8    1 
ATOM 1402 N N7    . DA G 1 10 ? -11.637 0.191   -36.223 1.00 63.59 ? 10 DA G N7    1 
ATOM 1403 C C5    . DA G 1 10 ? -11.491 0.078   -34.849 1.00 61.65 ? 10 DA G C5    1 
ATOM 1404 C C6    . DA G 1 10 ? -11.929 0.890   -33.773 1.00 58.37 ? 10 DA G C6    1 
ATOM 1405 N N6    . DA G 1 10 ? -12.636 2.011   -33.935 1.00 57.72 ? 10 DA G N6    1 
ATOM 1406 N N1    . DA G 1 10 ? -11.608 0.499   -32.514 1.00 57.11 ? 10 DA G N1    1 
ATOM 1407 C C2    . DA G 1 10 ? -10.892 -0.634  -32.354 1.00 59.74 ? 10 DA G C2    1 
ATOM 1408 N N3    . DA G 1 10 ? -10.423 -1.476  -33.289 1.00 62.12 ? 10 DA G N3    1 
ATOM 1409 C C4    . DA G 1 10 ? -10.761 -1.057  -34.527 1.00 63.73 ? 10 DA G C4    1 
ATOM 1410 O "O5'" . DT H 2 1  ? 9.717   24.409  -10.920 1.00 34.19 ? 1  DT H "O5'" 1 
ATOM 1411 C "C5'" . DT H 2 1  ? 10.766  25.370  -11.210 1.00 33.11 ? 1  DT H "C5'" 1 
ATOM 1412 C "C4'" . DT H 2 1  ? 12.142  24.741  -11.146 1.00 32.08 ? 1  DT H "C4'" 1 
ATOM 1413 O "O4'" . DT H 2 1  ? 12.543  24.435  -9.788  1.00 29.80 ? 1  DT H "O4'" 1 
ATOM 1414 C "C3'" . DT H 2 1  ? 12.314  23.427  -11.893 1.00 32.05 ? 1  DT H "C3'" 1 
ATOM 1415 O "O3'" . DT H 2 1  ? 13.696  23.360  -12.255 1.00 36.91 ? 1  DT H "O3'" 1 
ATOM 1416 C "C2'" . DT H 2 1  ? 11.945  22.396  -10.843 1.00 30.23 ? 1  DT H "C2'" 1 
ATOM 1417 C "C1'" . DT H 2 1  ? 12.445  23.031  -9.549  1.00 27.33 ? 1  DT H "C1'" 1 
ATOM 1418 N N1    . DT H 2 1  ? 11.608  22.856  -8.340  1.00 23.14 ? 1  DT H N1    1 
ATOM 1419 C C2    . DT H 2 1  ? 12.133  22.215  -7.229  1.00 22.09 ? 1  DT H C2    1 
ATOM 1420 O O2    . DT H 2 1  ? 13.240  21.689  -7.205  1.00 21.71 ? 1  DT H O2    1 
ATOM 1421 N N3    . DT H 2 1  ? 11.300  22.203  -6.134  1.00 20.57 ? 1  DT H N3    1 
ATOM 1422 C C4    . DT H 2 1  ? 10.041  22.774  -6.025  1.00 19.85 ? 1  DT H C4    1 
ATOM 1423 O O4    . DT H 2 1  ? 9.422   22.691  -4.965  1.00 18.14 ? 1  DT H O4    1 
ATOM 1424 C C5    . DT H 2 1  ? 9.564   23.444  -7.219  1.00 19.81 ? 1  DT H C5    1 
ATOM 1425 C C7    . DT H 2 1  ? 8.213   24.083  -7.199  1.00 20.34 ? 1  DT H C7    1 
ATOM 1426 C C6    . DT H 2 1  ? 10.359  23.450  -8.300  1.00 20.30 ? 1  DT H C6    1 
ATOM 1427 P P     . DT H 2 2  ? 14.241  22.193  -13.184 1.00 44.03 ? 2  DT H P     1 
ATOM 1428 O OP1   . DT H 2 2  ? 15.516  22.664  -13.809 1.00 39.91 ? 2  DT H OP1   1 
ATOM 1429 O OP2   . DT H 2 2  ? 13.111  21.705  -14.038 1.00 40.23 ? 2  DT H OP2   1 
ATOM 1430 O "O5'" . DT H 2 2  ? 14.661  21.085  -12.126 1.00 41.97 ? 2  DT H "O5'" 1 
ATOM 1431 C "C5'" . DT H 2 2  ? 14.220  19.737  -12.309 1.00 41.96 ? 2  DT H "C5'" 1 
ATOM 1432 C "C4'" . DT H 2 2  ? 14.545  18.899  -11.100 1.00 38.65 ? 2  DT H "C4'" 1 
ATOM 1433 O "O4'" . DT H 2 2  ? 14.087  19.524  -9.883  1.00 35.43 ? 2  DT H "O4'" 1 
ATOM 1434 C "C3'" . DT H 2 2  ? 13.840  17.551  -11.128 1.00 38.95 ? 2  DT H "C3'" 1 
ATOM 1435 O "O3'" . DT H 2 2  ? 14.470  16.577  -11.983 1.00 42.28 ? 2  DT H "O3'" 1 
ATOM 1436 C "C2'" . DT H 2 2  ? 13.805  17.186  -9.658  1.00 35.77 ? 2  DT H "C2'" 1 
ATOM 1437 C "C1'" . DT H 2 2  ? 13.645  18.521  -8.977  1.00 29.66 ? 2  DT H "C1'" 1 
ATOM 1438 N N1    . DT H 2 2  ? 12.268  18.853  -8.542  1.00 23.88 ? 2  DT H N1    1 
ATOM 1439 C C2    . DT H 2 2  ? 11.937  18.571  -7.227  1.00 22.13 ? 2  DT H C2    1 
ATOM 1440 O O2    . DT H 2 2  ? 12.710  18.048  -6.438  1.00 22.06 ? 2  DT H O2    1 
ATOM 1441 N N3    . DT H 2 2  ? 10.660  18.942  -6.863  1.00 20.27 ? 2  DT H N3    1 
ATOM 1442 C C4    . DT H 2 2  ? 9.701   19.543  -7.662  1.00 20.75 ? 2  DT H C4    1 
ATOM 1443 O O4    . DT H 2 2  ? 8.599   19.822  -7.188  1.00 20.07 ? 2  DT H O4    1 
ATOM 1444 C C5    . DT H 2 2  ? 10.108  19.792  -9.036  1.00 21.44 ? 2  DT H C5    1 
ATOM 1445 C C7    . DT H 2 2  ? 9.129   20.415  -9.982  1.00 20.97 ? 2  DT H C7    1 
ATOM 1446 C C6    . DT H 2 2  ? 11.351  19.431  -9.403  1.00 22.20 ? 2  DT H C6    1 
ATOM 1447 P P     . DA H 2 3  ? 16.068  16.425  -12.032 1.00 42.39 ? 3  DA H P     1 
ATOM 1448 O OP1   . DA H 2 3  ? 16.604  16.626  -10.664 1.00 40.73 ? 3  DA H OP1   1 
ATOM 1449 O OP2   . DA H 2 3  ? 16.543  17.274  -13.147 1.00 47.76 ? 3  DA H OP2   1 
ATOM 1450 O "O5'" . DA H 2 3  ? 16.274  14.877  -12.310 1.00 40.94 ? 3  DA H "O5'" 1 
ATOM 1451 C "C5'" . DA H 2 3  ? 15.571  13.924  -11.505 1.00 43.08 ? 3  DA H "C5'" 1 
ATOM 1452 C "C4'" . DA H 2 3  ? 16.197  13.777  -10.133 1.00 44.09 ? 3  DA H "C4'" 1 
ATOM 1453 O "O4'" . DA H 2 3  ? 15.492  14.564  -9.146  1.00 39.74 ? 3  DA H "O4'" 1 
ATOM 1454 C "C3'" . DA H 2 3  ? 16.091  12.354  -9.601  1.00 46.01 ? 3  DA H "C3'" 1 
ATOM 1455 O "O3'" . DA H 2 3  ? 17.078  12.045  -8.613  1.00 50.15 ? 3  DA H "O3'" 1 
ATOM 1456 C "C2'" . DA H 2 3  ? 14.700  12.325  -8.993  1.00 42.54 ? 3  DA H "C2'" 1 
ATOM 1457 C "C1'" . DA H 2 3  ? 14.459  13.762  -8.555  1.00 36.55 ? 3  DA H "C1'" 1 
ATOM 1458 N N9    . DA H 2 3  ? 13.171  14.331  -8.954  1.00 30.81 ? 3  DA H N9    1 
ATOM 1459 C C8    . DA H 2 3  ? 12.747  14.731  -10.203 1.00 29.98 ? 3  DA H C8    1 
ATOM 1460 N N7    . DA H 2 3  ? 11.551  15.273  -10.209 1.00 27.13 ? 3  DA H N7    1 
ATOM 1461 C C5    . DA H 2 3  ? 11.166  15.239  -8.878  1.00 25.60 ? 3  DA H C5    1 
ATOM 1462 C C6    . DA H 2 3  ? 10.003  15.683  -8.217  1.00 24.73 ? 3  DA H C6    1 
ATOM 1463 N N6    . DA H 2 3  ? 8.976   16.256  -8.845  1.00 25.84 ? 3  DA H N6    1 
ATOM 1464 N N1    . DA H 2 3  ? 9.913   15.471  -6.882  1.00 23.79 ? 3  DA H N1    1 
ATOM 1465 C C2    . DA H 2 3  ? 10.953  14.890  -6.250  1.00 25.57 ? 3  DA H C2    1 
ATOM 1466 N N3    . DA H 2 3  ? 12.113  14.452  -6.763  1.00 25.84 ? 3  DA H N3    1 
ATOM 1467 C C4    . DA H 2 3  ? 12.156  14.660  -8.093  1.00 26.92 ? 3  DA H C4    1 
ATOM 1468 P P     . DG H 2 4  ? 17.628  10.546  -8.508  1.00 58.60 ? 4  DG H P     1 
ATOM 1469 O OP1   . DG H 2 4  ? 18.791  10.545  -7.577  1.00 55.69 ? 4  DG H OP1   1 
ATOM 1470 O OP2   . DG H 2 4  ? 17.742  9.987   -9.892  1.00 54.68 ? 4  DG H OP2   1 
ATOM 1471 O "O5'" . DG H 2 4  ? 16.435  9.781   -7.798  1.00 48.98 ? 4  DG H "O5'" 1 
ATOM 1472 C "C5'" . DG H 2 4  ? 16.108  10.066  -6.434  1.00 46.66 ? 4  DG H "C5'" 1 
ATOM 1473 C "C4'" . DG H 2 4  ? 14.770  9.451   -6.103  1.00 46.94 ? 4  DG H "C4'" 1 
ATOM 1474 O "O4'" . DG H 2 4  ? 13.713  10.314  -6.601  1.00 43.64 ? 4  DG H "O4'" 1 
ATOM 1475 C "C3'" . DG H 2 4  ? 14.525  8.076   -6.741  1.00 47.23 ? 4  DG H "C3'" 1 
ATOM 1476 O "O3'" . DG H 2 4  ? 13.878  7.211   -5.799  1.00 52.24 ? 4  DG H "O3'" 1 
ATOM 1477 C "C2'" . DG H 2 4  ? 13.640  8.416   -7.928  1.00 44.01 ? 4  DG H "C2'" 1 
ATOM 1478 C "C1'" . DG H 2 4  ? 12.798  9.503   -7.298  1.00 39.37 ? 4  DG H "C1'" 1 
ATOM 1479 N N9    . DG H 2 4  ? 12.002  10.346  -8.175  1.00 34.98 ? 4  DG H N9    1 
ATOM 1480 C C8    . DG H 2 4  ? 12.151  10.563  -9.526  1.00 34.58 ? 4  DG H C8    1 
ATOM 1481 N N7    . DG H 2 4  ? 11.239  11.357  -10.022 1.00 31.18 ? 4  DG H N7    1 
ATOM 1482 C C5    . DG H 2 4  ? 10.426  11.659  -8.941  1.00 29.36 ? 4  DG H C5    1 
ATOM 1483 C C6    . DG H 2 4  ? 9.256   12.460  -8.866  1.00 28.27 ? 4  DG H C6    1 
ATOM 1484 O O6    . DG H 2 4  ? 8.682   13.063  -9.779  1.00 28.20 ? 4  DG H O6    1 
ATOM 1485 N N1    . DG H 2 4  ? 8.744   12.508  -7.567  1.00 27.43 ? 4  DG H N1    1 
ATOM 1486 C C2    . DG H 2 4  ? 9.280   11.846  -6.481  1.00 28.93 ? 4  DG H C2    1 
ATOM 1487 N N2    . DG H 2 4  ? 8.643   11.996  -5.311  1.00 29.44 ? 4  DG H N2    1 
ATOM 1488 N N3    . DG H 2 4  ? 10.368  11.087  -6.543  1.00 29.40 ? 4  DG H N3    1 
ATOM 1489 C C4    . DG H 2 4  ? 10.880  11.035  -7.795  1.00 31.03 ? 4  DG H C4    1 
ATOM 1490 P P     . DG H 2 5  ? 14.414  5.723   -5.540  1.00 53.81 ? 5  DG H P     1 
ATOM 1491 O OP1   . DG H 2 5  ? 15.852  5.809   -5.146  1.00 50.70 ? 5  DG H OP1   1 
ATOM 1492 O OP2   . DG H 2 5  ? 14.016  4.883   -6.702  1.00 51.31 ? 5  DG H OP2   1 
ATOM 1493 O "O5'" . DG H 2 5  ? 13.551  5.251   -4.286  1.00 48.94 ? 5  DG H "O5'" 1 
ATOM 1494 C "C5'" . DG H 2 5  ? 13.236  6.117   -3.166  1.00 45.94 ? 5  DG H "C5'" 1 
ATOM 1495 C "C4'" . DG H 2 5  ? 11.738  6.238   -3.005  1.00 43.60 ? 5  DG H "C4'" 1 
ATOM 1496 O "O4'" . DG H 2 5  ? 11.266  7.198   -3.980  1.00 39.49 ? 5  DG H "O4'" 1 
ATOM 1497 C "C3'" . DG H 2 5  ? 10.943  4.940   -3.247  1.00 44.66 ? 5  DG H "C3'" 1 
ATOM 1498 O "O3'" . DG H 2 5  ? 10.243  4.370   -2.122  1.00 49.26 ? 5  DG H "O3'" 1 
ATOM 1499 C "C2'" . DG H 2 5  ? 10.056  5.259   -4.438  1.00 43.08 ? 5  DG H "C2'" 1 
ATOM 1500 C "C1'" . DG H 2 5  ? 10.005  6.773   -4.444  1.00 38.44 ? 5  DG H "C1'" 1 
ATOM 1501 N N9    . DG H 2 5  ? 9.784   7.330   -5.774  1.00 34.52 ? 5  DG H N9    1 
ATOM 1502 C C8    . DG H 2 5  ? 10.546  7.153   -6.907  1.00 32.48 ? 5  DG H C8    1 
ATOM 1503 N N7    . DG H 2 5  ? 10.055  7.758   -7.956  1.00 29.58 ? 5  DG H N7    1 
ATOM 1504 C C5    . DG H 2 5  ? 8.877   8.330   -7.498  1.00 27.15 ? 5  DG H C5    1 
ATOM 1505 C C6    . DG H 2 5  ? 7.905   9.105   -8.181  1.00 25.33 ? 5  DG H C6    1 
ATOM 1506 O O6    . DG H 2 5  ? 7.895   9.443   -9.361  1.00 24.27 ? 5  DG H O6    1 
ATOM 1507 N N1    . DG H 2 5  ? 6.865   9.496   -7.336  1.00 24.64 ? 5  DG H N1    1 
ATOM 1508 C C2    . DG H 2 5  ? 6.781   9.192   -5.993  1.00 26.47 ? 5  DG H C2    1 
ATOM 1509 N N2    . DG H 2 5  ? 5.705   9.654   -5.341  1.00 27.95 ? 5  DG H N2    1 
ATOM 1510 N N3    . DG H 2 5  ? 7.685   8.471   -5.343  1.00 27.38 ? 5  DG H N3    1 
ATOM 1511 C C4    . DG H 2 5  ? 8.695   8.073   -6.153  1.00 29.44 ? 5  DG H C4    1 
ATOM 1512 P P     . DG H 2 6  ? 9.018   5.134   -1.386  1.00 53.68 ? 6  DG H P     1 
ATOM 1513 O OP1   . DG H 2 6  ? 9.427   6.545   -1.171  1.00 54.89 ? 6  DG H OP1   1 
ATOM 1514 O OP2   . DG H 2 6  ? 8.599   4.310   -0.220  1.00 54.36 ? 6  DG H OP2   1 
ATOM 1515 O "O5'" . DG H 2 6  ? 7.848   5.081   -2.463  1.00 46.39 ? 6  DG H "O5'" 1 
ATOM 1516 C "C5'" . DG H 2 6  ? 6.518   4.666   -2.123  1.00 41.84 ? 6  DG H "C5'" 1 
ATOM 1517 C "C4'" . DG H 2 6  ? 5.586   5.847   -1.978  1.00 39.03 ? 6  DG H "C4'" 1 
ATOM 1518 O "O4'" . DG H 2 6  ? 5.721   6.758   -3.098  1.00 36.42 ? 6  DG H "O4'" 1 
ATOM 1519 C "C3'" . DG H 2 6  ? 4.134   5.408   -2.034  1.00 37.49 ? 6  DG H "C3'" 1 
ATOM 1520 O "O3'" . DG H 2 6  ? 3.214   6.310   -1.411  1.00 40.08 ? 6  DG H "O3'" 1 
ATOM 1521 C "C2'" . DG H 2 6  ? 3.894   5.307   -3.534  1.00 35.72 ? 6  DG H "C2'" 1 
ATOM 1522 C "C1'" . DG H 2 6  ? 4.707   6.470   -4.079  1.00 31.32 ? 6  DG H "C1'" 1 
ATOM 1523 N N9    . DG H 2 6  ? 5.364   6.262   -5.372  1.00 23.97 ? 6  DG H N9    1 
ATOM 1524 C C8    . DG H 2 6  ? 6.597   5.695   -5.590  1.00 22.30 ? 6  DG H C8    1 
ATOM 1525 N N7    . DG H 2 6  ? 6.960   5.720   -6.843  1.00 20.51 ? 6  DG H N7    1 
ATOM 1526 C C5    . DG H 2 6  ? 5.899   6.328   -7.495  1.00 18.24 ? 6  DG H C5    1 
ATOM 1527 C C6    . DG H 2 6  ? 5.725   6.641   -8.870  1.00 16.82 ? 6  DG H C6    1 
ATOM 1528 O O6    . DG H 2 6  ? 6.498   6.420   -9.808  1.00 15.75 ? 6  DG H O6    1 
ATOM 1529 N N1    . DG H 2 6  ? 4.511   7.293   -9.103  1.00 16.19 ? 6  DG H N1    1 
ATOM 1530 C C2    . DG H 2 6  ? 3.582   7.600   -8.129  1.00 16.89 ? 6  DG H C2    1 
ATOM 1531 N N2    . DG H 2 6  ? 2.477   8.242   -8.540  1.00 16.59 ? 6  DG H N2    1 
ATOM 1532 N N3    . DG H 2 6  ? 3.731   7.299   -6.844  1.00 17.90 ? 6  DG H N3    1 
ATOM 1533 C C4    . DG H 2 6  ? 4.909   6.680   -6.599  1.00 19.43 ? 6  DG H C4    1 
ATOM 1534 P P     . DT H 2 7  ? 1.625   6.010   -1.514  1.00 49.43 ? 7  DT H P     1 
ATOM 1535 O OP1   . DT H 2 7  ? 0.993   7.085   -2.322  1.00 51.27 ? 7  DT H OP1   1 
ATOM 1536 O OP2   . DT H 2 7  ? 1.108   5.650   -0.177  1.00 47.13 ? 7  DT H OP2   1 
ATOM 1537 O "O5'" . DT H 2 7  ? 1.565   4.712   -2.434  1.00 49.27 ? 7  DT H "O5'" 1 
ATOM 1538 C "C5'" . DT H 2 7  ? 0.348   4.141   -2.903  1.00 47.21 ? 7  DT H "C5'" 1 
ATOM 1539 C "C4'" . DT H 2 7  ? -0.506  5.097   -3.712  1.00 43.49 ? 7  DT H "C4'" 1 
ATOM 1540 O "O4'" . DT H 2 7  ? 0.251   5.836   -4.709  1.00 38.69 ? 7  DT H "O4'" 1 
ATOM 1541 C "C3'" . DT H 2 7  ? -1.622  4.353   -4.448  1.00 43.08 ? 7  DT H "C3'" 1 
ATOM 1542 O "O3'" . DT H 2 7  ? -2.913  4.601   -3.855  1.00 45.15 ? 7  DT H "O3'" 1 
ATOM 1543 C "C2'" . DT H 2 7  ? -1.387  4.631   -5.926  1.00 39.25 ? 7  DT H "C2'" 1 
ATOM 1544 C "C1'" . DT H 2 7  ? -0.228  5.591   -6.035  1.00 33.68 ? 7  DT H "C1'" 1 
ATOM 1545 N N1    . DT H 2 7  ? 0.907   5.080   -6.877  1.00 28.38 ? 7  DT H N1    1 
ATOM 1546 C C2    . DT H 2 7  ? 0.924   5.317   -8.252  1.00 25.97 ? 7  DT H C2    1 
ATOM 1547 O O2    . DT H 2 7  ? 0.032   5.906   -8.854  1.00 26.52 ? 7  DT H O2    1 
ATOM 1548 N N3    . DT H 2 7  ? 2.036   4.819   -8.904  1.00 21.85 ? 7  DT H N3    1 
ATOM 1549 C C4    . DT H 2 7  ? 3.090   4.113   -8.344  1.00 21.23 ? 7  DT H C4    1 
ATOM 1550 O O4    . DT H 2 7  ? 4.010   3.725   -9.057  1.00 19.05 ? 7  DT H O4    1 
ATOM 1551 C C5    . DT H 2 7  ? 2.997   3.889   -6.909  1.00 22.65 ? 7  DT H C5    1 
ATOM 1552 C C7    . DT H 2 7  ? 4.088   3.135   -6.216  1.00 22.23 ? 7  DT H C7    1 
ATOM 1553 C C6    . DT H 2 7  ? 1.921   4.365   -6.263  1.00 24.90 ? 7  DT H C6    1 
ATOM 1554 P P     . DT H 2 8  ? -3.821  5.808   -4.340  1.00 47.75 ? 8  DT H P     1 
ATOM 1555 O OP1   . DT H 2 8  ? -2.953  7.020   -4.362  1.00 45.18 ? 8  DT H OP1   1 
ATOM 1556 O OP2   . DT H 2 8  ? -5.063  5.788   -3.526  1.00 48.50 ? 8  DT H OP2   1 
ATOM 1557 O "O5'" . DT H 2 8  ? -4.230  5.373   -5.821  1.00 45.88 ? 8  DT H "O5'" 1 
ATOM 1558 C "C5'" . DT H 2 8  ? -3.929  6.216   -6.968  1.00 47.29 ? 8  DT H "C5'" 1 
ATOM 1559 C "C4'" . DT H 2 8  ? -4.281  5.568   -8.290  1.00 46.57 ? 8  DT H "C4'" 1 
ATOM 1560 O "O4'" . DT H 2 8  ? -3.110  5.020   -8.961  1.00 43.91 ? 8  DT H "O4'" 1 
ATOM 1561 C "C3'" . DT H 2 8  ? -5.292  4.419   -8.241  1.00 43.24 ? 8  DT H "C3'" 1 
ATOM 1562 O "O3'" . DT H 2 8  ? -5.991  4.511   -9.479  1.00 44.71 ? 8  DT H "O3'" 1 
ATOM 1563 C "C2'" . DT H 2 8  ? -4.387  3.208   -8.140  1.00 39.11 ? 8  DT H "C2'" 1 
ATOM 1564 C "C1'" . DT H 2 8  ? -3.290  3.610   -9.120  1.00 37.69 ? 8  DT H "C1'" 1 
ATOM 1565 N N1    . DT H 2 8  ? -1.955  2.961   -9.014  1.00 32.76 ? 8  DT H N1    1 
ATOM 1566 C C2    . DT H 2 8  ? -1.091  3.125   -10.084 1.00 30.08 ? 8  DT H C2    1 
ATOM 1567 O O2    . DT H 2 8  ? -1.368  3.783   -11.077 1.00 31.42 ? 8  DT H O2    1 
ATOM 1568 N N3    . DT H 2 8  ? 0.128   2.501   -9.934  1.00 26.91 ? 8  DT H N3    1 
ATOM 1569 C C4    . DT H 2 8  ? 0.565   1.756   -8.851  1.00 27.15 ? 8  DT H C4    1 
ATOM 1570 O O4    . DT H 2 8  ? 1.688   1.255   -8.867  1.00 28.20 ? 8  DT H O4    1 
ATOM 1571 C C5    . DT H 2 8  ? -0.382  1.633   -7.762  1.00 27.45 ? 8  DT H C5    1 
ATOM 1572 C C7    . DT H 2 8  ? 0.005   0.851   -6.548  1.00 26.65 ? 8  DT H C7    1 
ATOM 1573 C C6    . DT H 2 8  ? -1.585  2.222   -7.901  1.00 30.25 ? 8  DT H C6    1 
ATOM 1574 P P     . DA H 2 9  ? -7.318  3.689   -9.773  1.00 47.05 ? 9  DA H P     1 
ATOM 1575 O OP1   . DA H 2 9  ? -8.472  4.606   -9.627  1.00 47.21 ? 9  DA H OP1   1 
ATOM 1576 O OP2   . DA H 2 9  ? -7.287  2.428   -8.994  1.00 48.73 ? 9  DA H OP2   1 
ATOM 1577 O "O5'" . DA H 2 9  ? -7.202  3.475   -11.346 1.00 40.47 ? 9  DA H "O5'" 1 
ATOM 1578 C "C5'" . DA H 2 9  ? -6.899  4.598   -12.198 1.00 38.07 ? 9  DA H "C5'" 1 
ATOM 1579 C "C4'" . DA H 2 9  ? -6.056  4.154   -13.365 1.00 38.22 ? 9  DA H "C4'" 1 
ATOM 1580 O "O4'" . DA H 2 9  ? -4.836  3.514   -12.912 1.00 38.14 ? 9  DA H "O4'" 1 
ATOM 1581 C "C3'" . DA H 2 9  ? -6.743  3.125   -14.263 1.00 38.53 ? 9  DA H "C3'" 1 
ATOM 1582 O "O3'" . DA H 2 9  ? -6.350  3.428   -15.605 1.00 40.14 ? 9  DA H "O3'" 1 
ATOM 1583 C "C2'" . DA H 2 9  ? -6.191  1.799   -13.760 1.00 35.20 ? 9  DA H "C2'" 1 
ATOM 1584 C "C1'" . DA H 2 9  ? -4.757  2.200   -13.476 1.00 33.13 ? 9  DA H "C1'" 1 
ATOM 1585 N N9    . DA H 2 9  ? -3.973  1.377   -12.558 1.00 28.34 ? 9  DA H N9    1 
ATOM 1586 C C8    . DA H 2 9  ? -4.175  1.160   -11.216 1.00 27.38 ? 9  DA H C8    1 
ATOM 1587 N N7    . DA H 2 9  ? -3.225  0.457   -10.643 1.00 25.79 ? 9  DA H N7    1 
ATOM 1588 C C5    . DA H 2 9  ? -2.334  0.201   -11.673 1.00 24.13 ? 9  DA H C5    1 
ATOM 1589 C C6    . DA H 2 9  ? -1.111  -0.508  -11.720 1.00 24.12 ? 9  DA H C6    1 
ATOM 1590 N N6    . DA H 2 9  ? -0.569  -1.117  -10.662 1.00 23.10 ? 9  DA H N6    1 
ATOM 1591 N N1    . DA H 2 9  ? -0.457  -0.559  -12.909 1.00 24.58 ? 9  DA H N1    1 
ATOM 1592 C C2    . DA H 2 9  ? -1.005  0.060   -13.976 1.00 25.46 ? 9  DA H C2    1 
ATOM 1593 N N3    . DA H 2 9  ? -2.147  0.758   -14.052 1.00 25.25 ? 9  DA H N3    1 
ATOM 1594 C C4    . DA H 2 9  ? -2.768  0.790   -12.854 1.00 25.42 ? 9  DA H C4    1 
ATOM 1595 P P     . DG H 2 10 ? -7.133  2.823   -16.839 1.00 44.56 ? 10 DG H P     1 
ATOM 1596 O OP1   . DG H 2 10 ? -7.248  3.892   -17.869 1.00 43.58 ? 10 DG H OP1   1 
ATOM 1597 O OP2   . DG H 2 10 ? -8.367  2.139   -16.336 1.00 40.38 ? 10 DG H OP2   1 
ATOM 1598 O "O5'" . DG H 2 10 ? -6.100  1.753   -17.404 1.00 41.52 ? 10 DG H "O5'" 1 
ATOM 1599 C "C5'" . DG H 2 10 ? -4.899  2.174   -18.078 1.00 41.29 ? 10 DG H "C5'" 1 
ATOM 1600 C "C4'" . DG H 2 10 ? -4.070  0.988   -18.522 1.00 41.46 ? 10 DG H "C4'" 1 
ATOM 1601 O "O4'" . DG H 2 10 ? -3.492  0.309   -17.375 1.00 39.78 ? 10 DG H "O4'" 1 
ATOM 1602 C "C3'" . DG H 2 10 ? -4.828  -0.088  -19.302 1.00 39.81 ? 10 DG H "C3'" 1 
ATOM 1603 O "O3'" . DG H 2 10 ? -3.997  -0.583  -20.362 1.00 41.34 ? 10 DG H "O3'" 1 
ATOM 1604 C "C2'" . DG H 2 10 ? -5.107  -1.146  -18.245 1.00 37.55 ? 10 DG H "C2'" 1 
ATOM 1605 C "C1'" . DG H 2 10 ? -3.835  -1.072  -17.422 1.00 34.72 ? 10 DG H "C1'" 1 
ATOM 1606 N N9    . DG H 2 10 ? -3.880  -1.570  -16.049 1.00 30.46 ? 10 DG H N9    1 
ATOM 1607 C C8    . DG H 2 10 ? -4.840  -1.352  -15.086 1.00 28.71 ? 10 DG H C8    1 
ATOM 1608 N N7    . DG H 2 10 ? -4.552  -1.908  -13.937 1.00 26.86 ? 10 DG H N7    1 
ATOM 1609 C C5    . DG H 2 10 ? -3.323  -2.516  -14.150 1.00 25.76 ? 10 DG H C5    1 
ATOM 1610 C C6    . DG H 2 10 ? -2.502  -3.282  -13.268 1.00 24.29 ? 10 DG H C6    1 
ATOM 1611 O O6    . DG H 2 10 ? -2.707  -3.567  -12.083 1.00 24.24 ? 10 DG H O6    1 
ATOM 1612 N N1    . DG H 2 10 ? -1.332  -3.722  -13.900 1.00 23.35 ? 10 DG H N1    1 
ATOM 1613 C C2    . DG H 2 10 ? -0.996  -3.459  -15.216 1.00 24.62 ? 10 DG H C2    1 
ATOM 1614 N N2    . DG H 2 10 ? 0.164   -3.961  -15.653 1.00 24.14 ? 10 DG H N2    1 
ATOM 1615 N N3    . DG H 2 10 ? -1.752  -2.744  -16.044 1.00 25.65 ? 10 DG H N3    1 
ATOM 1616 C C4    . DG H 2 10 ? -2.891  -2.308  -15.449 1.00 28.04 ? 10 DG H C4    1 
# 
